data_2ESJ
# 
_entry.id   2ESJ 
# 
_audit_conform.dict_name       mmcif_pdbx.dic 
_audit_conform.dict_version    5.387 
_audit_conform.dict_location   http://mmcif.pdb.org/dictionaries/ascii/mmcif_pdbx.dic 
# 
loop_
_database_2.database_id 
_database_2.database_code 
_database_2.pdbx_database_accession 
_database_2.pdbx_DOI 
PDB   2ESJ         pdb_00002esj 10.2210/pdb2esj/pdb 
NDB   DR0022       ?            ?                   
RCSB  RCSB035039   ?            ?                   
WWPDB D_1000035039 ?            ?                   
# 
loop_
_pdbx_audit_revision_history.ordinal 
_pdbx_audit_revision_history.data_content_type 
_pdbx_audit_revision_history.major_revision 
_pdbx_audit_revision_history.minor_revision 
_pdbx_audit_revision_history.revision_date 
1 'Structure model' 1 0 2005-12-20 
2 'Structure model' 1 1 2008-05-01 
3 'Structure model' 1 2 2011-07-13 
4 'Structure model' 1 3 2024-02-14 
# 
_pdbx_audit_revision_details.ordinal             1 
_pdbx_audit_revision_details.revision_ordinal    1 
_pdbx_audit_revision_details.data_content_type   'Structure model' 
_pdbx_audit_revision_details.provider            repository 
_pdbx_audit_revision_details.type                'Initial release' 
_pdbx_audit_revision_details.description         ? 
_pdbx_audit_revision_details.details             ? 
# 
loop_
_pdbx_audit_revision_group.ordinal 
_pdbx_audit_revision_group.revision_ordinal 
_pdbx_audit_revision_group.data_content_type 
_pdbx_audit_revision_group.group 
1 2 'Structure model' 'Version format compliance' 
2 3 'Structure model' 'Version format compliance' 
3 4 'Structure model' 'Data collection'           
4 4 'Structure model' 'Database references'       
5 4 'Structure model' 'Derived calculations'      
6 4 'Structure model' 'Structure summary'         
# 
loop_
_pdbx_audit_revision_category.ordinal 
_pdbx_audit_revision_category.revision_ordinal 
_pdbx_audit_revision_category.data_content_type 
_pdbx_audit_revision_category.category 
1 4 'Structure model' chem_comp           
2 4 'Structure model' chem_comp_atom      
3 4 'Structure model' chem_comp_bond      
4 4 'Structure model' database_2          
5 4 'Structure model' entity              
6 4 'Structure model' pdbx_entity_nonpoly 
7 4 'Structure model' struct_site         
# 
loop_
_pdbx_audit_revision_item.ordinal 
_pdbx_audit_revision_item.revision_ordinal 
_pdbx_audit_revision_item.data_content_type 
_pdbx_audit_revision_item.item 
1 4 'Structure model' '_chem_comp.name'                     
2 4 'Structure model' '_chem_comp.pdbx_synonyms'            
3 4 'Structure model' '_database_2.pdbx_DOI'                
4 4 'Structure model' '_database_2.pdbx_database_accession' 
5 4 'Structure model' '_entity.pdbx_description'            
6 4 'Structure model' '_pdbx_entity_nonpoly.name'           
7 4 'Structure model' '_struct_site.pdbx_auth_asym_id'      
8 4 'Structure model' '_struct_site.pdbx_auth_comp_id'      
9 4 'Structure model' '_struct_site.pdbx_auth_seq_id'       
# 
_pdbx_database_status.status_code                     REL 
_pdbx_database_status.entry_id                        2ESJ 
_pdbx_database_status.recvd_initial_deposition_date   2005-10-26 
_pdbx_database_status.deposit_site                    RCSB 
_pdbx_database_status.process_site                    RCSB 
_pdbx_database_status.status_code_sf                  REL 
_pdbx_database_status.status_code_mr                  ? 
_pdbx_database_status.SG_entry                        ? 
_pdbx_database_status.pdb_format_compatible           Y 
_pdbx_database_status.status_code_cs                  ? 
_pdbx_database_status.status_code_nmr_data            ? 
_pdbx_database_status.methods_development_category    ? 
# 
loop_
_pdbx_database_related.db_name 
_pdbx_database_related.db_id 
_pdbx_database_related.details 
_pdbx_database_related.content_type 
PDB 1J7T 'Complex between natural paromomycin and 16S Rrna A Site'                                     unspecified 
PDB 2BEE 'Crystal structure of the Complex Between Paromomycin derivative JS4 and the 16S-Rrna A Site' unspecified 
PDB 2BE0 'Complex Between Paromomycin Derivative JS5-39 and the 16S-Rrna A-Site'                       unspecified 
PDB 2ESI 'Crystal structure of the complex between Kanamycin A and the 16S-Rrna A Site'                unspecified 
# 
_audit_author.name           'Westhof, E.' 
_audit_author.pdbx_ordinal   1 
# 
_citation.id                        primary 
_citation.title                     
;Crystal structures of complexes between aminoglycosides and decoding A site oligonucleotides: role of the number of rings and positive charges in the specific binding leading to miscoding
;
_citation.journal_abbrev            'Nucleic Acids Res.' 
_citation.journal_volume            33 
_citation.page_first                5677 
_citation.page_last                 5690 
_citation.year                      2005 
_citation.journal_id_ASTM           NARHAD 
_citation.country                   UK 
_citation.journal_id_ISSN           0305-1048 
_citation.journal_id_CSD            0389 
_citation.book_publisher            ? 
_citation.pdbx_database_id_PubMed   16214802 
_citation.pdbx_database_id_DOI      10.1093/nar/gki862 
# 
loop_
_citation_author.citation_id 
_citation_author.name 
_citation_author.ordinal 
_citation_author.identifier_ORCID 
primary 'Francois, B.'   1 ? 
primary 'Russel, R.J.M.' 2 ? 
primary 'Murray, J.B.'   3 ? 
primary 'Aboul-ela, F.'  4 ? 
primary 'Masquida, B.'   5 ? 
primary 'Vicens, Q.'     6 ? 
primary 'Westhof, E.'    7 ? 
# 
loop_
_entity.id 
_entity.type 
_entity.src_method 
_entity.pdbx_description 
_entity.formula_weight 
_entity.pdbx_number_of_molecules 
_entity.pdbx_ec 
_entity.pdbx_mutation 
_entity.pdbx_fragment 
_entity.details 
1 polymer     syn "5'-R(*CP*GP*CP*GP*UP*CP*AP*CP*AP*CP*CP*GP*GP*UP*GP*AP*AP*GP*UP*CP*GP*C)-3'" 7048.259 2  ? ? ? 
'bacterial A-Site' 
2 non-polymer syn 
;(2R,3S,4S,5S,6R)-2-((2S,3S,4R,5R,6R)-5-AMINO-2-(AMINOMETHYL)-6-((2R,3S,4R,5S)-5-((1R,2R,3S,5R,6S)-3,5-DIAMINO-2-((2S,3R ,5S,6R)-3-AMINO-5-HYDROXY-6-(HYDROXYMETHYL)-TETRAHYDRO-2H-PYRAN-2-YLOXY)-6-HYDROXYCYCLOHEXYLOXY)-4-HYDROXY-2-(HYDROXYMET HYL)-TETRAHYDROFURAN-3-YLOXY)-4-HYDROXY-TETRAHYDRO-2H-PYRAN-3-YLOXY)-6-(HYDROXYMETHYL)-TETRAHYDRO-2H-PYRAN-3,4,5-TRIOL
;
761.770  2  ? ? ? ?                  
3 water       nat water 18.015   90 ? ? ? ?                  
# 
_entity_poly.entity_id                      1 
_entity_poly.type                           polyribonucleotide 
_entity_poly.nstd_linkage                   no 
_entity_poly.nstd_monomer                   no 
_entity_poly.pdbx_seq_one_letter_code       CGCGUCACACCGGUGAAGUCGC 
_entity_poly.pdbx_seq_one_letter_code_can   CGCGUCACACCGGUGAAGUCGC 
_entity_poly.pdbx_strand_id                 A,B 
_entity_poly.pdbx_target_identifier         ? 
# 
loop_
_pdbx_entity_nonpoly.entity_id 
_pdbx_entity_nonpoly.name 
_pdbx_entity_nonpoly.comp_id 
2 
;(2R,3S,4S,5S,6R)-2-((2S,3S,4R,5R,6R)-5-AMINO-2-(AMINOMETHYL)-6-((2R,3S,4R,5S)-5-((1R,2R,3S,5R,6S)-3,5-DIAMINO-2-((2S,3R ,5S,6R)-3-AMINO-5-HYDROXY-6-(HYDROXYMETHYL)-TETRAHYDRO-2H-PYRAN-2-YLOXY)-6-HYDROXYCYCLOHEXYLOXY)-4-HYDROXY-2-(HYDROXYMET HYL)-TETRAHYDROFURAN-3-YLOXY)-4-HYDROXY-TETRAHYDRO-2H-PYRAN-3-YLOXY)-6-(HYDROXYMETHYL)-TETRAHYDRO-2H-PYRAN-3,4,5-TRIOL
;
LIV 
3 water HOH 
# 
loop_
_entity_poly_seq.entity_id 
_entity_poly_seq.num 
_entity_poly_seq.mon_id 
_entity_poly_seq.hetero 
1 1  C n 
1 2  G n 
1 3  C n 
1 4  G n 
1 5  U n 
1 6  C n 
1 7  A n 
1 8  C n 
1 9  A n 
1 10 C n 
1 11 C n 
1 12 G n 
1 13 G n 
1 14 U n 
1 15 G n 
1 16 A n 
1 17 A n 
1 18 G n 
1 19 U n 
1 20 C n 
1 21 G n 
1 22 C n 
# 
loop_
_chem_comp.id 
_chem_comp.type 
_chem_comp.mon_nstd_flag 
_chem_comp.name 
_chem_comp.pdbx_synonyms 
_chem_comp.formula 
_chem_comp.formula_weight 
A   'RNA linking' y "ADENOSINE-5'-MONOPHOSPHATE" ? 'C10 H14 N5 O7 P' 347.221 
C   'RNA linking' y "CYTIDINE-5'-MONOPHOSPHATE" ? 'C9 H14 N3 O8 P'  323.197 
G   'RNA linking' y "GUANOSINE-5'-MONOPHOSPHATE" ? 'C10 H14 N5 O8 P' 363.221 
HOH non-polymer   . WATER ? 'H2 O'            18.015  
LIV non-polymer   . 
;(2R,3S,4S,5S,6R)-2-((2S,3S,4R,5R,6R)-5-AMINO-2-(AMINOMETHYL)-6-((2R,3S,4R,5S)-5-((1R,2R,3S,5R,6S)-3,5-DIAMINO-2-((2S,3R ,5S,6R)-3-AMINO-5-HYDROXY-6-(HYDROXYMETHYL)-TETRAHYDRO-2H-PYRAN-2-YLOXY)-6-HYDROXYCYCLOHEXYLOXY)-4-HYDROXY-2-(HYDROXYMET HYL)-TETRAHYDROFURAN-3-YLOXY)-4-HYDROXY-TETRAHYDRO-2H-PYRAN-3-YLOXY)-6-(HYDROXYMETHYL)-TETRAHYDRO-2H-PYRAN-3,4,5-TRIOL
;
;LIVIDOMYCIN A; O-2-AMINO-2,3-DIDEOXY-ALPHA-D-GLUCOPYRANOSYL-(1,4)-O-[BETA-D-MANNOPYRANOSYL-(1,4)-O-2,6-DIAMINO-2,6-DIDEOXY-BETA-L-IDOPY RANOSYL-(1,3)-BETA-D-RIBOFURANOSYL-(1,5)-2-DEOXY-D-STREPTAMINE
;
'C29 H55 N5 O18'  761.770 
U   'RNA linking' y "URIDINE-5'-MONOPHOSPHATE" ? 'C9 H13 N2 O9 P'  324.181 
# 
loop_
_pdbx_poly_seq_scheme.asym_id 
_pdbx_poly_seq_scheme.entity_id 
_pdbx_poly_seq_scheme.seq_id 
_pdbx_poly_seq_scheme.mon_id 
_pdbx_poly_seq_scheme.ndb_seq_num 
_pdbx_poly_seq_scheme.pdb_seq_num 
_pdbx_poly_seq_scheme.auth_seq_num 
_pdbx_poly_seq_scheme.pdb_mon_id 
_pdbx_poly_seq_scheme.auth_mon_id 
_pdbx_poly_seq_scheme.pdb_strand_id 
_pdbx_poly_seq_scheme.pdb_ins_code 
_pdbx_poly_seq_scheme.hetero 
A 1 1  C 1  1  ?  ? ? A . n 
A 1 2  G 2  2  2  G G A . n 
A 1 3  C 3  3  3  C C A . n 
A 1 4  G 4  4  4  G G A . n 
A 1 5  U 5  5  5  U U A . n 
A 1 6  C 6  6  6  C C A . n 
A 1 7  A 7  7  7  A A A . n 
A 1 8  C 8  8  8  C C A . n 
A 1 9  A 9  9  9  A A A . n 
A 1 10 C 10 10 10 C C A . n 
A 1 11 C 11 11 11 C C A . n 
A 1 12 G 12 12 12 G G A . n 
A 1 13 G 13 13 13 G G A . n 
A 1 14 U 14 14 14 U U A . n 
A 1 15 G 15 15 15 G G A . n 
A 1 16 A 16 16 16 A A A . n 
A 1 17 A 17 17 17 A A A . n 
A 1 18 G 18 18 18 G G A . n 
A 1 19 U 19 19 19 U U A . n 
A 1 20 C 20 20 20 C C A . n 
A 1 21 G 21 21 21 G G A . n 
A 1 22 C 22 22 22 C C A . n 
B 1 1  C 1  24 ?  ? ? B . n 
B 1 2  G 2  25 25 G G B . n 
B 1 3  C 3  26 26 C C B . n 
B 1 4  G 4  27 27 G G B . n 
B 1 5  U 5  28 28 U U B . n 
B 1 6  C 6  29 29 C C B . n 
B 1 7  A 7  30 30 A A B . n 
B 1 8  C 8  31 31 C C B . n 
B 1 9  A 9  32 32 A A B . n 
B 1 10 C 10 33 33 C C B . n 
B 1 11 C 11 34 34 C C B . n 
B 1 12 G 12 35 35 G G B . n 
B 1 13 G 13 36 36 G G B . n 
B 1 14 U 14 37 37 U U B . n 
B 1 15 G 15 38 38 G G B . n 
B 1 16 A 16 39 39 A A B . n 
B 1 17 A 17 40 40 A A B . n 
B 1 18 G 18 41 41 G G B . n 
B 1 19 U 19 42 42 U U B . n 
B 1 20 C 20 43 43 C C B . n 
B 1 21 G 21 44 44 G G B . n 
B 1 22 C 22 45 45 C C B . n 
# 
loop_
_pdbx_nonpoly_scheme.asym_id 
_pdbx_nonpoly_scheme.entity_id 
_pdbx_nonpoly_scheme.mon_id 
_pdbx_nonpoly_scheme.ndb_seq_num 
_pdbx_nonpoly_scheme.pdb_seq_num 
_pdbx_nonpoly_scheme.auth_seq_num 
_pdbx_nonpoly_scheme.pdb_mon_id 
_pdbx_nonpoly_scheme.auth_mon_id 
_pdbx_nonpoly_scheme.pdb_strand_id 
_pdbx_nonpoly_scheme.pdb_ins_code 
C 2 LIV 1  50  50  LIV LIV A . 
D 2 LIV 1  51  51  LIV LIV B . 
E 3 HOH 1  101 101 HOH HOH A . 
E 3 HOH 2  107 107 HOH HOH A . 
E 3 HOH 3  108 108 HOH HOH A . 
E 3 HOH 4  112 112 HOH HOH A . 
E 3 HOH 5  117 117 HOH HOH A . 
E 3 HOH 6  125 125 HOH HOH A . 
E 3 HOH 7  126 126 HOH HOH A . 
E 3 HOH 8  132 132 HOH HOH A . 
E 3 HOH 9  135 135 HOH HOH A . 
E 3 HOH 10 136 136 HOH HOH A . 
E 3 HOH 11 138 138 HOH HOH A . 
E 3 HOH 12 140 140 HOH HOH A . 
E 3 HOH 13 141 141 HOH HOH A . 
E 3 HOH 14 147 147 HOH HOH A . 
E 3 HOH 15 148 148 HOH HOH A . 
E 3 HOH 16 149 149 HOH HOH A . 
E 3 HOH 17 152 152 HOH HOH A . 
E 3 HOH 18 153 153 HOH HOH A . 
E 3 HOH 19 154 154 HOH HOH A . 
E 3 HOH 20 156 156 HOH HOH A . 
E 3 HOH 21 160 160 HOH HOH A . 
E 3 HOH 22 163 163 HOH HOH A . 
E 3 HOH 23 165 165 HOH HOH A . 
E 3 HOH 24 166 166 HOH HOH A . 
E 3 HOH 25 169 169 HOH HOH A . 
E 3 HOH 26 175 175 HOH HOH A . 
E 3 HOH 27 176 176 HOH HOH A . 
E 3 HOH 28 177 177 HOH HOH A . 
E 3 HOH 29 179 179 HOH HOH A . 
E 3 HOH 30 180 180 HOH HOH A . 
E 3 HOH 31 182 182 HOH HOH A . 
E 3 HOH 32 183 183 HOH HOH A . 
E 3 HOH 33 187 187 HOH HOH A . 
F 3 HOH 1  100 100 HOH HOH B . 
F 3 HOH 2  102 102 HOH HOH B . 
F 3 HOH 3  103 103 HOH HOH B . 
F 3 HOH 4  104 104 HOH HOH B . 
F 3 HOH 5  105 105 HOH HOH B . 
F 3 HOH 6  106 106 HOH HOH B . 
F 3 HOH 7  109 109 HOH HOH B . 
F 3 HOH 8  110 110 HOH HOH B . 
F 3 HOH 9  111 111 HOH HOH B . 
F 3 HOH 10 113 113 HOH HOH B . 
F 3 HOH 11 114 114 HOH HOH B . 
F 3 HOH 12 115 115 HOH HOH B . 
F 3 HOH 13 116 116 HOH HOH B . 
F 3 HOH 14 118 118 HOH HOH B . 
F 3 HOH 15 119 119 HOH HOH B . 
F 3 HOH 16 120 120 HOH HOH B . 
F 3 HOH 17 121 121 HOH HOH B . 
F 3 HOH 18 122 122 HOH HOH B . 
F 3 HOH 19 123 123 HOH HOH B . 
F 3 HOH 20 124 124 HOH HOH B . 
F 3 HOH 21 127 127 HOH HOH B . 
F 3 HOH 22 128 128 HOH HOH B . 
F 3 HOH 23 129 129 HOH HOH B . 
F 3 HOH 24 130 130 HOH HOH B . 
F 3 HOH 25 131 131 HOH HOH B . 
F 3 HOH 26 133 133 HOH HOH B . 
F 3 HOH 27 134 134 HOH HOH B . 
F 3 HOH 28 137 137 HOH HOH B . 
F 3 HOH 29 139 139 HOH HOH B . 
F 3 HOH 30 142 142 HOH HOH B . 
F 3 HOH 31 143 143 HOH HOH B . 
F 3 HOH 32 144 144 HOH HOH B . 
F 3 HOH 33 145 145 HOH HOH B . 
F 3 HOH 34 146 146 HOH HOH B . 
F 3 HOH 35 150 150 HOH HOH B . 
F 3 HOH 36 151 151 HOH HOH B . 
F 3 HOH 37 155 155 HOH HOH B . 
F 3 HOH 38 157 157 HOH HOH B . 
F 3 HOH 39 158 158 HOH HOH B . 
F 3 HOH 40 159 159 HOH HOH B . 
F 3 HOH 41 161 161 HOH HOH B . 
F 3 HOH 42 162 162 HOH HOH B . 
F 3 HOH 43 164 164 HOH HOH B . 
F 3 HOH 44 167 167 HOH HOH B . 
F 3 HOH 45 168 168 HOH HOH B . 
F 3 HOH 46 170 170 HOH HOH B . 
F 3 HOH 47 171 171 HOH HOH B . 
F 3 HOH 48 172 172 HOH HOH B . 
F 3 HOH 49 173 173 HOH HOH B . 
F 3 HOH 50 174 174 HOH HOH B . 
F 3 HOH 51 178 178 HOH HOH B . 
F 3 HOH 52 181 181 HOH HOH B . 
F 3 HOH 53 184 184 HOH HOH B . 
F 3 HOH 54 185 185 HOH HOH B . 
F 3 HOH 55 186 186 HOH HOH B . 
F 3 HOH 56 188 188 HOH HOH B . 
F 3 HOH 57 189 189 HOH HOH B . 
# 
loop_
_software.name 
_software.classification 
_software.version 
_software.citation_id 
_software.pdbx_ordinal 
HKL-2000  'data collection' .   ? 1 
SCALEPACK 'data scaling'    .   ? 2 
AMoRE     phasing           .   ? 3 
CNS       refinement        1.1 ? 4 
HKL-2000  'data reduction'  .   ? 5 
# 
_cell.entry_id           2ESJ 
_cell.length_a           33.660 
_cell.length_b           44.561 
_cell.length_c           95.580 
_cell.angle_alpha        90.00 
_cell.angle_beta         90.00 
_cell.angle_gamma        90.00 
_cell.Z_PDB              8 
_cell.pdbx_unique_axis   ? 
# 
_symmetry.entry_id                         2ESJ 
_symmetry.space_group_name_H-M             'P 21 21 21' 
_symmetry.pdbx_full_space_group_name_H-M   ? 
_symmetry.cell_setting                     ? 
_symmetry.Int_Tables_number                19 
_symmetry.space_group_name_Hall            ? 
# 
_exptl.entry_id          2ESJ 
_exptl.method            'X-RAY DIFFRACTION' 
_exptl.crystals_number   1 
# 
_exptl_crystal.id                    1 
_exptl_crystal.density_meas          ? 
_exptl_crystal.density_Matthews      2.54 
_exptl_crystal.density_percent_sol   51.62 
_exptl_crystal.description           ? 
_exptl_crystal.F_000                 ? 
_exptl_crystal.preparation           ? 
# 
_exptl_crystal_grow.crystal_id      1 
_exptl_crystal_grow.method          'VAPOR DIFFUSION, HANGING DROP' 
_exptl_crystal_grow.temp            310 
_exptl_crystal_grow.temp_details    ? 
_exptl_crystal_grow.pH              6.4 
_exptl_crystal_grow.pdbx_details    
'MPD, NACL, MGSO4, GLYCEROL, NA CACODYLATE, pH 6.4, VAPOR DIFFUSION, HANGING DROP, temperature 310K' 
_exptl_crystal_grow.pdbx_pH_range   . 
# 
loop_
_exptl_crystal_grow_comp.crystal_id 
_exptl_crystal_grow_comp.id 
_exptl_crystal_grow_comp.sol_id 
_exptl_crystal_grow_comp.name 
_exptl_crystal_grow_comp.volume 
_exptl_crystal_grow_comp.conc 
_exptl_crystal_grow_comp.details 
1 1  1 MPD             ? ? ? 
1 2  1 NACL            ? ? ? 
1 3  1 MGSO4           ? ? ? 
1 4  1 GLYCEROL        ? ? ? 
1 5  1 'NA CACODYLATE' ? ? ? 
1 6  1 H2O             ? ? ? 
1 7  2 MPD             ? ? ? 
1 8  2 NACL            ? ? ? 
1 9  2 MGSO4           ? ? ? 
1 10 2 'NA CACODYLATE' ? ? ? 
1 11 2 H2O             ? ? ? 
# 
_diffrn.id                     1 
_diffrn.ambient_temp           ? 
_diffrn.ambient_temp_details   ? 
_diffrn.crystal_id             1 
# 
_diffrn_radiation.diffrn_id                        1 
_diffrn_radiation.wavelength_id                    1 
_diffrn_radiation.pdbx_monochromatic_or_laue_m_l   M 
_diffrn_radiation.monochromator                    ? 
_diffrn_radiation.pdbx_diffrn_protocol             'SINGLE WAVELENGTH' 
_diffrn_radiation.pdbx_scattering_type             x-ray 
# 
_diffrn_radiation_wavelength.id           1 
_diffrn_radiation_wavelength.wavelength   0.936 
_diffrn_radiation_wavelength.wt           1.0 
# 
_diffrn_source.diffrn_id                   1 
_diffrn_source.source                      SYNCHROTRON 
_diffrn_source.type                        'ESRF BEAMLINE ID29' 
_diffrn_source.pdbx_synchrotron_site       ESRF 
_diffrn_source.pdbx_synchrotron_beamline   ID29 
_diffrn_source.pdbx_wavelength             ? 
_diffrn_source.pdbx_wavelength_list        0.936 
# 
_reflns.entry_id                     2ESJ 
_reflns.observed_criterion_sigma_I   5 
_reflns.observed_criterion_sigma_F   5 
_reflns.d_resolution_low             50 
_reflns.d_resolution_high            2.1 
_reflns.number_obs                   7759 
_reflns.number_all                   ? 
_reflns.percent_possible_obs         ? 
_reflns.pdbx_Rmerge_I_obs            ? 
_reflns.pdbx_Rsym_value              ? 
_reflns.pdbx_netI_over_sigmaI        ? 
_reflns.B_iso_Wilson_estimate        ? 
_reflns.pdbx_redundancy              ? 
_reflns.R_free_details               ? 
_reflns.pdbx_chi_squared             ? 
_reflns.pdbx_scaling_rejects         ? 
_reflns.pdbx_diffrn_id               1 
_reflns.pdbx_ordinal                 1 
# 
_refine.entry_id                                 2ESJ 
_refine.ls_number_reflns_obs                     6628 
_refine.ls_number_reflns_all                     7759 
_refine.pdbx_ls_sigma_I                          ? 
_refine.pdbx_ls_sigma_F                          1 
_refine.pdbx_data_cutoff_high_absF               ? 
_refine.pdbx_data_cutoff_low_absF                ? 
_refine.pdbx_data_cutoff_high_rms_absF           ? 
_refine.ls_d_res_low                             30.0 
_refine.ls_d_res_high                            2.2 
_refine.ls_percent_reflns_obs                    85.4 
_refine.ls_R_factor_obs                          0.228 
_refine.ls_R_factor_all                          ? 
_refine.ls_R_factor_R_work                       0.228 
_refine.ls_R_factor_R_free                       0.275 
_refine.ls_R_factor_R_free_error                 ? 
_refine.ls_R_factor_R_free_error_details         ? 
_refine.ls_percent_reflns_R_free                 ? 
_refine.ls_number_reflns_R_free                  728 
_refine.ls_number_parameters                     ? 
_refine.ls_number_restraints                     ? 
_refine.occupancy_min                            ? 
_refine.occupancy_max                            ? 
_refine.correlation_coeff_Fo_to_Fc               ? 
_refine.correlation_coeff_Fo_to_Fc_free          ? 
_refine.B_iso_mean                               ? 
_refine.aniso_B[1][1]                            ? 
_refine.aniso_B[2][2]                            ? 
_refine.aniso_B[3][3]                            ? 
_refine.aniso_B[1][2]                            ? 
_refine.aniso_B[1][3]                            ? 
_refine.aniso_B[2][3]                            ? 
_refine.solvent_model_details                    ? 
_refine.solvent_model_param_ksol                 ? 
_refine.solvent_model_param_bsol                 ? 
_refine.pdbx_solvent_vdw_probe_radii             ? 
_refine.pdbx_solvent_ion_probe_radii             ? 
_refine.pdbx_solvent_shrinkage_radii             ? 
_refine.pdbx_ls_cross_valid_method               ? 
_refine.details                                  ? 
_refine.pdbx_starting_model                      ? 
_refine.pdbx_method_to_determine_struct          'MOLECULAR REPLACEMENT' 
_refine.pdbx_isotropic_thermal_model             ? 
_refine.pdbx_stereochemistry_target_values       
;G. PARKINSON, J. VOJTECHOVSKY, L. CLOWNEY, A.T. BRUNGER, H.M. BERMAN, NEW PARAMETERS FOR THE REFINEMENT OF NUCLEIC ACID CONTAINING STRUCTURES, ACTA CRYST. D, 52,57-64 (1996)
;
_refine.pdbx_stereochem_target_val_spec_case     ? 
_refine.pdbx_R_Free_selection_details            RANDOM 
_refine.pdbx_overall_ESU_R                       ? 
_refine.pdbx_overall_ESU_R_Free                  ? 
_refine.overall_SU_ML                            ? 
_refine.overall_SU_B                             ? 
_refine.ls_redundancy_reflns_obs                 ? 
_refine.overall_SU_R_Cruickshank_DPI             ? 
_refine.overall_SU_R_free                        ? 
_refine.ls_wR_factor_R_free                      ? 
_refine.ls_wR_factor_R_work                      ? 
_refine.overall_FOM_free_R_set                   ? 
_refine.overall_FOM_work_R_set                   ? 
_refine.pdbx_refine_id                           'X-RAY DIFFRACTION' 
_refine.pdbx_diffrn_id                           1 
_refine.pdbx_TLS_residual_ADP_flag               ? 
_refine.pdbx_overall_phase_error                 ? 
_refine.pdbx_overall_SU_R_free_Cruickshank_DPI   ? 
_refine.pdbx_overall_SU_R_Blow_DPI               ? 
_refine.pdbx_overall_SU_R_free_Blow_DPI          ? 
# 
_refine_analyze.entry_id                        2ESJ 
_refine_analyze.Luzzati_coordinate_error_obs    0.34 
_refine_analyze.Luzzati_sigma_a_obs             0.30 
_refine_analyze.Luzzati_d_res_low_obs           3.0 
_refine_analyze.Luzzati_coordinate_error_free   0.40 
_refine_analyze.Luzzati_sigma_a_free            0.23 
_refine_analyze.Luzzati_d_res_low_free          ? 
_refine_analyze.number_disordered_residues      ? 
_refine_analyze.occupancy_sum_hydrogen          ? 
_refine_analyze.occupancy_sum_non_hydrogen      ? 
_refine_analyze.pdbx_refine_id                  'X-RAY DIFFRACTION' 
# 
_refine_hist.pdbx_refine_id                   'X-RAY DIFFRACTION' 
_refine_hist.cycle_id                         LAST 
_refine_hist.pdbx_number_atoms_protein        0 
_refine_hist.pdbx_number_atoms_nucleic_acid   898 
_refine_hist.pdbx_number_atoms_ligand         104 
_refine_hist.number_atoms_solvent             90 
_refine_hist.number_atoms_total               1092 
_refine_hist.d_res_high                       2.2 
_refine_hist.d_res_low                        30.0 
# 
loop_
_refine_ls_restr.type 
_refine_ls_restr.dev_ideal 
_refine_ls_restr.dev_ideal_target 
_refine_ls_restr.weight 
_refine_ls_restr.number 
_refine_ls_restr.pdbx_refine_id 
_refine_ls_restr.pdbx_restraint_function 
c_bond_d           0.0079 ? ? ? 'X-RAY DIFFRACTION' ? 
c_angle_d          1.309  ? ? ? 'X-RAY DIFFRACTION' ? 
c_dihedral_angle_d 12.812 ? ? ? 'X-RAY DIFFRACTION' ? 
c_improper_angle_d 2.00   ? ? ? 'X-RAY DIFFRACTION' ? 
# 
_struct.entry_id                  2ESJ 
_struct.title                     'Complex between Lividomycin A and the 16S-Rrna A Site' 
_struct.pdbx_model_details        ? 
_struct.pdbx_CASP_flag            ? 
_struct.pdbx_model_type_details   ? 
# 
_struct_keywords.entry_id        2ESJ 
_struct_keywords.pdbx_keywords   RNA 
_struct_keywords.text            'RNA-AMINOGLYCOSIDE INTERACTIONS, A SITE, UOU PAIRS, AA BULGES, RNA' 
# 
loop_
_struct_asym.id 
_struct_asym.pdbx_blank_PDB_chainid_flag 
_struct_asym.pdbx_modified 
_struct_asym.entity_id 
_struct_asym.details 
A N N 1 ? 
B N N 1 ? 
C N N 2 ? 
D N N 2 ? 
E N N 3 ? 
F N N 3 ? 
# 
_struct_ref.id                         1 
_struct_ref.entity_id                  1 
_struct_ref.db_name                    PDB 
_struct_ref.db_code                    2ESJ 
_struct_ref.pdbx_db_accession          2ESJ 
_struct_ref.pdbx_db_isoform            ? 
_struct_ref.pdbx_seq_one_letter_code   ? 
_struct_ref.pdbx_align_begin           ? 
# 
loop_
_struct_ref_seq.align_id 
_struct_ref_seq.ref_id 
_struct_ref_seq.pdbx_PDB_id_code 
_struct_ref_seq.pdbx_strand_id 
_struct_ref_seq.seq_align_beg 
_struct_ref_seq.pdbx_seq_align_beg_ins_code 
_struct_ref_seq.seq_align_end 
_struct_ref_seq.pdbx_seq_align_end_ins_code 
_struct_ref_seq.pdbx_db_accession 
_struct_ref_seq.db_align_beg 
_struct_ref_seq.pdbx_db_align_beg_ins_code 
_struct_ref_seq.db_align_end 
_struct_ref_seq.pdbx_db_align_end_ins_code 
_struct_ref_seq.pdbx_auth_seq_align_beg 
_struct_ref_seq.pdbx_auth_seq_align_end 
1 1 2ESJ A 1 ? 22 ? 2ESJ 1  ? 22 ? 1  22 
2 1 2ESJ B 1 ? 22 ? 2ESJ 24 ? 45 ? 24 45 
# 
_pdbx_struct_assembly.id                   1 
_pdbx_struct_assembly.details              author_defined_assembly 
_pdbx_struct_assembly.method_details       ? 
_pdbx_struct_assembly.oligomeric_details   dimeric 
_pdbx_struct_assembly.oligomeric_count     2 
# 
_pdbx_struct_assembly_gen.assembly_id       1 
_pdbx_struct_assembly_gen.oper_expression   1 
_pdbx_struct_assembly_gen.asym_id_list      A,B,C,D,E,F 
# 
_pdbx_struct_oper_list.id                   1 
_pdbx_struct_oper_list.type                 'identity operation' 
_pdbx_struct_oper_list.name                 1_555 
_pdbx_struct_oper_list.symmetry_operation   x,y,z 
_pdbx_struct_oper_list.matrix[1][1]         1.0000000000 
_pdbx_struct_oper_list.matrix[1][2]         0.0000000000 
_pdbx_struct_oper_list.matrix[1][3]         0.0000000000 
_pdbx_struct_oper_list.vector[1]            0.0000000000 
_pdbx_struct_oper_list.matrix[2][1]         0.0000000000 
_pdbx_struct_oper_list.matrix[2][2]         1.0000000000 
_pdbx_struct_oper_list.matrix[2][3]         0.0000000000 
_pdbx_struct_oper_list.vector[2]            0.0000000000 
_pdbx_struct_oper_list.matrix[3][1]         0.0000000000 
_pdbx_struct_oper_list.matrix[3][2]         0.0000000000 
_pdbx_struct_oper_list.matrix[3][3]         1.0000000000 
_pdbx_struct_oper_list.vector[3]            0.0000000000 
# 
loop_
_struct_conn.id 
_struct_conn.conn_type_id 
_struct_conn.pdbx_leaving_atom_flag 
_struct_conn.pdbx_PDB_id 
_struct_conn.ptnr1_label_asym_id 
_struct_conn.ptnr1_label_comp_id 
_struct_conn.ptnr1_label_seq_id 
_struct_conn.ptnr1_label_atom_id 
_struct_conn.pdbx_ptnr1_label_alt_id 
_struct_conn.pdbx_ptnr1_PDB_ins_code 
_struct_conn.pdbx_ptnr1_standard_comp_id 
_struct_conn.ptnr1_symmetry 
_struct_conn.ptnr2_label_asym_id 
_struct_conn.ptnr2_label_comp_id 
_struct_conn.ptnr2_label_seq_id 
_struct_conn.ptnr2_label_atom_id 
_struct_conn.pdbx_ptnr2_label_alt_id 
_struct_conn.pdbx_ptnr2_PDB_ins_code 
_struct_conn.ptnr1_auth_asym_id 
_struct_conn.ptnr1_auth_comp_id 
_struct_conn.ptnr1_auth_seq_id 
_struct_conn.ptnr2_auth_asym_id 
_struct_conn.ptnr2_auth_comp_id 
_struct_conn.ptnr2_auth_seq_id 
_struct_conn.ptnr2_symmetry 
_struct_conn.pdbx_ptnr3_label_atom_id 
_struct_conn.pdbx_ptnr3_label_seq_id 
_struct_conn.pdbx_ptnr3_label_comp_id 
_struct_conn.pdbx_ptnr3_label_asym_id 
_struct_conn.pdbx_ptnr3_label_alt_id 
_struct_conn.pdbx_ptnr3_PDB_ins_code 
_struct_conn.details 
_struct_conn.pdbx_dist_value 
_struct_conn.pdbx_value_order 
_struct_conn.pdbx_role 
hydrog1  hydrog ? ? A G 2  N1 ? ? ? 1_555 B C 22 N3 ? ? A G 2  B C 45 1_555 ? ? ? ? ? ? WATSON-CRICK  ? ? ? 
hydrog2  hydrog ? ? A G 2  N2 ? ? ? 1_555 B C 22 O2 ? ? A G 2  B C 45 1_555 ? ? ? ? ? ? WATSON-CRICK  ? ? ? 
hydrog3  hydrog ? ? A G 2  O6 ? ? ? 1_555 B C 22 N4 ? ? A G 2  B C 45 1_555 ? ? ? ? ? ? WATSON-CRICK  ? ? ? 
hydrog4  hydrog ? ? A C 3  N3 ? ? ? 1_555 B G 21 N1 ? ? A C 3  B G 44 1_555 ? ? ? ? ? ? WATSON-CRICK  ? ? ? 
hydrog5  hydrog ? ? A C 3  N4 ? ? ? 1_555 B G 21 O6 ? ? A C 3  B G 44 1_555 ? ? ? ? ? ? WATSON-CRICK  ? ? ? 
hydrog6  hydrog ? ? A C 3  O2 ? ? ? 1_555 B G 21 N2 ? ? A C 3  B G 44 1_555 ? ? ? ? ? ? WATSON-CRICK  ? ? ? 
hydrog7  hydrog ? ? A G 4  N1 ? ? ? 1_555 B C 20 N3 ? ? A G 4  B C 43 1_555 ? ? ? ? ? ? WATSON-CRICK  ? ? ? 
hydrog8  hydrog ? ? A G 4  N2 ? ? ? 1_555 B C 20 O2 ? ? A G 4  B C 43 1_555 ? ? ? ? ? ? WATSON-CRICK  ? ? ? 
hydrog9  hydrog ? ? A G 4  O6 ? ? ? 1_555 B C 20 N4 ? ? A G 4  B C 43 1_555 ? ? ? ? ? ? WATSON-CRICK  ? ? ? 
hydrog10 hydrog ? ? A U 5  O4 ? ? ? 1_555 B U 19 N3 ? ? A U 5  B U 42 1_555 ? ? ? ? ? ? 'U-U MISPAIR' ? ? ? 
hydrog11 hydrog ? ? A C 6  N3 ? ? ? 1_555 B G 18 N1 ? ? A C 6  B G 41 1_555 ? ? ? ? ? ? WATSON-CRICK  ? ? ? 
hydrog12 hydrog ? ? A C 6  N4 ? ? ? 1_555 B G 18 O6 ? ? A C 6  B G 41 1_555 ? ? ? ? ? ? WATSON-CRICK  ? ? ? 
hydrog13 hydrog ? ? A C 6  O2 ? ? ? 1_555 B G 18 N2 ? ? A C 6  B G 41 1_555 ? ? ? ? ? ? WATSON-CRICK  ? ? ? 
hydrog14 hydrog ? ? A C 8  N3 ? ? ? 1_555 B G 15 N1 ? ? A C 8  B G 38 1_555 ? ? ? ? ? ? WATSON-CRICK  ? ? ? 
hydrog15 hydrog ? ? A C 8  N4 ? ? ? 1_555 B G 15 O6 ? ? A C 8  B G 38 1_555 ? ? ? ? ? ? WATSON-CRICK  ? ? ? 
hydrog16 hydrog ? ? A C 8  O2 ? ? ? 1_555 B G 15 N2 ? ? A C 8  B G 38 1_555 ? ? ? ? ? ? WATSON-CRICK  ? ? ? 
hydrog17 hydrog ? ? A A 9  N1 ? ? ? 1_555 B U 14 N3 ? ? A A 9  B U 37 1_555 ? ? ? ? ? ? 'A-U PAIR'    ? ? ? 
hydrog18 hydrog ? ? A C 10 N3 ? ? ? 1_555 B G 13 N1 ? ? A C 10 B G 36 1_555 ? ? ? ? ? ? WATSON-CRICK  ? ? ? 
hydrog19 hydrog ? ? A C 10 N4 ? ? ? 1_555 B G 13 O6 ? ? A C 10 B G 36 1_555 ? ? ? ? ? ? WATSON-CRICK  ? ? ? 
hydrog20 hydrog ? ? A C 10 O2 ? ? ? 1_555 B G 13 N2 ? ? A C 10 B G 36 1_555 ? ? ? ? ? ? WATSON-CRICK  ? ? ? 
hydrog21 hydrog ? ? A C 11 N3 ? ? ? 1_555 B G 12 N1 ? ? A C 11 B G 35 1_555 ? ? ? ? ? ? WATSON-CRICK  ? ? ? 
hydrog22 hydrog ? ? A C 11 N4 ? ? ? 1_555 B G 12 O6 ? ? A C 11 B G 35 1_555 ? ? ? ? ? ? WATSON-CRICK  ? ? ? 
hydrog23 hydrog ? ? A C 11 O2 ? ? ? 1_555 B G 12 N2 ? ? A C 11 B G 35 1_555 ? ? ? ? ? ? WATSON-CRICK  ? ? ? 
hydrog24 hydrog ? ? A G 12 N1 ? ? ? 1_555 B C 11 N3 ? ? A G 12 B C 34 1_555 ? ? ? ? ? ? WATSON-CRICK  ? ? ? 
hydrog25 hydrog ? ? A G 12 N2 ? ? ? 1_555 B C 11 O2 ? ? A G 12 B C 34 1_555 ? ? ? ? ? ? WATSON-CRICK  ? ? ? 
hydrog26 hydrog ? ? A G 12 O6 ? ? ? 1_555 B C 11 N4 ? ? A G 12 B C 34 1_555 ? ? ? ? ? ? WATSON-CRICK  ? ? ? 
hydrog27 hydrog ? ? A G 13 N1 ? ? ? 1_555 B C 10 N3 ? ? A G 13 B C 33 1_555 ? ? ? ? ? ? WATSON-CRICK  ? ? ? 
hydrog28 hydrog ? ? A G 13 N2 ? ? ? 1_555 B C 10 O2 ? ? A G 13 B C 33 1_555 ? ? ? ? ? ? WATSON-CRICK  ? ? ? 
hydrog29 hydrog ? ? A G 13 O6 ? ? ? 1_555 B C 10 N4 ? ? A G 13 B C 33 1_555 ? ? ? ? ? ? WATSON-CRICK  ? ? ? 
hydrog30 hydrog ? ? A U 14 N3 ? ? ? 1_555 B A 9  N1 ? ? A U 14 B A 32 1_555 ? ? ? ? ? ? WATSON-CRICK  ? ? ? 
hydrog31 hydrog ? ? A U 14 O4 ? ? ? 1_555 B A 9  N6 ? ? A U 14 B A 32 1_555 ? ? ? ? ? ? WATSON-CRICK  ? ? ? 
hydrog32 hydrog ? ? A G 15 N1 ? ? ? 1_555 B C 8  N3 ? ? A G 15 B C 31 1_555 ? ? ? ? ? ? WATSON-CRICK  ? ? ? 
hydrog33 hydrog ? ? A G 15 N2 ? ? ? 1_555 B C 8  O2 ? ? A G 15 B C 31 1_555 ? ? ? ? ? ? WATSON-CRICK  ? ? ? 
hydrog34 hydrog ? ? A G 15 O6 ? ? ? 1_555 B C 8  N4 ? ? A G 15 B C 31 1_555 ? ? ? ? ? ? WATSON-CRICK  ? ? ? 
hydrog35 hydrog ? ? A G 18 N1 ? ? ? 1_555 B C 6  N3 ? ? A G 18 B C 29 1_555 ? ? ? ? ? ? WATSON-CRICK  ? ? ? 
hydrog36 hydrog ? ? A G 18 N2 ? ? ? 1_555 B C 6  O2 ? ? A G 18 B C 29 1_555 ? ? ? ? ? ? WATSON-CRICK  ? ? ? 
hydrog37 hydrog ? ? A G 18 O6 ? ? ? 1_555 B C 6  N4 ? ? A G 18 B C 29 1_555 ? ? ? ? ? ? WATSON-CRICK  ? ? ? 
hydrog38 hydrog ? ? A U 19 N3 ? ? ? 1_555 B U 5  O4 ? ? A U 19 B U 28 1_555 ? ? ? ? ? ? 'U-U MISPAIR' ? ? ? 
hydrog39 hydrog ? ? A C 20 N3 ? ? ? 1_555 B G 4  N1 ? ? A C 20 B G 27 1_555 ? ? ? ? ? ? WATSON-CRICK  ? ? ? 
hydrog40 hydrog ? ? A C 20 N4 ? ? ? 1_555 B G 4  O6 ? ? A C 20 B G 27 1_555 ? ? ? ? ? ? WATSON-CRICK  ? ? ? 
hydrog41 hydrog ? ? A C 20 O2 ? ? ? 1_555 B G 4  N2 ? ? A C 20 B G 27 1_555 ? ? ? ? ? ? WATSON-CRICK  ? ? ? 
hydrog42 hydrog ? ? A G 21 N1 ? ? ? 1_555 B C 3  N3 ? ? A G 21 B C 26 1_555 ? ? ? ? ? ? WATSON-CRICK  ? ? ? 
hydrog43 hydrog ? ? A G 21 N2 ? ? ? 1_555 B C 3  O2 ? ? A G 21 B C 26 1_555 ? ? ? ? ? ? WATSON-CRICK  ? ? ? 
hydrog44 hydrog ? ? A G 21 O6 ? ? ? 1_555 B C 3  N4 ? ? A G 21 B C 26 1_555 ? ? ? ? ? ? WATSON-CRICK  ? ? ? 
hydrog45 hydrog ? ? A C 22 N3 ? ? ? 1_555 B G 2  N1 ? ? A C 22 B G 25 1_555 ? ? ? ? ? ? WATSON-CRICK  ? ? ? 
hydrog46 hydrog ? ? A C 22 N4 ? ? ? 1_555 B G 2  O6 ? ? A C 22 B G 25 1_555 ? ? ? ? ? ? WATSON-CRICK  ? ? ? 
hydrog47 hydrog ? ? A C 22 O2 ? ? ? 1_555 B G 2  N2 ? ? A C 22 B G 25 1_555 ? ? ? ? ? ? WATSON-CRICK  ? ? ? 
# 
_struct_conn_type.id          hydrog 
_struct_conn_type.criteria    ? 
_struct_conn_type.reference   ? 
# 
loop_
_struct_site.id 
_struct_site.pdbx_evidence_code 
_struct_site.pdbx_auth_asym_id 
_struct_site.pdbx_auth_comp_id 
_struct_site.pdbx_auth_seq_id 
_struct_site.pdbx_auth_ins_code 
_struct_site.pdbx_num_residues 
_struct_site.details 
AC1 Software A LIV 50 ? 12 'BINDING SITE FOR RESIDUE LIV A 50' 
AC2 Software B LIV 51 ? 22 'BINDING SITE FOR RESIDUE LIV B 51' 
1   ?        ? ?   ?  ? ?  ?                                   
# 
loop_
_struct_site_gen.id 
_struct_site_gen.site_id 
_struct_site_gen.pdbx_num_res 
_struct_site_gen.label_comp_id 
_struct_site_gen.label_asym_id 
_struct_site_gen.label_seq_id 
_struct_site_gen.pdbx_auth_ins_code 
_struct_site_gen.auth_comp_id 
_struct_site_gen.auth_asym_id 
_struct_site_gen.auth_seq_id 
_struct_site_gen.label_atom_id 
_struct_site_gen.label_alt_id 
_struct_site_gen.symmetry 
_struct_site_gen.details 
1  AC1 12 U   A 14 ? U   A 14  . ? 1_555 ? 
2  AC1 12 G   A 15 ? G   A 15  . ? 1_555 ? 
3  AC1 12 A   A 17 ? A   A 17  . ? 1_555 ? 
4  AC1 12 G   A 18 ? G   A 18  . ? 1_555 ? 
5  AC1 12 U   A 19 ? U   A 19  . ? 1_555 ? 
6  AC1 12 HOH E .  ? HOH A 101 . ? 1_555 ? 
7  AC1 12 HOH E .  ? HOH A 117 . ? 1_555 ? 
8  AC1 12 C   B 3  ? C   B 26  . ? 1_555 ? 
9  AC1 12 G   B 4  ? G   B 27  . ? 1_555 ? 
10 AC1 12 C   B 6  ? C   B 29  . ? 1_555 ? 
11 AC1 12 A   B 7  ? A   B 30  . ? 1_555 ? 
12 AC1 12 HOH F .  ? HOH B 100 . ? 1_555 ? 
13 AC2 22 C   A 3  ? C   A 3   . ? 1_555 ? 
14 AC2 22 G   A 4  ? G   A 4   . ? 1_555 ? 
15 AC2 22 U   A 5  ? U   A 5   . ? 1_555 ? 
16 AC2 22 C   A 6  ? C   A 6   . ? 1_555 ? 
17 AC2 22 A   A 7  ? A   A 7   . ? 1_555 ? 
18 AC2 22 C   A 20 ? C   A 20  . ? 1_565 ? 
19 AC2 22 U   B 14 ? U   B 37  . ? 1_555 ? 
20 AC2 22 G   B 15 ? G   B 38  . ? 1_555 ? 
21 AC2 22 A   B 16 ? A   B 39  . ? 1_555 ? 
22 AC2 22 A   B 17 ? A   B 40  . ? 1_555 ? 
23 AC2 22 G   B 18 ? G   B 41  . ? 1_555 ? 
24 AC2 22 U   B 19 ? U   B 42  . ? 1_555 ? 
25 AC2 22 HOH F .  ? HOH B 105 . ? 1_555 ? 
26 AC2 22 HOH F .  ? HOH B 113 . ? 1_555 ? 
27 AC2 22 HOH F .  ? HOH B 124 . ? 1_555 ? 
28 AC2 22 HOH F .  ? HOH B 128 . ? 1_555 ? 
29 AC2 22 HOH F .  ? HOH B 129 . ? 1_555 ? 
30 AC2 22 HOH F .  ? HOH B 130 . ? 1_555 ? 
31 AC2 22 HOH F .  ? HOH B 137 . ? 1_555 ? 
32 AC2 22 HOH F .  ? HOH B 143 . ? 1_555 ? 
33 AC2 22 HOH F .  ? HOH B 170 . ? 1_555 ? 
34 AC2 22 HOH F .  ? HOH B 189 . ? 1_555 ? 
# 
_pdbx_validate_rmsd_angle.id                         1 
_pdbx_validate_rmsd_angle.PDB_model_num              1 
_pdbx_validate_rmsd_angle.auth_atom_id_1             "C5'" 
_pdbx_validate_rmsd_angle.auth_asym_id_1             B 
_pdbx_validate_rmsd_angle.auth_comp_id_1             C 
_pdbx_validate_rmsd_angle.auth_seq_id_1              29 
_pdbx_validate_rmsd_angle.PDB_ins_code_1             ? 
_pdbx_validate_rmsd_angle.label_alt_id_1             ? 
_pdbx_validate_rmsd_angle.auth_atom_id_2             "C4'" 
_pdbx_validate_rmsd_angle.auth_asym_id_2             B 
_pdbx_validate_rmsd_angle.auth_comp_id_2             C 
_pdbx_validate_rmsd_angle.auth_seq_id_2              29 
_pdbx_validate_rmsd_angle.PDB_ins_code_2             ? 
_pdbx_validate_rmsd_angle.label_alt_id_2             ? 
_pdbx_validate_rmsd_angle.auth_atom_id_3             "C3'" 
_pdbx_validate_rmsd_angle.auth_asym_id_3             B 
_pdbx_validate_rmsd_angle.auth_comp_id_3             C 
_pdbx_validate_rmsd_angle.auth_seq_id_3              29 
_pdbx_validate_rmsd_angle.PDB_ins_code_3             ? 
_pdbx_validate_rmsd_angle.label_alt_id_3             ? 
_pdbx_validate_rmsd_angle.angle_value                106.25 
_pdbx_validate_rmsd_angle.angle_target_value         115.20 
_pdbx_validate_rmsd_angle.angle_deviation            -8.95 
_pdbx_validate_rmsd_angle.angle_standard_deviation   1.40 
_pdbx_validate_rmsd_angle.linker_flag                N 
# 
_pdbx_validate_planes.id              1 
_pdbx_validate_planes.PDB_model_num   1 
_pdbx_validate_planes.auth_comp_id    A 
_pdbx_validate_planes.auth_asym_id    B 
_pdbx_validate_planes.auth_seq_id     40 
_pdbx_validate_planes.PDB_ins_code    ? 
_pdbx_validate_planes.label_alt_id    ? 
_pdbx_validate_planes.rmsd            0.057 
_pdbx_validate_planes.type            'SIDE CHAIN' 
# 
_struct_site_keywords.site_id   1 
_struct_site_keywords.text      BIS-INTERCALATION 
# 
loop_
_pdbx_unobs_or_zero_occ_residues.id 
_pdbx_unobs_or_zero_occ_residues.PDB_model_num 
_pdbx_unobs_or_zero_occ_residues.polymer_flag 
_pdbx_unobs_or_zero_occ_residues.occupancy_flag 
_pdbx_unobs_or_zero_occ_residues.auth_asym_id 
_pdbx_unobs_or_zero_occ_residues.auth_comp_id 
_pdbx_unobs_or_zero_occ_residues.auth_seq_id 
_pdbx_unobs_or_zero_occ_residues.PDB_ins_code 
_pdbx_unobs_or_zero_occ_residues.label_asym_id 
_pdbx_unobs_or_zero_occ_residues.label_comp_id 
_pdbx_unobs_or_zero_occ_residues.label_seq_id 
1 1 Y 1 A C 1  ? A C 1 
2 1 Y 1 B C 24 ? B C 1 
# 
loop_
_chem_comp_atom.comp_id 
_chem_comp_atom.atom_id 
_chem_comp_atom.type_symbol 
_chem_comp_atom.pdbx_aromatic_flag 
_chem_comp_atom.pdbx_stereo_config 
_chem_comp_atom.pdbx_ordinal 
A   OP3    O N N 1   
A   P      P N N 2   
A   OP1    O N N 3   
A   OP2    O N N 4   
A   "O5'"  O N N 5   
A   "C5'"  C N N 6   
A   "C4'"  C N R 7   
A   "O4'"  O N N 8   
A   "C3'"  C N S 9   
A   "O3'"  O N N 10  
A   "C2'"  C N R 11  
A   "O2'"  O N N 12  
A   "C1'"  C N R 13  
A   N9     N Y N 14  
A   C8     C Y N 15  
A   N7     N Y N 16  
A   C5     C Y N 17  
A   C6     C Y N 18  
A   N6     N N N 19  
A   N1     N Y N 20  
A   C2     C Y N 21  
A   N3     N Y N 22  
A   C4     C Y N 23  
A   HOP3   H N N 24  
A   HOP2   H N N 25  
A   "H5'"  H N N 26  
A   "H5''" H N N 27  
A   "H4'"  H N N 28  
A   "H3'"  H N N 29  
A   "HO3'" H N N 30  
A   "H2'"  H N N 31  
A   "HO2'" H N N 32  
A   "H1'"  H N N 33  
A   H8     H N N 34  
A   H61    H N N 35  
A   H62    H N N 36  
A   H2     H N N 37  
C   OP3    O N N 38  
C   P      P N N 39  
C   OP1    O N N 40  
C   OP2    O N N 41  
C   "O5'"  O N N 42  
C   "C5'"  C N N 43  
C   "C4'"  C N R 44  
C   "O4'"  O N N 45  
C   "C3'"  C N S 46  
C   "O3'"  O N N 47  
C   "C2'"  C N R 48  
C   "O2'"  O N N 49  
C   "C1'"  C N R 50  
C   N1     N N N 51  
C   C2     C N N 52  
C   O2     O N N 53  
C   N3     N N N 54  
C   C4     C N N 55  
C   N4     N N N 56  
C   C5     C N N 57  
C   C6     C N N 58  
C   HOP3   H N N 59  
C   HOP2   H N N 60  
C   "H5'"  H N N 61  
C   "H5''" H N N 62  
C   "H4'"  H N N 63  
C   "H3'"  H N N 64  
C   "HO3'" H N N 65  
C   "H2'"  H N N 66  
C   "HO2'" H N N 67  
C   "H1'"  H N N 68  
C   H41    H N N 69  
C   H42    H N N 70  
C   H5     H N N 71  
C   H6     H N N 72  
G   OP3    O N N 73  
G   P      P N N 74  
G   OP1    O N N 75  
G   OP2    O N N 76  
G   "O5'"  O N N 77  
G   "C5'"  C N N 78  
G   "C4'"  C N R 79  
G   "O4'"  O N N 80  
G   "C3'"  C N S 81  
G   "O3'"  O N N 82  
G   "C2'"  C N R 83  
G   "O2'"  O N N 84  
G   "C1'"  C N R 85  
G   N9     N Y N 86  
G   C8     C Y N 87  
G   N7     N Y N 88  
G   C5     C Y N 89  
G   C6     C N N 90  
G   O6     O N N 91  
G   N1     N N N 92  
G   C2     C N N 93  
G   N2     N N N 94  
G   N3     N N N 95  
G   C4     C Y N 96  
G   HOP3   H N N 97  
G   HOP2   H N N 98  
G   "H5'"  H N N 99  
G   "H5''" H N N 100 
G   "H4'"  H N N 101 
G   "H3'"  H N N 102 
G   "HO3'" H N N 103 
G   "H2'"  H N N 104 
G   "HO2'" H N N 105 
G   "H1'"  H N N 106 
G   H8     H N N 107 
G   H1     H N N 108 
G   H21    H N N 109 
G   H22    H N N 110 
HOH O      O N N 111 
HOH H1     H N N 112 
HOH H2     H N N 113 
LIV C11    C N S 114 
LIV O11    O N N 115 
LIV C21    C N R 116 
LIV N21    N N N 117 
LIV C31    C N N 118 
LIV C41    C N S 119 
LIV O41    O N N 120 
LIV C51    C N R 121 
LIV O51    O N N 122 
LIV C61    C N N 123 
LIV O61    O N N 124 
LIV C12    C N R 125 
LIV N12    N N N 126 
LIV C62    C N S 127 
LIV O62    O N N 128 
LIV C52    C N R 129 
LIV O52    O N N 130 
LIV C42    C N R 131 
LIV C32    C N S 132 
LIV N32    N N N 133 
LIV C22    C N N 134 
LIV C13    C N S 135 
LIV C23    C N R 136 
LIV O23    O N N 137 
LIV C33    C N S 138 
LIV C43    C N R 139 
LIV O43    O N N 140 
LIV C53    C N N 141 
LIV O53    O N N 142 
LIV C44    C N S 143 
LIV O44    O N N 144 
LIV C34    C N R 145 
LIV O34    O N N 146 
LIV C24    C N R 147 
LIV N24    N N N 148 
LIV C14    C N R 149 
LIV O33    O N N 150 
LIV C54    C N S 151 
LIV O54    O N N 152 
LIV C64    C N N 153 
LIV N64    N N N 154 
LIV C15    C N R 155 
LIV C25    C N S 156 
LIV C35    C N S 157 
LIV C45    C N S 158 
LIV C55    C N R 159 
LIV C65    C N N 160 
LIV O25    O N N 161 
LIV O35    O N N 162 
LIV O45    O N N 163 
LIV O55    O N N 164 
LIV O65    O N N 165 
LIV H11    H N N 166 
LIV H21    H N N 167 
LIV H211   H N N 168 
LIV H212   H N N 169 
LIV H311   H N N 170 
LIV H312   H N N 171 
LIV H41    H N N 172 
LIV H3     H N N 173 
LIV H51    H N N 174 
LIV H611   H N N 175 
LIV H612   H N N 176 
LIV H61    H N N 177 
LIV H12    H N N 178 
LIV H121   H N N 179 
LIV H122   H N N 180 
LIV H62    H N N 181 
LIV H2     H N N 182 
LIV H52    H N N 183 
LIV H42    H N N 184 
LIV H32    H N N 185 
LIV H321   H N N 186 
LIV H322   H N N 187 
LIV H221   H N N 188 
LIV H222   H N N 189 
LIV H13    H N N 190 
LIV H23    H N N 191 
LIV H1     H N N 192 
LIV H33    H N N 193 
LIV H43    H N N 194 
LIV H531   H N N 195 
LIV H532   H N N 196 
LIV H53    H N N 197 
LIV H44    H N N 198 
LIV H34    H N N 199 
LIV H4     H N N 200 
LIV H24    H N N 201 
LIV H241   H N N 202 
LIV H242   H N N 203 
LIV H14    H N N 204 
LIV H54    H N N 205 
LIV H11A   H N N 206 
LIV H12A   H N N 207 
LIV H641   H N N 208 
LIV H642   H N N 209 
LIV H15    H N N 210 
LIV H25    H N N 211 
LIV H35    H N N 212 
LIV H45    H N N 213 
LIV H55    H N N 214 
LIV H651   H N N 215 
LIV H652   H N N 216 
LIV H7     H N N 217 
LIV H6     H N N 218 
LIV H5     H N N 219 
LIV H65    H N N 220 
U   OP3    O N N 221 
U   P      P N N 222 
U   OP1    O N N 223 
U   OP2    O N N 224 
U   "O5'"  O N N 225 
U   "C5'"  C N N 226 
U   "C4'"  C N R 227 
U   "O4'"  O N N 228 
U   "C3'"  C N S 229 
U   "O3'"  O N N 230 
U   "C2'"  C N R 231 
U   "O2'"  O N N 232 
U   "C1'"  C N R 233 
U   N1     N N N 234 
U   C2     C N N 235 
U   O2     O N N 236 
U   N3     N N N 237 
U   C4     C N N 238 
U   O4     O N N 239 
U   C5     C N N 240 
U   C6     C N N 241 
U   HOP3   H N N 242 
U   HOP2   H N N 243 
U   "H5'"  H N N 244 
U   "H5''" H N N 245 
U   "H4'"  H N N 246 
U   "H3'"  H N N 247 
U   "HO3'" H N N 248 
U   "H2'"  H N N 249 
U   "HO2'" H N N 250 
U   "H1'"  H N N 251 
U   H3     H N N 252 
U   H5     H N N 253 
U   H6     H N N 254 
# 
loop_
_chem_comp_bond.comp_id 
_chem_comp_bond.atom_id_1 
_chem_comp_bond.atom_id_2 
_chem_comp_bond.value_order 
_chem_comp_bond.pdbx_aromatic_flag 
_chem_comp_bond.pdbx_stereo_config 
_chem_comp_bond.pdbx_ordinal 
A   OP3   P      sing N N 1   
A   OP3   HOP3   sing N N 2   
A   P     OP1    doub N N 3   
A   P     OP2    sing N N 4   
A   P     "O5'"  sing N N 5   
A   OP2   HOP2   sing N N 6   
A   "O5'" "C5'"  sing N N 7   
A   "C5'" "C4'"  sing N N 8   
A   "C5'" "H5'"  sing N N 9   
A   "C5'" "H5''" sing N N 10  
A   "C4'" "O4'"  sing N N 11  
A   "C4'" "C3'"  sing N N 12  
A   "C4'" "H4'"  sing N N 13  
A   "O4'" "C1'"  sing N N 14  
A   "C3'" "O3'"  sing N N 15  
A   "C3'" "C2'"  sing N N 16  
A   "C3'" "H3'"  sing N N 17  
A   "O3'" "HO3'" sing N N 18  
A   "C2'" "O2'"  sing N N 19  
A   "C2'" "C1'"  sing N N 20  
A   "C2'" "H2'"  sing N N 21  
A   "O2'" "HO2'" sing N N 22  
A   "C1'" N9     sing N N 23  
A   "C1'" "H1'"  sing N N 24  
A   N9    C8     sing Y N 25  
A   N9    C4     sing Y N 26  
A   C8    N7     doub Y N 27  
A   C8    H8     sing N N 28  
A   N7    C5     sing Y N 29  
A   C5    C6     sing Y N 30  
A   C5    C4     doub Y N 31  
A   C6    N6     sing N N 32  
A   C6    N1     doub Y N 33  
A   N6    H61    sing N N 34  
A   N6    H62    sing N N 35  
A   N1    C2     sing Y N 36  
A   C2    N3     doub Y N 37  
A   C2    H2     sing N N 38  
A   N3    C4     sing Y N 39  
C   OP3   P      sing N N 40  
C   OP3   HOP3   sing N N 41  
C   P     OP1    doub N N 42  
C   P     OP2    sing N N 43  
C   P     "O5'"  sing N N 44  
C   OP2   HOP2   sing N N 45  
C   "O5'" "C5'"  sing N N 46  
C   "C5'" "C4'"  sing N N 47  
C   "C5'" "H5'"  sing N N 48  
C   "C5'" "H5''" sing N N 49  
C   "C4'" "O4'"  sing N N 50  
C   "C4'" "C3'"  sing N N 51  
C   "C4'" "H4'"  sing N N 52  
C   "O4'" "C1'"  sing N N 53  
C   "C3'" "O3'"  sing N N 54  
C   "C3'" "C2'"  sing N N 55  
C   "C3'" "H3'"  sing N N 56  
C   "O3'" "HO3'" sing N N 57  
C   "C2'" "O2'"  sing N N 58  
C   "C2'" "C1'"  sing N N 59  
C   "C2'" "H2'"  sing N N 60  
C   "O2'" "HO2'" sing N N 61  
C   "C1'" N1     sing N N 62  
C   "C1'" "H1'"  sing N N 63  
C   N1    C2     sing N N 64  
C   N1    C6     sing N N 65  
C   C2    O2     doub N N 66  
C   C2    N3     sing N N 67  
C   N3    C4     doub N N 68  
C   C4    N4     sing N N 69  
C   C4    C5     sing N N 70  
C   N4    H41    sing N N 71  
C   N4    H42    sing N N 72  
C   C5    C6     doub N N 73  
C   C5    H5     sing N N 74  
C   C6    H6     sing N N 75  
G   OP3   P      sing N N 76  
G   OP3   HOP3   sing N N 77  
G   P     OP1    doub N N 78  
G   P     OP2    sing N N 79  
G   P     "O5'"  sing N N 80  
G   OP2   HOP2   sing N N 81  
G   "O5'" "C5'"  sing N N 82  
G   "C5'" "C4'"  sing N N 83  
G   "C5'" "H5'"  sing N N 84  
G   "C5'" "H5''" sing N N 85  
G   "C4'" "O4'"  sing N N 86  
G   "C4'" "C3'"  sing N N 87  
G   "C4'" "H4'"  sing N N 88  
G   "O4'" "C1'"  sing N N 89  
G   "C3'" "O3'"  sing N N 90  
G   "C3'" "C2'"  sing N N 91  
G   "C3'" "H3'"  sing N N 92  
G   "O3'" "HO3'" sing N N 93  
G   "C2'" "O2'"  sing N N 94  
G   "C2'" "C1'"  sing N N 95  
G   "C2'" "H2'"  sing N N 96  
G   "O2'" "HO2'" sing N N 97  
G   "C1'" N9     sing N N 98  
G   "C1'" "H1'"  sing N N 99  
G   N9    C8     sing Y N 100 
G   N9    C4     sing Y N 101 
G   C8    N7     doub Y N 102 
G   C8    H8     sing N N 103 
G   N7    C5     sing Y N 104 
G   C5    C6     sing N N 105 
G   C5    C4     doub Y N 106 
G   C6    O6     doub N N 107 
G   C6    N1     sing N N 108 
G   N1    C2     sing N N 109 
G   N1    H1     sing N N 110 
G   C2    N2     sing N N 111 
G   C2    N3     doub N N 112 
G   N2    H21    sing N N 113 
G   N2    H22    sing N N 114 
G   N3    C4     sing N N 115 
HOH O     H1     sing N N 116 
HOH O     H2     sing N N 117 
LIV C11   O11    sing N N 118 
LIV C11   C21    sing N N 119 
LIV C11   O51    sing N N 120 
LIV C11   H11    sing N N 121 
LIV O11   C42    sing N N 122 
LIV C21   N21    sing N N 123 
LIV C21   C31    sing N N 124 
LIV C21   H21    sing N N 125 
LIV N21   H211   sing N N 126 
LIV N21   H212   sing N N 127 
LIV C31   C41    sing N N 128 
LIV C31   H311   sing N N 129 
LIV C31   H312   sing N N 130 
LIV C41   O41    sing N N 131 
LIV C41   C51    sing N N 132 
LIV C41   H41    sing N N 133 
LIV O41   H3     sing N N 134 
LIV C51   O51    sing N N 135 
LIV C51   C61    sing N N 136 
LIV C51   H51    sing N N 137 
LIV C61   O61    sing N N 138 
LIV C61   H611   sing N N 139 
LIV C61   H612   sing N N 140 
LIV O61   H61    sing N N 141 
LIV C12   N12    sing N N 142 
LIV C12   C62    sing N N 143 
LIV C12   C22    sing N N 144 
LIV C12   H12    sing N N 145 
LIV N12   H121   sing N N 146 
LIV N12   H122   sing N N 147 
LIV C62   O62    sing N N 148 
LIV C62   C52    sing N N 149 
LIV C62   H62    sing N N 150 
LIV O62   H2     sing N N 151 
LIV C52   O52    sing N N 152 
LIV C52   C42    sing N N 153 
LIV C52   H52    sing N N 154 
LIV O52   C13    sing N N 155 
LIV C42   C32    sing N N 156 
LIV C42   H42    sing N N 157 
LIV C32   N32    sing N N 158 
LIV C32   C22    sing N N 159 
LIV C32   H32    sing N N 160 
LIV N32   H321   sing N N 161 
LIV N32   H322   sing N N 162 
LIV C22   H221   sing N N 163 
LIV C22   H222   sing N N 164 
LIV C13   C23    sing N N 165 
LIV C13   O43    sing N N 166 
LIV C13   H13    sing N N 167 
LIV C23   O23    sing N N 168 
LIV C23   C33    sing N N 169 
LIV C23   H23    sing N N 170 
LIV O23   H1     sing N N 171 
LIV C33   C43    sing N N 172 
LIV C33   O33    sing N N 173 
LIV C33   H33    sing N N 174 
LIV C43   O43    sing N N 175 
LIV C43   C53    sing N N 176 
LIV C43   H43    sing N N 177 
LIV C53   O53    sing N N 178 
LIV C53   H531   sing N N 179 
LIV C53   H532   sing N N 180 
LIV O53   H53    sing N N 181 
LIV C44   O44    sing N N 182 
LIV C44   C34    sing N N 183 
LIV C44   C54    sing N N 184 
LIV C44   H44    sing N N 185 
LIV O44   C15    sing N N 186 
LIV C34   O34    sing N N 187 
LIV C34   C24    sing N N 188 
LIV C34   H34    sing N N 189 
LIV O34   H4     sing N N 190 
LIV C24   N24    sing N N 191 
LIV C24   C14    sing N N 192 
LIV C24   H24    sing N N 193 
LIV N24   H241   sing N N 194 
LIV N24   H242   sing N N 195 
LIV C14   O33    sing N N 196 
LIV C14   O54    sing N N 197 
LIV C14   H14    sing N N 198 
LIV C54   O54    sing N N 199 
LIV C54   C64    sing N N 200 
LIV C54   H54    sing N N 201 
LIV C64   N64    sing N N 202 
LIV C64   H11A   sing N N 203 
LIV C64   H12A   sing N N 204 
LIV N64   H641   sing N N 205 
LIV N64   H642   sing N N 206 
LIV C15   C25    sing N N 207 
LIV C15   O55    sing N N 208 
LIV C15   H15    sing N N 209 
LIV C25   C35    sing N N 210 
LIV C25   O25    sing N N 211 
LIV C25   H25    sing N N 212 
LIV C35   C45    sing N N 213 
LIV C35   O35    sing N N 214 
LIV C35   H35    sing N N 215 
LIV C45   C55    sing N N 216 
LIV C45   O45    sing N N 217 
LIV C45   H45    sing N N 218 
LIV C55   C65    sing N N 219 
LIV C55   O55    sing N N 220 
LIV C55   H55    sing N N 221 
LIV C65   O65    sing N N 222 
LIV C65   H651   sing N N 223 
LIV C65   H652   sing N N 224 
LIV O25   H7     sing N N 225 
LIV O35   H6     sing N N 226 
LIV O45   H5     sing N N 227 
LIV O65   H65    sing N N 228 
U   OP3   P      sing N N 229 
U   OP3   HOP3   sing N N 230 
U   P     OP1    doub N N 231 
U   P     OP2    sing N N 232 
U   P     "O5'"  sing N N 233 
U   OP2   HOP2   sing N N 234 
U   "O5'" "C5'"  sing N N 235 
U   "C5'" "C4'"  sing N N 236 
U   "C5'" "H5'"  sing N N 237 
U   "C5'" "H5''" sing N N 238 
U   "C4'" "O4'"  sing N N 239 
U   "C4'" "C3'"  sing N N 240 
U   "C4'" "H4'"  sing N N 241 
U   "O4'" "C1'"  sing N N 242 
U   "C3'" "O3'"  sing N N 243 
U   "C3'" "C2'"  sing N N 244 
U   "C3'" "H3'"  sing N N 245 
U   "O3'" "HO3'" sing N N 246 
U   "C2'" "O2'"  sing N N 247 
U   "C2'" "C1'"  sing N N 248 
U   "C2'" "H2'"  sing N N 249 
U   "O2'" "HO2'" sing N N 250 
U   "C1'" N1     sing N N 251 
U   "C1'" "H1'"  sing N N 252 
U   N1    C2     sing N N 253 
U   N1    C6     sing N N 254 
U   C2    O2     doub N N 255 
U   C2    N3     sing N N 256 
U   N3    C4     sing N N 257 
U   N3    H3     sing N N 258 
U   C4    O4     doub N N 259 
U   C4    C5     sing N N 260 
U   C5    C6     doub N N 261 
U   C5    H5     sing N N 262 
U   C6    H6     sing N N 263 
# 
loop_
_ndb_struct_conf_na.entry_id 
_ndb_struct_conf_na.feature 
2ESJ 'double helix'         
2ESJ 'a-form double helix'  
2ESJ 'mismatched base pair' 
2ESJ 'internal loop'        
# 
loop_
_ndb_struct_na_base_pair.model_number 
_ndb_struct_na_base_pair.i_label_asym_id 
_ndb_struct_na_base_pair.i_label_comp_id 
_ndb_struct_na_base_pair.i_label_seq_id 
_ndb_struct_na_base_pair.i_symmetry 
_ndb_struct_na_base_pair.j_label_asym_id 
_ndb_struct_na_base_pair.j_label_comp_id 
_ndb_struct_na_base_pair.j_label_seq_id 
_ndb_struct_na_base_pair.j_symmetry 
_ndb_struct_na_base_pair.shear 
_ndb_struct_na_base_pair.stretch 
_ndb_struct_na_base_pair.stagger 
_ndb_struct_na_base_pair.buckle 
_ndb_struct_na_base_pair.propeller 
_ndb_struct_na_base_pair.opening 
_ndb_struct_na_base_pair.pair_number 
_ndb_struct_na_base_pair.pair_name 
_ndb_struct_na_base_pair.i_auth_asym_id 
_ndb_struct_na_base_pair.i_auth_seq_id 
_ndb_struct_na_base_pair.i_PDB_ins_code 
_ndb_struct_na_base_pair.j_auth_asym_id 
_ndb_struct_na_base_pair.j_auth_seq_id 
_ndb_struct_na_base_pair.j_PDB_ins_code 
_ndb_struct_na_base_pair.hbond_type_28 
_ndb_struct_na_base_pair.hbond_type_12 
1 A G 2  1_555 B C 22 1_555 -0.810 -0.459 0.238  6.294  -7.248  1.734   1  A_G2:C45_B  A 2  ? B 45 ? 19 1 
1 A C 3  1_555 B G 21 1_555 -0.502 -0.377 0.024  0.500  -12.299 -2.616  2  A_C3:G44_B  A 3  ? B 44 ? 19 1 
1 A G 4  1_555 B C 20 1_555 -0.168 -0.178 -0.126 -2.913 -11.418 0.274   3  A_G4:C43_B  A 4  ? B 43 ? 19 1 
1 A U 5  1_555 B U 19 1_555 -2.294 -1.045 -0.684 8.509  -12.512 -26.249 4  A_U5:U42_B  A 5  ? B 42 ? ?  ? 
1 A C 6  1_555 B G 18 1_555 0.320  -0.187 -0.288 3.710  -5.557  1.302   5  A_C6:G41_B  A 6  ? B 41 ? 19 1 
1 A C 8  1_555 B G 15 1_555 0.199  -0.152 0.164  5.875  -16.787 2.257   6  A_C8:G38_B  A 8  ? B 38 ? 19 1 
1 A A 9  1_555 B U 14 1_555 0.145  0.105  0.550  7.441  -16.173 12.370  7  A_A9:U37_B  A 9  ? B 37 ? ?  1 
1 A C 10 1_555 B G 13 1_555 0.485  -0.084 -0.073 16.058 -23.102 0.103   8  A_C10:G36_B A 10 ? B 36 ? 19 1 
1 A C 11 1_555 B G 12 1_555 0.343  -0.144 0.285  -0.375 -12.007 -4.328  9  A_C11:G35_B A 11 ? B 35 ? 19 1 
1 A G 12 1_555 B C 11 1_555 -0.036 -0.463 0.219  -0.921 -11.759 -4.715  10 A_G12:C34_B A 12 ? B 34 ? 19 1 
1 A G 13 1_555 B C 10 1_555 -0.115 -0.093 0.086  -6.738 -19.421 2.260   11 A_G13:C33_B A 13 ? B 33 ? 19 1 
1 A U 14 1_555 B A 9  1_555 0.357  -0.272 0.579  -4.486 -14.562 1.186   12 A_U14:A32_B A 14 ? B 32 ? 20 1 
1 A G 15 1_555 B C 8  1_555 -0.318 -0.189 -0.170 -5.554 -17.199 1.836   13 A_G15:C31_B A 15 ? B 31 ? 19 1 
1 A G 18 1_555 B C 6  1_555 -0.089 -0.069 -0.015 -1.377 -3.390  1.263   14 A_G18:C29_B A 18 ? B 29 ? 19 1 
1 A U 19 1_555 B U 5  1_555 2.141  -1.201 -0.115 -5.856 -7.744  -29.741 15 A_U19:U28_B A 19 ? B 28 ? ?  ? 
1 A C 20 1_555 B G 4  1_555 0.721  -0.211 0.016  -4.655 -7.187  0.830   16 A_C20:G27_B A 20 ? B 27 ? 19 1 
1 A G 21 1_555 B C 3  1_555 0.261  -0.314 0.162  -2.830 -9.777  0.127   17 A_G21:C26_B A 21 ? B 26 ? 19 1 
1 A C 22 1_555 B G 2  1_555 0.703  -0.292 0.091  -1.279 -11.931 1.191   18 A_C22:G25_B A 22 ? B 25 ? 19 1 
# 
loop_
_ndb_struct_na_base_pair_step.model_number 
_ndb_struct_na_base_pair_step.i_label_asym_id_1 
_ndb_struct_na_base_pair_step.i_label_comp_id_1 
_ndb_struct_na_base_pair_step.i_label_seq_id_1 
_ndb_struct_na_base_pair_step.i_symmetry_1 
_ndb_struct_na_base_pair_step.j_label_asym_id_1 
_ndb_struct_na_base_pair_step.j_label_comp_id_1 
_ndb_struct_na_base_pair_step.j_label_seq_id_1 
_ndb_struct_na_base_pair_step.j_symmetry_1 
_ndb_struct_na_base_pair_step.i_label_asym_id_2 
_ndb_struct_na_base_pair_step.i_label_comp_id_2 
_ndb_struct_na_base_pair_step.i_label_seq_id_2 
_ndb_struct_na_base_pair_step.i_symmetry_2 
_ndb_struct_na_base_pair_step.j_label_asym_id_2 
_ndb_struct_na_base_pair_step.j_label_comp_id_2 
_ndb_struct_na_base_pair_step.j_label_seq_id_2 
_ndb_struct_na_base_pair_step.j_symmetry_2 
_ndb_struct_na_base_pair_step.shift 
_ndb_struct_na_base_pair_step.slide 
_ndb_struct_na_base_pair_step.rise 
_ndb_struct_na_base_pair_step.tilt 
_ndb_struct_na_base_pair_step.roll 
_ndb_struct_na_base_pair_step.twist 
_ndb_struct_na_base_pair_step.x_displacement 
_ndb_struct_na_base_pair_step.y_displacement 
_ndb_struct_na_base_pair_step.helical_rise 
_ndb_struct_na_base_pair_step.inclination 
_ndb_struct_na_base_pair_step.tip 
_ndb_struct_na_base_pair_step.helical_twist 
_ndb_struct_na_base_pair_step.step_number 
_ndb_struct_na_base_pair_step.step_name 
_ndb_struct_na_base_pair_step.i_auth_asym_id_1 
_ndb_struct_na_base_pair_step.i_auth_seq_id_1 
_ndb_struct_na_base_pair_step.i_PDB_ins_code_1 
_ndb_struct_na_base_pair_step.j_auth_asym_id_1 
_ndb_struct_na_base_pair_step.j_auth_seq_id_1 
_ndb_struct_na_base_pair_step.j_PDB_ins_code_1 
_ndb_struct_na_base_pair_step.i_auth_asym_id_2 
_ndb_struct_na_base_pair_step.i_auth_seq_id_2 
_ndb_struct_na_base_pair_step.i_PDB_ins_code_2 
_ndb_struct_na_base_pair_step.j_auth_asym_id_2 
_ndb_struct_na_base_pair_step.j_auth_seq_id_2 
_ndb_struct_na_base_pair_step.j_PDB_ins_code_2 
1 A G 2  1_555 B C 22 1_555 A C 3  1_555 B G 21 1_555 -0.652 -1.648 3.347 -2.263 4.636  33.244 -3.603 0.759  3.131 8.043  3.926  
33.631 1  AA_G2C3:G44C45_BB   A 2  ? B 45 ? A 3  ? B 44 ? 
1 A C 3  1_555 B G 21 1_555 A G 4  1_555 B C 20 1_555 -0.156 -1.604 3.242 1.930  9.861  35.983 -3.716 0.481  2.712 15.591 -3.051 
37.315 2  AA_C3G4:C43G44_BB   A 3  ? B 44 ? A 4  ? B 43 ? 
1 A G 4  1_555 B C 20 1_555 A U 5  1_555 B U 19 1_555 -0.761 -1.926 3.052 2.545  3.102  22.080 -5.960 2.784  2.656 8.014  -6.574 
22.437 3  AA_G4U5:U42C43_BB   A 4  ? B 43 ? A 5  ? B 42 ? 
1 A U 5  1_555 B U 19 1_555 A C 6  1_555 B G 18 1_555 2.381  -2.395 3.450 -0.573 3.973  40.348 -3.907 -3.501 3.177 5.743  0.828  
40.539 4  AA_U5C6:G41U42_BB   A 5  ? B 42 ? A 6  ? B 41 ? 
1 A C 8  1_555 B G 15 1_555 A A 9  1_555 B U 14 1_555 0.636  -1.744 2.863 -1.013 11.424 31.678 -4.475 -1.228 2.105 20.121 1.785  
33.640 5  AA_C8A9:U37G38_BB   A 8  ? B 38 ? A 9  ? B 37 ? 
1 A A 9  1_555 B U 14 1_555 A C 10 1_555 B G 13 1_555 -0.804 -0.950 2.906 4.008  6.332  31.636 -2.637 2.031  2.555 11.416 -7.226 
32.489 6  AA_A9C10:G36U37_BB  A 9  ? B 37 ? A 10 ? B 36 ? 
1 A C 10 1_555 B G 13 1_555 A C 11 1_555 B G 12 1_555 -0.402 -1.853 3.570 -4.734 7.667  35.124 -4.102 -0.046 3.136 12.452 7.690  
36.226 7  AA_C10C11:G35G36_BB A 10 ? B 36 ? A 11 ? B 35 ? 
1 A C 11 1_555 B G 12 1_555 A G 12 1_555 B C 11 1_555 -0.565 -2.263 3.142 -0.544 8.696  24.559 -7.042 1.129  2.234 19.670 1.230  
26.036 8  AA_C11G12:C34G35_BB A 11 ? B 35 ? A 12 ? B 34 ? 
1 A G 12 1_555 B C 11 1_555 A G 13 1_555 B C 10 1_555 -0.002 -1.402 3.305 -0.913 7.544  33.622 -3.500 -0.134 2.930 12.840 1.553  
34.446 9  AA_G12G13:C33C34_BB A 12 ? B 34 ? A 13 ? B 33 ? 
1 A G 13 1_555 B C 10 1_555 A U 14 1_555 B A 9  1_555 0.124  -1.100 3.153 -4.932 6.023  34.156 -2.675 -0.899 2.878 10.092 8.264  
35.006 10 AA_G13U14:A32C33_BB A 13 ? B 33 ? A 14 ? B 32 ? 
1 A U 14 1_555 B A 9  1_555 A G 15 1_555 B C 8  1_555 -0.188 -1.808 3.163 4.816  7.624  31.644 -4.370 1.074  2.612 13.638 -8.615 
32.872 11 AA_U14G15:C31A32_BB A 14 ? B 32 ? A 15 ? B 31 ? 
1 A G 15 1_555 B C 8  1_555 A G 18 1_555 B C 6  1_555 -1.370 -3.594 6.363 9.624  19.725 78.972 -3.672 1.498  5.338 15.241 -7.436 
81.482 12 AA_G15G18:C29C31_BB A 15 ? B 31 ? A 18 ? B 29 ? 
1 A G 18 1_555 B C 6  1_555 A U 19 1_555 B U 5  1_555 -2.185 -2.661 3.404 -1.330 1.003  39.832 -4.023 3.044  3.407 1.472  1.952  
39.865 13 AA_G18U19:U28C29_BB A 18 ? B 29 ? A 19 ? B 28 ? 
1 A U 19 1_555 B U 5  1_555 A C 20 1_555 B G 4  1_555 0.821  -2.227 3.136 0.357  4.553  26.105 -5.947 -1.706 2.726 9.982  -0.782 
26.494 14 AA_U19C20:G27U28_BB A 19 ? B 28 ? A 20 ? B 27 ? 
1 A C 20 1_555 B G 4  1_555 A G 21 1_555 B C 3  1_555 0.089  -1.723 3.027 -1.369 8.647  31.049 -4.422 -0.369 2.464 15.764 2.496  
32.231 15 AA_C20G21:C26G27_BB A 20 ? B 27 ? A 21 ? B 26 ? 
1 A G 21 1_555 B C 3  1_555 A C 22 1_555 B G 2  1_555 0.353  -1.590 3.265 4.172  3.251  35.495 -3.038 0.014  3.132 5.296  -6.796 
35.874 16 AA_G21C22:G25C26_BB A 21 ? B 26 ? A 22 ? B 25 ? 
# 
_atom_sites.entry_id                    2ESJ 
_atom_sites.fract_transf_matrix[1][1]   0.02632854 
_atom_sites.fract_transf_matrix[1][2]   0.01144282 
_atom_sites.fract_transf_matrix[1][3]   0.00764819 
_atom_sites.fract_transf_matrix[2][1]   0.00010221 
_atom_sites.fract_transf_matrix[2][2]   -0.01263214 
_atom_sites.fract_transf_matrix[2][3]   0.01854770 
_atom_sites.fract_transf_matrix[3][1]   0.00484656 
_atom_sites.fract_transf_matrix[3][2]   -0.00765078 
_atom_sites.fract_transf_matrix[3][3]   -0.00523736 
_atom_sites.fract_transf_vector[1]      0.283632 
_atom_sites.fract_transf_vector[2]      0.083541 
_atom_sites.fract_transf_vector[3]      0.123695 
# 
loop_
_atom_type.symbol 
C 
N 
O 
P 
# 
loop_
_atom_site.group_PDB 
_atom_site.id 
_atom_site.type_symbol 
_atom_site.label_atom_id 
_atom_site.label_alt_id 
_atom_site.label_comp_id 
_atom_site.label_asym_id 
_atom_site.label_entity_id 
_atom_site.label_seq_id 
_atom_site.pdbx_PDB_ins_code 
_atom_site.Cartn_x 
_atom_site.Cartn_y 
_atom_site.Cartn_z 
_atom_site.occupancy 
_atom_site.B_iso_or_equiv 
_atom_site.pdbx_formal_charge 
_atom_site.auth_seq_id 
_atom_site.auth_comp_id 
_atom_site.auth_asym_id 
_atom_site.auth_atom_id 
_atom_site.pdbx_PDB_model_num 
ATOM   1    P P     . G   A 1 2  ? -11.694 -9.918  18.547  1.00 57.25 ? 2   G   A P     1 
ATOM   2    O OP1   . G   A 1 2  ? -12.571 -9.727  19.786  1.00 57.86 ? 2   G   A OP1   1 
ATOM   3    O OP2   . G   A 1 2  ? -12.385 -10.740 17.465  1.00 57.91 ? 2   G   A OP2   1 
ATOM   4    O "O5'" . G   A 1 2  ? -10.436 -10.827 19.062  1.00 54.84 ? 2   G   A "O5'" 1 
ATOM   5    C "C5'" . G   A 1 2  ? -10.602 -11.753 20.158  1.00 50.45 ? 2   G   A "C5'" 1 
ATOM   6    C "C4'" . G   A 1 2  ? -9.955  -13.080 19.834  1.00 47.35 ? 2   G   A "C4'" 1 
ATOM   7    O "O4'" . G   A 1 2  ? -10.963 -14.101 19.613  1.00 44.98 ? 2   G   A "O4'" 1 
ATOM   8    C "C3'" . G   A 1 2  ? -9.100  -13.101 18.582  1.00 45.58 ? 2   G   A "C3'" 1 
ATOM   9    O "O3'" . G   A 1 2  ? -7.808  -12.608 18.928  1.00 45.28 ? 2   G   A "O3'" 1 
ATOM   10   C "C2'" . G   A 1 2  ? -9.112  -14.583 18.203  1.00 43.96 ? 2   G   A "C2'" 1 
ATOM   11   O "O2'" . G   A 1 2  ? -8.201  -15.348 18.958  1.00 44.72 ? 2   G   A "O2'" 1 
ATOM   12   C "C1'" . G   A 1 2  ? -10.528 -15.000 18.611  1.00 42.37 ? 2   G   A "C1'" 1 
ATOM   13   N N9    . G   A 1 2  ? -11.531 -14.977 17.555  1.00 39.37 ? 2   G   A N9    1 
ATOM   14   C C8    . G   A 1 2  ? -12.502 -14.019 17.388  1.00 38.73 ? 2   G   A C8    1 
ATOM   15   N N7    . G   A 1 2  ? -13.309 -14.276 16.396  1.00 37.85 ? 2   G   A N7    1 
ATOM   16   C C5    . G   A 1 2  ? -12.833 -15.466 15.866  1.00 36.36 ? 2   G   A C5    1 
ATOM   17   C C6    . G   A 1 2  ? -13.301 -16.228 14.773  1.00 36.00 ? 2   G   A C6    1 
ATOM   18   O O6    . G   A 1 2  ? -14.266 -16.007 14.042  1.00 36.67 ? 2   G   A O6    1 
ATOM   19   N N1    . G   A 1 2  ? -12.524 -17.351 14.562  1.00 35.22 ? 2   G   A N1    1 
ATOM   20   C C2    . G   A 1 2  ? -11.436 -17.708 15.313  1.00 35.46 ? 2   G   A C2    1 
ATOM   21   N N2    . G   A 1 2  ? -10.814 -18.844 14.932  1.00 36.30 ? 2   G   A N2    1 
ATOM   22   N N3    . G   A 1 2  ? -10.990 -17.011 16.351  1.00 35.33 ? 2   G   A N3    1 
ATOM   23   C C4    . G   A 1 2  ? -11.729 -15.908 16.564  1.00 36.73 ? 2   G   A C4    1 
ATOM   24   P P     . C   A 1 3  ? -6.731  -12.300 17.779  1.00 43.51 ? 3   C   A P     1 
ATOM   25   O OP1   . C   A 1 3  ? -5.495  -11.792 18.431  1.00 43.95 ? 3   C   A OP1   1 
ATOM   26   O OP2   . C   A 1 3  ? -7.382  -11.498 16.720  1.00 43.94 ? 3   C   A OP2   1 
ATOM   27   O "O5'" . C   A 1 3  ? -6.430  -13.746 17.212  1.00 42.19 ? 3   C   A "O5'" 1 
ATOM   28   C "C5'" . C   A 1 3  ? -5.753  -13.883 16.002  1.00 40.92 ? 3   C   A "C5'" 1 
ATOM   29   C "C4'" . C   A 1 3  ? -5.730  -15.316 15.576  1.00 39.69 ? 3   C   A "C4'" 1 
ATOM   30   O "O4'" . C   A 1 3  ? -7.023  -15.949 15.755  1.00 39.46 ? 3   C   A "O4'" 1 
ATOM   31   C "C3'" . C   A 1 3  ? -5.489  -15.355 14.098  1.00 39.07 ? 3   C   A "C3'" 1 
ATOM   32   O "O3'" . C   A 1 3  ? -4.109  -15.213 13.888  1.00 38.62 ? 3   C   A "O3'" 1 
ATOM   33   C "C2'" . C   A 1 3  ? -6.127  -16.660 13.669  1.00 38.46 ? 3   C   A "C2'" 1 
ATOM   34   O "O2'" . C   A 1 3  ? -5.272  -17.751 13.908  1.00 39.11 ? 3   C   A "O2'" 1 
ATOM   35   C "C1'" . C   A 1 3  ? -7.354  -16.694 14.590  1.00 37.90 ? 3   C   A "C1'" 1 
ATOM   36   N N1    . C   A 1 3  ? -8.560  -16.081 14.015  1.00 36.10 ? 3   C   A N1    1 
ATOM   37   C C2    . C   A 1 3  ? -9.147  -16.648 12.891  1.00 34.64 ? 3   C   A C2    1 
ATOM   38   O O2    . C   A 1 3  ? -8.647  -17.657 12.401  1.00 35.78 ? 3   C   A O2    1 
ATOM   39   N N3    . C   A 1 3  ? -10.248 -16.087 12.366  1.00 33.82 ? 3   C   A N3    1 
ATOM   40   C C4    . C   A 1 3  ? -10.778 -15.003 12.928  1.00 34.40 ? 3   C   A C4    1 
ATOM   41   N N4    . C   A 1 3  ? -11.900 -14.493 12.387  1.00 35.42 ? 3   C   A N4    1 
ATOM   42   C C5    . C   A 1 3  ? -10.197 -14.395 14.074  1.00 35.41 ? 3   C   A C5    1 
ATOM   43   C C6    . C   A 1 3  ? -9.097  -14.963 14.581  1.00 36.36 ? 3   C   A C6    1 
ATOM   44   P P     . G   A 1 4  ? -3.614  -14.117 12.852  1.00 38.65 ? 4   G   A P     1 
ATOM   45   O OP1   . G   A 1 4  ? -2.132  -14.070 12.880  1.00 40.88 ? 4   G   A OP1   1 
ATOM   46   O OP2   . G   A 1 4  ? -4.388  -12.879 13.118  1.00 36.67 ? 4   G   A OP2   1 
ATOM   47   O "O5'" . G   A 1 4  ? -4.084  -14.804 11.502  1.00 37.31 ? 4   G   A "O5'" 1 
ATOM   48   C "C5'" . G   A 1 4  ? -3.628  -16.111 11.224  1.00 35.59 ? 4   G   A "C5'" 1 
ATOM   49   C "C4'" . G   A 1 4  ? -4.111  -16.557 9.882   1.00 33.86 ? 4   G   A "C4'" 1 
ATOM   50   O "O4'" . G   A 1 4  ? -5.468  -17.054 9.971   1.00 32.36 ? 4   G   A "O4'" 1 
ATOM   51   C "C3'" . G   A 1 4  ? -4.170  -15.479 8.828   1.00 34.06 ? 4   G   A "C3'" 1 
ATOM   52   O "O3'" . G   A 1 4  ? -2.869  -15.237 8.310   1.00 36.37 ? 4   G   A "O3'" 1 
ATOM   53   C "C2'" . G   A 1 4  ? -5.130  -16.117 7.832   1.00 33.24 ? 4   G   A "C2'" 1 
ATOM   54   O "O2'" . G   A 1 4  ? -4.505  -17.173 7.124   1.00 33.47 ? 4   G   A "O2'" 1 
ATOM   55   C "C1'" . G   A 1 4  ? -6.167  -16.728 8.783   1.00 31.43 ? 4   G   A "C1'" 1 
ATOM   56   N N9    . G   A 1 4  ? -7.233  -15.803 9.149   1.00 27.85 ? 4   G   A N9    1 
ATOM   57   C C8    . G   A 1 4  ? -7.241  -14.939 10.221  1.00 27.31 ? 4   G   A C8    1 
ATOM   58   N N7    . G   A 1 4  ? -8.333  -14.221 10.293  1.00 26.93 ? 4   G   A N7    1 
ATOM   59   C C5    . G   A 1 4  ? -9.089  -14.635 9.201   1.00 27.02 ? 4   G   A C5    1 
ATOM   60   C C6    . G   A 1 4  ? -10.357 -14.200 8.745   1.00 25.73 ? 4   G   A C6    1 
ATOM   61   O O6    . G   A 1 4  ? -11.096 -13.343 9.239   1.00 24.05 ? 4   G   A O6    1 
ATOM   62   N N1    . G   A 1 4  ? -10.750 -14.875 7.587   1.00 25.44 ? 4   G   A N1    1 
ATOM   63   C C2    . G   A 1 4  ? -10.018 -15.846 6.950   1.00 26.35 ? 4   G   A C2    1 
ATOM   64   N N2    . G   A 1 4  ? -10.567 -16.374 5.846   1.00 26.56 ? 4   G   A N2    1 
ATOM   65   N N3    . G   A 1 4  ? -8.831  -16.266 7.365   1.00 26.01 ? 4   G   A N3    1 
ATOM   66   C C4    . G   A 1 4  ? -8.428  -15.617 8.487   1.00 27.86 ? 4   G   A C4    1 
ATOM   67   P P     . U   A 1 5  ? -2.619  -13.976 7.349   1.00 37.84 ? 5   U   A P     1 
ATOM   68   O OP1   . U   A 1 5  ? -1.253  -14.140 6.799   1.00 38.81 ? 5   U   A OP1   1 
ATOM   69   O OP2   . U   A 1 5  ? -2.977  -12.726 8.066   1.00 36.52 ? 5   U   A OP2   1 
ATOM   70   O "O5'" . U   A 1 5  ? -3.659  -14.268 6.176   1.00 37.82 ? 5   U   A "O5'" 1 
ATOM   71   C "C5'" . U   A 1 5  ? -4.050  -13.274 5.244   1.00 37.23 ? 5   U   A "C5'" 1 
ATOM   72   C "C4'" . U   A 1 5  ? -4.823  -13.917 4.119   1.00 35.99 ? 5   U   A "C4'" 1 
ATOM   73   O "O4'" . U   A 1 5  ? -5.953  -14.669 4.651   1.00 35.30 ? 5   U   A "O4'" 1 
ATOM   74   C "C3'" . U   A 1 5  ? -5.461  -12.934 3.161   1.00 37.69 ? 5   U   A "C3'" 1 
ATOM   75   O "O3'" . U   A 1 5  ? -4.524  -12.468 2.210   1.00 38.86 ? 5   U   A "O3'" 1 
ATOM   76   C "C2'" . U   A 1 5  ? -6.580  -13.764 2.551   1.00 36.20 ? 5   U   A "C2'" 1 
ATOM   77   O "O2'" . U   A 1 5  ? -6.102  -14.637 1.544   1.00 37.35 ? 5   U   A "O2'" 1 
ATOM   78   C "C1'" . U   A 1 5  ? -7.077  -14.531 3.784   1.00 33.38 ? 5   U   A "C1'" 1 
ATOM   79   N N1    . U   A 1 5  ? -8.106  -13.756 4.497   1.00 28.65 ? 5   U   A N1    1 
ATOM   80   C C2    . U   A 1 5  ? -9.371  -13.751 3.979   1.00 27.78 ? 5   U   A C2    1 
ATOM   81   O O2    . U   A 1 5  ? -9.689  -14.405 3.014   1.00 28.24 ? 5   U   A O2    1 
ATOM   82   N N3    . U   A 1 5  ? -10.263 -12.947 4.634   1.00 26.16 ? 5   U   A N3    1 
ATOM   83   C C4    . U   A 1 5  ? -10.027 -12.175 5.744   1.00 25.62 ? 5   U   A C4    1 
ATOM   84   O O4    . U   A 1 5  ? -10.920 -11.427 6.162   1.00 25.73 ? 5   U   A O4    1 
ATOM   85   C C5    . U   A 1 5  ? -8.699  -12.266 6.252   1.00 25.89 ? 5   U   A C5    1 
ATOM   86   C C6    . U   A 1 5  ? -7.805  -13.036 5.623   1.00 27.94 ? 5   U   A C6    1 
ATOM   87   P P     . C   A 1 6  ? -4.345  -10.885 2.008   1.00 40.52 ? 6   C   A P     1 
ATOM   88   O OP1   . C   A 1 6  ? -3.365  -10.710 0.898   1.00 42.09 ? 6   C   A OP1   1 
ATOM   89   O OP2   . C   A 1 6  ? -4.099  -10.224 3.316   1.00 40.44 ? 6   C   A OP2   1 
ATOM   90   O "O5'" . C   A 1 6  ? -5.790  -10.430 1.509   1.00 39.33 ? 6   C   A "O5'" 1 
ATOM   91   C "C5'" . C   A 1 6  ? -6.446  -11.137 0.462   1.00 36.59 ? 6   C   A "C5'" 1 
ATOM   92   C "C4'" . C   A 1 6  ? -7.889  -10.711 0.359   1.00 34.75 ? 6   C   A "C4'" 1 
ATOM   93   O "O4'" . C   A 1 6  ? -8.652  -11.145 1.525   1.00 33.42 ? 6   C   A "O4'" 1 
ATOM   94   C "C3'" . C   A 1 6  ? -8.134  -9.221  0.343   1.00 35.18 ? 6   C   A "C3'" 1 
ATOM   95   O "O3'" . C   A 1 6  ? -7.823  -8.649  -0.923  1.00 35.40 ? 6   C   A "O3'" 1 
ATOM   96   C "C2'" . C   A 1 6  ? -9.624  -9.173  0.657   1.00 33.67 ? 6   C   A "C2'" 1 
ATOM   97   O "O2'" . C   A 1 6  ? -10.431 -9.491  -0.457  1.00 32.54 ? 6   C   A "O2'" 1 
ATOM   98   C "C1'" . C   A 1 6  ? -9.743  -10.265 1.725   1.00 30.88 ? 6   C   A "C1'" 1 
ATOM   99   N N1    . C   A 1 6  ? -9.645  -9.678  3.069   1.00 27.12 ? 6   C   A N1    1 
ATOM   100  C C2    . C   A 1 6  ? -10.766 -9.006  3.589   1.00 26.27 ? 6   C   A C2    1 
ATOM   101  O O2    . C   A 1 6  ? -11.823 -8.974  2.912   1.00 26.00 ? 6   C   A O2    1 
ATOM   102  N N3    . C   A 1 6  ? -10.678 -8.404  4.795   1.00 23.73 ? 6   C   A N3    1 
ATOM   103  C C4    . C   A 1 6  ? -9.537  -8.452  5.477   1.00 24.71 ? 6   C   A C4    1 
ATOM   104  N N4    . C   A 1 6  ? -9.483  -7.812  6.642   1.00 24.04 ? 6   C   A N4    1 
ATOM   105  C C5    . C   A 1 6  ? -8.390  -9.155  4.987   1.00 25.48 ? 6   C   A C5    1 
ATOM   106  C C6    . C   A 1 6  ? -8.490  -9.750  3.789   1.00 25.38 ? 6   C   A C6    1 
ATOM   107  P P     . A   A 1 7  ? -7.380  -7.104  -1.009  1.00 35.74 ? 7   A   A P     1 
ATOM   108  O OP1   . A   A 1 7  ? -6.927  -6.893  -2.405  1.00 37.20 ? 7   A   A OP1   1 
ATOM   109  O OP2   . A   A 1 7  ? -6.467  -6.774  0.109   1.00 34.34 ? 7   A   A OP2   1 
ATOM   110  O "O5'" . A   A 1 7  ? -8.741  -6.298  -0.773  1.00 33.80 ? 7   A   A "O5'" 1 
ATOM   111  C "C5'" . A   A 1 7  ? -9.934  -6.628  -1.491  1.00 30.37 ? 7   A   A "C5'" 1 
ATOM   112  C "C4'" . A   A 1 7  ? -11.105 -5.817  -0.976  1.00 26.43 ? 7   A   A "C4'" 1 
ATOM   113  O "O4'" . A   A 1 7  ? -11.487 -6.269  0.344   1.00 25.59 ? 7   A   A "O4'" 1 
ATOM   114  C "C3'" . A   A 1 7  ? -10.826 -4.345  -0.764  1.00 27.19 ? 7   A   A "C3'" 1 
ATOM   115  O "O3'" . A   A 1 7  ? -10.898 -3.622  -1.977  1.00 28.06 ? 7   A   A "O3'" 1 
ATOM   116  C "C2'" . A   A 1 7  ? -11.929 -3.946  0.197   1.00 25.56 ? 7   A   A "C2'" 1 
ATOM   117  O "O2'" . A   A 1 7  ? -13.176 -3.774  -0.429  1.00 25.66 ? 7   A   A "O2'" 1 
ATOM   118  C "C1'" . A   A 1 7  ? -12.006 -5.181  1.087   1.00 23.70 ? 7   A   A "C1'" 1 
ATOM   119  N N9    . A   A 1 7  ? -11.218 -5.031  2.306   1.00 19.38 ? 7   A   A N9    1 
ATOM   120  C C8    . A   A 1 7  ? -9.991  -5.563  2.583   1.00 19.95 ? 7   A   A C8    1 
ATOM   121  N N7    . A   A 1 7  ? -9.540  -5.257  3.777   1.00 19.98 ? 7   A   A N7    1 
ATOM   122  C C5    . A   A 1 7  ? -10.538 -4.463  4.317   1.00 18.86 ? 7   A   A C5    1 
ATOM   123  C C6    . A   A 1 7  ? -10.664 -3.825  5.557   1.00 17.47 ? 7   A   A C6    1 
ATOM   124  N N6    . A   A 1 7  ? -9.747  -3.899  6.517   1.00 19.01 ? 7   A   A N6    1 
ATOM   125  N N1    . A   A 1 7  ? -11.778 -3.095  5.781   1.00 19.15 ? 7   A   A N1    1 
ATOM   126  C C2    . A   A 1 7  ? -12.707 -3.030  4.814   1.00 18.79 ? 7   A   A C2    1 
ATOM   127  N N3    . A   A 1 7  ? -12.704 -3.602  3.607   1.00 19.66 ? 7   A   A N3    1 
ATOM   128  C C4    . A   A 1 7  ? -11.578 -4.310  3.420   1.00 18.91 ? 7   A   A C4    1 
ATOM   129  P P     . C   A 1 8  ? -9.969  -2.330  -2.173  1.00 27.14 ? 8   C   A P     1 
ATOM   130  O OP1   . C   A 1 8  ? -10.288 -1.767  -3.512  1.00 28.56 ? 8   C   A OP1   1 
ATOM   131  O OP2   . C   A 1 8  ? -8.574  -2.721  -1.858  1.00 26.19 ? 8   C   A OP2   1 
ATOM   132  O "O5'" . C   A 1 8  ? -10.478 -1.332  -1.040  1.00 26.32 ? 8   C   A "O5'" 1 
ATOM   133  C "C5'" . C   A 1 8  ? -11.697 -0.609  -1.189  1.00 24.20 ? 8   C   A "C5'" 1 
ATOM   134  C "C4'" . C   A 1 8  ? -11.906 0.300   -0.002  1.00 24.64 ? 8   C   A "C4'" 1 
ATOM   135  O "O4'" . C   A 1 8  ? -12.020 -0.522  1.187   1.00 26.32 ? 8   C   A "O4'" 1 
ATOM   136  C "C3'" . C   A 1 8  ? -10.718 1.186   0.324   1.00 24.79 ? 8   C   A "C3'" 1 
ATOM   137  O "O3'" . C   A 1 8  ? -10.664 2.337   -0.507  1.00 27.20 ? 8   C   A "O3'" 1 
ATOM   138  C "C2'" . C   A 1 8  ? -10.962 1.511   1.789   1.00 24.81 ? 8   C   A "C2'" 1 
ATOM   139  O "O2'" . C   A 1 8  ? -11.968 2.472   2.024   1.00 23.54 ? 8   C   A "O2'" 1 
ATOM   140  C "C1'" . C   A 1 8  ? -11.439 0.154   2.300   1.00 24.40 ? 8   C   A "C1'" 1 
ATOM   141  N N1    . C   A 1 8  ? -10.309 -0.634  2.821   1.00 20.79 ? 8   C   A N1    1 
ATOM   142  C C2    . C   A 1 8  ? -9.835  -0.323  4.088   1.00 21.35 ? 8   C   A C2    1 
ATOM   143  O O2    . C   A 1 8  ? -10.368 0.610   4.698   1.00 22.85 ? 8   C   A O2    1 
ATOM   144  N N3    . C   A 1 8  ? -8.800  -1.025  4.613   1.00 19.89 ? 8   C   A N3    1 
ATOM   145  C C4    . C   A 1 8  ? -8.223  -1.983  3.894   1.00 19.87 ? 8   C   A C4    1 
ATOM   146  N N4    . C   A 1 8  ? -7.189  -2.610  4.421   1.00 19.97 ? 8   C   A N4    1 
ATOM   147  C C5    . C   A 1 8  ? -8.686  -2.327  2.581   1.00 20.83 ? 8   C   A C5    1 
ATOM   148  C C6    . C   A 1 8  ? -9.729  -1.630  2.092   1.00 20.50 ? 8   C   A C6    1 
ATOM   149  P P     . A   A 1 9  ? -9.234  2.933   -0.955  1.00 25.43 ? 9   A   A P     1 
ATOM   150  O OP1   . A   A 1 9  ? -9.596  4.007   -1.923  1.00 27.05 ? 9   A   A OP1   1 
ATOM   151  O OP2   . A   A 1 9  ? -8.269  1.868   -1.361  1.00 24.06 ? 9   A   A OP2   1 
ATOM   152  O "O5'" . A   A 1 9  ? -8.690  3.630   0.366   1.00 25.31 ? 9   A   A "O5'" 1 
ATOM   153  C "C5'" . A   A 1 9  ? -9.445  4.658   1.010   1.00 22.97 ? 9   A   A "C5'" 1 
ATOM   154  C "C4'" . A   A 1 9  ? -8.814  5.004   2.339   1.00 22.63 ? 9   A   A "C4'" 1 
ATOM   155  O "O4'" . A   A 1 9  ? -8.937  3.890   3.276   1.00 20.33 ? 9   A   A "O4'" 1 
ATOM   156  C "C3'" . A   A 1 9  ? -7.319  5.260   2.279   1.00 21.20 ? 9   A   A "C3'" 1 
ATOM   157  O "O3'" . A   A 1 9  ? -7.049  6.589   1.847   1.00 21.60 ? 9   A   A "O3'" 1 
ATOM   158  C "C2'" . A   A 1 9  ? -6.909  5.041   3.733   1.00 19.58 ? 9   A   A "C2'" 1 
ATOM   159  O "O2'" . A   A 1 9  ? -7.240  6.137   4.554   1.00 23.18 ? 9   A   A "O2'" 1 
ATOM   160  C "C1'" . A   A 1 9  ? -7.795  3.861   4.121   1.00 19.22 ? 9   A   A "C1'" 1 
ATOM   161  N N9    . A   A 1 9  ? -7.105  2.587   3.931   1.00 18.52 ? 9   A   A N9    1 
ATOM   162  C C8    . A   A 1 9  ? -7.167  1.734   2.864   1.00 17.28 ? 9   A   A C8    1 
ATOM   163  N N7    . A   A 1 9  ? -6.441  0.654   3.010   1.00 15.48 ? 9   A   A N7    1 
ATOM   164  C C5    . A   A 1 9  ? -5.852  0.811   4.257   1.00 15.37 ? 9   A   A C5    1 
ATOM   165  C C6    . A   A 1 9  ? -4.976  0.008   4.999   1.00 15.00 ? 9   A   A C6    1 
ATOM   166  N N6    . A   A 1 9  ? -4.506  -1.168  4.575   1.00 15.00 ? 9   A   A N6    1 
ATOM   167  N N1    . A   A 1 9  ? -4.589  0.450   6.208   1.00 16.11 ? 9   A   A N1    1 
ATOM   168  C C2    . A   A 1 9  ? -5.059  1.628   6.644   1.00 15.50 ? 9   A   A C2    1 
ATOM   169  N N3    . A   A 1 9  ? -5.883  2.476   6.039   1.00 16.30 ? 9   A   A N3    1 
ATOM   170  C C4    . A   A 1 9  ? -6.249  2.002   4.833   1.00 17.65 ? 9   A   A C4    1 
ATOM   171  P P     . C   A 1 10 ? -5.830  6.869   0.842   1.00 22.62 ? 10  C   A P     1 
ATOM   172  O OP1   . C   A 1 10 ? -6.200  8.079   0.070   1.00 23.69 ? 10  C   A OP1   1 
ATOM   173  O OP2   . C   A 1 10 ? -5.428  5.624   0.146   1.00 20.75 ? 10  C   A OP2   1 
ATOM   174  O "O5'" . C   A 1 10 ? -4.608  7.274   1.775   1.00 23.49 ? 10  C   A "O5'" 1 
ATOM   175  C "C5'" . C   A 1 10 ? -4.728  8.324   2.720   1.00 23.33 ? 10  C   A "C5'" 1 
ATOM   176  C "C4'" . C   A 1 10 ? -3.870  8.013   3.913   1.00 22.42 ? 10  C   A "C4'" 1 
ATOM   177  O "O4'" . C   A 1 10 ? -4.355  6.779   4.522   1.00 20.74 ? 10  C   A "O4'" 1 
ATOM   178  C "C3'" . C   A 1 10 ? -2.414  7.679   3.623   1.00 19.54 ? 10  C   A "C3'" 1 
ATOM   179  O "O3'" . C   A 1 10 ? -1.637  8.851   3.425   1.00 21.61 ? 10  C   A "O3'" 1 
ATOM   180  C "C2'" . C   A 1 10 ? -2.030  6.969   4.914   1.00 20.29 ? 10  C   A "C2'" 1 
ATOM   181  O "O2'" . C   A 1 10 ? -1.943  7.878   5.989   1.00 19.78 ? 10  C   A "O2'" 1 
ATOM   182  C "C1'" . C   A 1 10 ? -3.271  6.106   5.149   1.00 19.36 ? 10  C   A "C1'" 1 
ATOM   183  N N1    . C   A 1 10 ? -3.123  4.760   4.565   1.00 19.53 ? 10  C   A N1    1 
ATOM   184  C C2    . C   A 1 10 ? -2.536  3.770   5.361   1.00 17.62 ? 10  C   A C2    1 
ATOM   185  O O2    . C   A 1 10 ? -2.172  4.070   6.494   1.00 16.48 ? 10  C   A O2    1 
ATOM   186  N N3    . C   A 1 10 ? -2.377  2.521   4.877   1.00 16.95 ? 10  C   A N3    1 
ATOM   187  C C4    . C   A 1 10 ? -2.769  2.232   3.640   1.00 17.86 ? 10  C   A C4    1 
ATOM   188  N N4    . C   A 1 10 ? -2.553  0.968   3.200   1.00 15.00 ? 10  C   A N4    1 
ATOM   189  C C5    . C   A 1 10 ? -3.384  3.221   2.793   1.00 17.66 ? 10  C   A C5    1 
ATOM   190  C C6    . C   A 1 10 ? -3.533  4.467   3.296   1.00 17.92 ? 10  C   A C6    1 
ATOM   191  P P     . C   A 1 11 ? -0.188  8.753   2.713   1.00 23.76 ? 11  C   A P     1 
ATOM   192  O OP1   . C   A 1 11 ? 0.251   10.160  2.540   1.00 23.50 ? 11  C   A OP1   1 
ATOM   193  O OP2   . C   A 1 11 ? -0.182  7.832   1.553   1.00 21.29 ? 11  C   A OP2   1 
ATOM   194  O "O5'" . C   A 1 11 ? 0.757   8.037   3.778   1.00 23.30 ? 11  C   A "O5'" 1 
ATOM   195  C "C5'" . C   A 1 11 ? 1.182   8.693   4.960   1.00 23.04 ? 11  C   A "C5'" 1 
ATOM   196  C "C4'" . C   A 1 11 ? 2.050   7.766   5.778   1.00 21.86 ? 11  C   A "C4'" 1 
ATOM   197  O "O4'" . C   A 1 11 ? 1.266   6.609   6.198   1.00 22.53 ? 11  C   A "O4'" 1 
ATOM   198  C "C3'" . C   A 1 11 ? 3.233   7.127   5.062   1.00 22.20 ? 11  C   A "C3'" 1 
ATOM   199  O "O3'" . C   A 1 11 ? 4.365   7.976   4.975   1.00 22.43 ? 11  C   A "O3'" 1 
ATOM   200  C "C2'" . C   A 1 11 ? 3.530   5.960   5.985   1.00 21.51 ? 11  C   A "C2'" 1 
ATOM   201  O "O2'" . C   A 1 11 ? 4.120   6.406   7.190   1.00 20.00 ? 11  C   A "O2'" 1 
ATOM   202  C "C1'" . C   A 1 11 ? 2.115   5.468   6.279   1.00 19.85 ? 11  C   A "C1'" 1 
ATOM   203  N N1    . C   A 1 11 ? 1.672   4.493   5.276   1.00 19.53 ? 11  C   A N1    1 
ATOM   204  C C2    . C   A 1 11 ? 2.185   3.194   5.321   1.00 20.07 ? 11  C   A C2    1 
ATOM   205  O O2    . C   A 1 11 ? 2.996   2.896   6.202   1.00 20.22 ? 11  C   A O2    1 
ATOM   206  N N3    . C   A 1 11 ? 1.779   2.292   4.405   1.00 20.11 ? 11  C   A N3    1 
ATOM   207  C C4    . C   A 1 11 ? 0.903   2.649   3.462   1.00 18.65 ? 11  C   A C4    1 
ATOM   208  N N4    . C   A 1 11 ? 0.565   1.742   2.561   1.00 17.30 ? 11  C   A N4    1 
ATOM   209  C C5    . C   A 1 11 ? 0.355   3.956   3.400   1.00 18.57 ? 11  C   A C5    1 
ATOM   210  C C6    . C   A 1 11 ? 0.767   4.842   4.316   1.00 19.00 ? 11  C   A C6    1 
ATOM   211  P P     . G   A 1 12 ? 5.391   7.807   3.744   1.00 26.02 ? 12  G   A P     1 
ATOM   212  O OP1   . G   A 1 12 ? 6.359   8.925   3.775   1.00 26.27 ? 12  G   A OP1   1 
ATOM   213  O OP2   . G   A 1 12 ? 4.604   7.531   2.501   1.00 21.51 ? 12  G   A OP2   1 
ATOM   214  O "O5'" . G   A 1 12 ? 6.229   6.508   4.105   1.00 24.85 ? 12  G   A "O5'" 1 
ATOM   215  C "C5'" . G   A 1 12 ? 6.976   6.438   5.316   1.00 23.66 ? 12  G   A "C5'" 1 
ATOM   216  C "C4'" . G   A 1 12 ? 7.567   5.060   5.465   1.00 22.87 ? 12  G   A "C4'" 1 
ATOM   217  O "O4'" . G   A 1 12 ? 6.492   4.076   5.493   1.00 21.91 ? 12  G   A "O4'" 1 
ATOM   218  C "C3'" . G   A 1 12 ? 8.377   4.622   4.259   1.00 23.98 ? 12  G   A "C3'" 1 
ATOM   219  O "O3'" . G   A 1 12 ? 9.696   5.144   4.303   1.00 25.70 ? 12  G   A "O3'" 1 
ATOM   220  C "C2'" . G   A 1 12 ? 8.372   3.113   4.411   1.00 22.37 ? 12  G   A "C2'" 1 
ATOM   221  O "O2'" . G   A 1 12 ? 9.283   2.722   5.402   1.00 21.62 ? 12  G   A "O2'" 1 
ATOM   222  C "C1'" . G   A 1 12 ? 6.953   2.867   4.915   1.00 19.73 ? 12  G   A "C1'" 1 
ATOM   223  N N9    . G   A 1 12 ? 6.032   2.437   3.869   1.00 17.56 ? 12  G   A N9    1 
ATOM   224  C C8    . G   A 1 12 ? 5.054   3.155   3.232   1.00 17.02 ? 12  G   A C8    1 
ATOM   225  N N7    . G   A 1 12 ? 4.379   2.441   2.367   1.00 18.22 ? 12  G   A N7    1 
ATOM   226  C C5    . G   A 1 12 ? 4.961   1.187   2.433   1.00 16.62 ? 12  G   A C5    1 
ATOM   227  C C6    . G   A 1 12 ? 4.671   -0.009  1.728   1.00 17.36 ? 12  G   A C6    1 
ATOM   228  O O6    . G   A 1 12 ? 3.796   -0.217  0.866   1.00 16.34 ? 12  G   A O6    1 
ATOM   229  N N1    . G   A 1 12 ? 5.523   -1.043  2.114   1.00 15.00 ? 12  G   A N1    1 
ATOM   230  C C2    . G   A 1 12 ? 6.518   -0.936  3.050   1.00 15.00 ? 12  G   A C2    1 
ATOM   231  N N2    . G   A 1 12 ? 7.242   -2.028  3.294   1.00 15.00 ? 12  G   A N2    1 
ATOM   232  N N3    . G   A 1 12 ? 6.791   0.161   3.699   1.00 16.95 ? 12  G   A N3    1 
ATOM   233  C C4    . G   A 1 12 ? 5.985   1.175   3.347   1.00 16.40 ? 12  G   A C4    1 
ATOM   234  P P     . G   A 1 13 ? 10.546  5.256   2.948   1.00 26.51 ? 13  G   A P     1 
ATOM   235  O OP1   . G   A 1 13 ? 11.747  6.050   3.297   1.00 29.41 ? 13  G   A OP1   1 
ATOM   236  O OP2   . G   A 1 13 ? 9.646   5.694   1.858   1.00 25.80 ? 13  G   A OP2   1 
ATOM   237  O "O5'" . G   A 1 13 ? 10.985  3.765   2.609   1.00 26.15 ? 13  G   A "O5'" 1 
ATOM   238  C "C5'" . G   A 1 13 ? 11.844  3.052   3.479   1.00 25.07 ? 13  G   A "C5'" 1 
ATOM   239  C "C4'" . G   A 1 13 ? 11.875  1.591   3.102   1.00 24.61 ? 13  G   A "C4'" 1 
ATOM   240  O "O4'" . G   A 1 13 ? 10.543  1.025   3.189   1.00 22.96 ? 13  G   A "O4'" 1 
ATOM   241  C "C3'" . G   A 1 13 ? 12.279  1.304   1.680   1.00 25.26 ? 13  G   A "C3'" 1 
ATOM   242  O "O3'" . G   A 1 13 ? 13.690  1.363   1.568   1.00 27.15 ? 13  G   A "O3'" 1 
ATOM   243  C "C2'" . G   A 1 13 ? 11.717  -0.096  1.471   1.00 23.78 ? 13  G   A "C2'" 1 
ATOM   244  O "O2'" . G   A 1 13 ? 12.494  -1.094  2.074   1.00 24.48 ? 13  G   A "O2'" 1 
ATOM   245  C "C1'" . G   A 1 13 ? 10.397  -0.003  2.230   1.00 22.51 ? 13  G   A "C1'" 1 
ATOM   246  N N9    . G   A 1 13 ? 9.277   0.366   1.382   1.00 21.76 ? 13  G   A N9    1 
ATOM   247  C C8    . G   A 1 13 ? 8.676   1.595   1.327   1.00 20.38 ? 13  G   A C8    1 
ATOM   248  N N7    . G   A 1 13 ? 7.670   1.635   0.499   1.00 21.29 ? 13  G   A N7    1 
ATOM   249  C C5    . G   A 1 13 ? 7.605   0.354   -0.021  1.00 18.48 ? 13  G   A C5    1 
ATOM   250  C C6    . G   A 1 13 ? 6.705   -0.198  -0.947  1.00 20.21 ? 13  G   A C6    1 
ATOM   251  O O6    . G   A 1 13 ? 5.742   0.353   -1.494  1.00 21.58 ? 13  G   A O6    1 
ATOM   252  N N1    . G   A 1 13 ? 6.996   -1.537  -1.214  1.00 19.52 ? 13  G   A N1    1 
ATOM   253  C C2    . G   A 1 13 ? 8.023   -2.247  -0.639  1.00 19.88 ? 13  G   A C2    1 
ATOM   254  N N2    . G   A 1 13 ? 8.110   -3.547  -0.982  1.00 18.66 ? 13  G   A N2    1 
ATOM   255  N N3    . G   A 1 13 ? 8.888   -1.725  0.227   1.00 17.93 ? 13  G   A N3    1 
ATOM   256  C C4    . G   A 1 13 ? 8.608   -0.435  0.496   1.00 19.28 ? 13  G   A C4    1 
ATOM   257  P P     . U   A 1 14 ? 14.358  1.846   0.183   1.00 28.60 ? 14  U   A P     1 
ATOM   258  O OP1   . U   A 1 14 ? 15.821  1.720   0.380   1.00 27.75 ? 14  U   A OP1   1 
ATOM   259  O OP2   . U   A 1 14 ? 13.780  3.134   -0.261  1.00 28.60 ? 14  U   A OP2   1 
ATOM   260  O "O5'" . U   A 1 14 ? 13.944  0.714   -0.844  1.00 26.31 ? 14  U   A "O5'" 1 
ATOM   261  C "C5'" . U   A 1 14 ? 14.602  -0.525  -0.792  1.00 25.37 ? 14  U   A "C5'" 1 
ATOM   262  C "C4'" . U   A 1 14 ? 13.920  -1.503  -1.687  1.00 24.78 ? 14  U   A "C4'" 1 
ATOM   263  O "O4'" . U   A 1 14 ? 12.521  -1.532  -1.313  1.00 25.24 ? 14  U   A "O4'" 1 
ATOM   264  C "C3'" . U   A 1 14 ? 13.848  -1.129  -3.146  1.00 24.29 ? 14  U   A "C3'" 1 
ATOM   265  O "O3'" . U   A 1 14 ? 15.050  -1.412  -3.853  1.00 28.58 ? 14  U   A "O3'" 1 
ATOM   266  C "C2'" . U   A 1 14 ? 12.703  -2.012  -3.613  1.00 23.47 ? 14  U   A "C2'" 1 
ATOM   267  O "O2'" . U   A 1 14 ? 13.066  -3.363  -3.680  1.00 21.28 ? 14  U   A "O2'" 1 
ATOM   268  C "C1'" . U   A 1 14 ? 11.736  -1.873  -2.447  1.00 22.66 ? 14  U   A "C1'" 1 
ATOM   269  N N1    . U   A 1 14 ? 10.737  -0.823  -2.669  1.00 20.18 ? 14  U   A N1    1 
ATOM   270  C C2    . U   A 1 14 ? 9.721   -1.112  -3.538  1.00 19.58 ? 14  U   A C2    1 
ATOM   271  O O2    . U   A 1 14 ? 9.647   -2.178  -4.116  1.00 20.83 ? 14  U   A O2    1 
ATOM   272  N N3    . U   A 1 14 ? 8.797   -0.116  -3.703  1.00 16.23 ? 14  U   A N3    1 
ATOM   273  C C4    . U   A 1 14 ? 8.795   1.117   -3.091  1.00 17.02 ? 14  U   A C4    1 
ATOM   274  O O4    . U   A 1 14 ? 7.873   1.902   -3.310  1.00 18.15 ? 14  U   A O4    1 
ATOM   275  C C5    . U   A 1 14 ? 9.890   1.347   -2.209  1.00 17.81 ? 14  U   A C5    1 
ATOM   276  C C6    . U   A 1 14 ? 10.806  0.390   -2.034  1.00 18.59 ? 14  U   A C6    1 
ATOM   277  P P     . G   A 1 15 ? 15.315  -0.675  -5.258  1.00 27.91 ? 15  G   A P     1 
ATOM   278  O OP1   . G   A 1 15 ? 16.672  -1.025  -5.737  1.00 29.09 ? 15  G   A OP1   1 
ATOM   279  O OP2   . G   A 1 15 ? 14.936  0.745   -5.070  1.00 25.78 ? 15  G   A OP2   1 
ATOM   280  O "O5'" . G   A 1 15 ? 14.263  -1.340  -6.250  1.00 27.99 ? 15  G   A "O5'" 1 
ATOM   281  C "C5'" . G   A 1 15 ? 14.270  -2.740  -6.481  1.00 28.09 ? 15  G   A "C5'" 1 
ATOM   282  C "C4'" . G   A 1 15 ? 13.227  -3.102  -7.510  1.00 27.71 ? 15  G   A "C4'" 1 
ATOM   283  O "O4'" . G   A 1 15 ? 11.895  -2.931  -6.967  1.00 26.58 ? 15  G   A "O4'" 1 
ATOM   284  C "C3'" . G   A 1 15 ? 13.201  -2.221  -8.733  1.00 28.45 ? 15  G   A "C3'" 1 
ATOM   285  O "O3'" . G   A 1 15 ? 14.236  -2.581  -9.629  1.00 32.54 ? 15  G   A "O3'" 1 
ATOM   286  C "C2'" . G   A 1 15 ? 11.823  -2.518  -9.291  1.00 26.50 ? 15  G   A "C2'" 1 
ATOM   287  O "O2'" . G   A 1 15 ? 11.798  -3.786  -9.910  1.00 25.71 ? 15  G   A "O2'" 1 
ATOM   288  C "C1'" . G   A 1 15 ? 10.998  -2.565  -8.010  1.00 24.64 ? 15  G   A "C1'" 1 
ATOM   289  N N9    . G   A 1 15 ? 10.392  -1.294  -7.633  1.00 21.04 ? 15  G   A N9    1 
ATOM   290  C C8    . G   A 1 15 ? 10.944  -0.353  -6.811  1.00 19.51 ? 15  G   A C8    1 
ATOM   291  N N7    . G   A 1 15 ? 10.155  0.663   -6.602  1.00 19.22 ? 15  G   A N7    1 
ATOM   292  C C5    . G   A 1 15 ? 9.022   0.378   -7.345  1.00 17.42 ? 15  G   A C5    1 
ATOM   293  C C6    . G   A 1 15 ? 7.840   1.109   -7.499  1.00 16.09 ? 15  G   A C6    1 
ATOM   294  O O6    . G   A 1 15 ? 7.540   2.197   -7.009  1.00 15.88 ? 15  G   A O6    1 
ATOM   295  N N1    . G   A 1 15 ? 6.945   0.464   -8.319  1.00 15.00 ? 15  G   A N1    1 
ATOM   296  C C2    . G   A 1 15 ? 7.170   -0.734  -8.925  1.00 17.58 ? 15  G   A C2    1 
ATOM   297  N N2    . G   A 1 15 ? 6.179   -1.186  -9.698  1.00 17.45 ? 15  G   A N2    1 
ATOM   298  N N3    . G   A 1 15 ? 8.278   -1.433  -8.790  1.00 17.38 ? 15  G   A N3    1 
ATOM   299  C C4    . G   A 1 15 ? 9.153   -0.820  -7.990  1.00 18.72 ? 15  G   A C4    1 
ATOM   300  P P     . A   A 1 16 ? 15.139  -1.428  -10.275 1.00 35.91 ? 16  A   A P     1 
ATOM   301  O OP1   . A   A 1 16 ? 16.496  -2.002  -10.447 1.00 37.03 ? 16  A   A OP1   1 
ATOM   302  O OP2   . A   A 1 16 ? 14.973  -0.155  -9.520  1.00 34.57 ? 16  A   A OP2   1 
ATOM   303  O "O5'" . A   A 1 16 ? 14.444  -1.186  -11.679 1.00 36.73 ? 16  A   A "O5'" 1 
ATOM   304  C "C5'" . A   A 1 16 ? 14.952  -1.794  -12.841 1.00 37.30 ? 16  A   A "C5'" 1 
ATOM   305  C "C4'" . A   A 1 16 ? 15.274  -0.745  -13.888 1.00 37.15 ? 16  A   A "C4'" 1 
ATOM   306  O "O4'" . A   A 1 16 ? 16.076  -1.408  -14.891 1.00 36.99 ? 16  A   A "O4'" 1 
ATOM   307  C "C3'" . A   A 1 16 ? 14.114  -0.093  -14.651 1.00 36.24 ? 16  A   A "C3'" 1 
ATOM   308  O "O3'" . A   A 1 16 ? 13.719  1.153   -14.062 1.00 35.93 ? 16  A   A "O3'" 1 
ATOM   309  C "C2'" . A   A 1 16 ? 14.782  0.246   -15.967 1.00 36.57 ? 16  A   A "C2'" 1 
ATOM   310  O "O2'" . A   A 1 16 ? 15.587  1.385   -15.760 1.00 35.43 ? 16  A   A "O2'" 1 
ATOM   311  C "C1'" . A   A 1 16 ? 15.707  -0.955  -16.166 1.00 36.79 ? 16  A   A "C1'" 1 
ATOM   312  N N9    . A   A 1 16 ? 15.158  -2.099  -16.887 1.00 36.48 ? 16  A   A N9    1 
ATOM   313  C C8    . A   A 1 16 ? 14.751  -3.300  -16.364 1.00 36.60 ? 16  A   A C8    1 
ATOM   314  N N7    . A   A 1 16 ? 14.361  -4.165  -17.270 1.00 36.91 ? 16  A   A N7    1 
ATOM   315  C C5    . A   A 1 16 ? 14.511  -3.479  -18.467 1.00 36.90 ? 16  A   A C5    1 
ATOM   316  C C6    . A   A 1 16 ? 14.285  -3.847  -19.793 1.00 36.98 ? 16  A   A C6    1 
ATOM   317  N N6    . A   A 1 16 ? 13.824  -5.048  -20.156 1.00 38.49 ? 16  A   A N6    1 
ATOM   318  N N1    . A   A 1 16 ? 14.548  -2.935  -20.756 1.00 36.05 ? 16  A   A N1    1 
ATOM   319  C C2    . A   A 1 16 ? 14.995  -1.730  -20.388 1.00 37.11 ? 16  A   A C2    1 
ATOM   320  N N3    . A   A 1 16 ? 15.242  -1.261  -19.166 1.00 37.08 ? 16  A   A N3    1 
ATOM   321  C C4    . A   A 1 16 ? 14.982  -2.200  -18.242 1.00 36.58 ? 16  A   A C4    1 
ATOM   322  P P     . A   A 1 17 ? 12.206  1.692   -14.236 1.00 34.57 ? 17  A   A P     1 
ATOM   323  O OP1   . A   A 1 17 ? 12.109  3.030   -13.596 1.00 33.65 ? 17  A   A OP1   1 
ATOM   324  O OP2   . A   A 1 17 ? 11.340  0.582   -13.905 1.00 35.76 ? 17  A   A OP2   1 
ATOM   325  O "O5'" . A   A 1 17 ? 11.995  1.812   -15.805 1.00 37.48 ? 17  A   A "O5'" 1 
ATOM   326  C "C5'" . A   A 1 17 ? 12.319  3.002   -16.515 1.00 39.60 ? 17  A   A "C5'" 1 
ATOM   327  C "C4'" . A   A 1 17 ? 11.828  2.881   -17.934 1.00 40.57 ? 17  A   A "C4'" 1 
ATOM   328  O "O4'" . A   A 1 17 ? 12.463  1.721   -18.540 1.00 39.94 ? 17  A   A "O4'" 1 
ATOM   329  C "C3'" . A   A 1 17 ? 10.334  2.593   -18.063 1.00 41.53 ? 17  A   A "C3'" 1 
ATOM   330  O "O3'" . A   A 1 17 ? 9.521   3.767   -17.953 1.00 42.81 ? 17  A   A "O3'" 1 
ATOM   331  C "C2'" . A   A 1 17 ? 10.228  1.848   -19.385 1.00 41.24 ? 17  A   A "C2'" 1 
ATOM   332  O "O2'" . A   A 1 17 ? 10.174  2.684   -20.529 1.00 43.39 ? 17  A   A "O2'" 1 
ATOM   333  C "C1'" . A   A 1 17 ? 11.538  1.058   -19.387 1.00 39.18 ? 17  A   A "C1'" 1 
ATOM   334  N N9    . A   A 1 17 ? 11.371  -0.303  -18.904 1.00 37.92 ? 17  A   A N9    1 
ATOM   335  C C8    . A   A 1 17 ? 11.287  -0.746  -17.608 1.00 35.99 ? 17  A   A C8    1 
ATOM   336  N N7    . A   A 1 17 ? 11.180  -2.049  -17.503 1.00 35.24 ? 17  A   A N7    1 
ATOM   337  C C5    . A   A 1 17 ? 11.183  -2.493  -18.819 1.00 35.61 ? 17  A   A C5    1 
ATOM   338  C C6    . A   A 1 17 ? 11.098  -3.770  -19.384 1.00 35.45 ? 17  A   A C6    1 
ATOM   339  N N6    . A   A 1 17 ? 11.020  -4.891  -18.663 1.00 35.49 ? 17  A   A N6    1 
ATOM   340  N N1    . A   A 1 17 ? 11.104  -3.863  -20.736 1.00 34.68 ? 17  A   A N1    1 
ATOM   341  C C2    . A   A 1 17 ? 11.199  -2.741  -21.454 1.00 34.12 ? 17  A   A C2    1 
ATOM   342  N N3    . A   A 1 17 ? 11.297  -1.482  -21.037 1.00 34.33 ? 17  A   A N3    1 
ATOM   343  C C4    . A   A 1 17 ? 11.283  -1.427  -19.693 1.00 37.02 ? 17  A   A C4    1 
ATOM   344  P P     . G   A 1 18 ? 9.857   5.098   -18.821 1.00 43.45 ? 18  G   A P     1 
ATOM   345  O OP1   . G   A 1 18 ? 10.359  4.797   -20.192 1.00 43.50 ? 18  G   A OP1   1 
ATOM   346  O OP2   . G   A 1 18 ? 10.657  5.993   -17.925 1.00 43.68 ? 18  G   A OP2   1 
ATOM   347  O "O5'" . G   A 1 18 ? 8.425   5.766   -18.993 1.00 41.89 ? 18  G   A "O5'" 1 
ATOM   348  C "C5'" . G   A 1 18 ? 7.376   5.079   -19.650 1.00 39.56 ? 18  G   A "C5'" 1 
ATOM   349  C "C4'" . G   A 1 18 ? 6.056   5.547   -19.106 1.00 37.91 ? 18  G   A "C4'" 1 
ATOM   350  O "O4'" . G   A 1 18 ? 5.654   4.766   -17.946 1.00 36.72 ? 18  G   A "O4'" 1 
ATOM   351  C "C3'" . G   A 1 18 ? 6.059   6.983   -18.608 1.00 37.00 ? 18  G   A "C3'" 1 
ATOM   352  O "O3'" . G   A 1 18 ? 5.905   7.868   -19.712 1.00 38.24 ? 18  G   A "O3'" 1 
ATOM   353  C "C2'" . G   A 1 18 ? 4.832   6.977   -17.712 1.00 35.98 ? 18  G   A "C2'" 1 
ATOM   354  O "O2'" . G   A 1 18 ? 3.646   6.995   -18.477 1.00 35.66 ? 18  G   A "O2'" 1 
ATOM   355  C "C1'" . G   A 1 18 ? 4.973   5.615   -17.025 1.00 35.05 ? 18  G   A "C1'" 1 
ATOM   356  N N9    . G   A 1 18 ? 5.787   5.731   -15.817 1.00 31.15 ? 18  G   A N9    1 
ATOM   357  C C8    . G   A 1 18 ? 7.030   5.178   -15.582 1.00 31.32 ? 18  G   A C8    1 
ATOM   358  N N7    . G   A 1 18 ? 7.531   5.518   -14.425 1.00 29.77 ? 18  G   A N7    1 
ATOM   359  C C5    . G   A 1 18 ? 6.559   6.327   -13.856 1.00 28.97 ? 18  G   A C5    1 
ATOM   360  C C6    . G   A 1 18 ? 6.546   6.999   -12.621 1.00 29.26 ? 18  G   A C6    1 
ATOM   361  O O6    . G   A 1 18 ? 7.428   7.036   -11.747 1.00 30.05 ? 18  G   A O6    1 
ATOM   362  N N1    . G   A 1 18 ? 5.361   7.705   -12.440 1.00 29.36 ? 18  G   A N1    1 
ATOM   363  C C2    . G   A 1 18 ? 4.327   7.768   -13.338 1.00 28.24 ? 18  G   A C2    1 
ATOM   364  N N2    . G   A 1 18 ? 3.276   8.502   -12.967 1.00 26.92 ? 18  G   A N2    1 
ATOM   365  N N3    . G   A 1 18 ? 4.330   7.155   -14.507 1.00 28.50 ? 18  G   A N3    1 
ATOM   366  C C4    . G   A 1 18 ? 5.470   6.456   -14.698 1.00 29.97 ? 18  G   A C4    1 
ATOM   367  P P     . U   A 1 19 ? 6.489   9.367   -19.642 1.00 38.28 ? 19  U   A P     1 
ATOM   368  O OP1   . U   A 1 19 ? 6.262   9.923   -21.009 1.00 39.13 ? 19  U   A OP1   1 
ATOM   369  O OP2   . U   A 1 19 ? 7.860   9.367   -19.068 1.00 36.65 ? 19  U   A OP2   1 
ATOM   370  O "O5'" . U   A 1 19 ? 5.509   10.144  -18.647 1.00 36.38 ? 19  U   A "O5'" 1 
ATOM   371  C "C5'" . U   A 1 19 ? 4.110   10.170  -18.889 1.00 35.44 ? 19  U   A "C5'" 1 
ATOM   372  C "C4'" . U   A 1 19 ? 3.393   10.810  -17.734 1.00 34.62 ? 19  U   A "C4'" 1 
ATOM   373  O "O4'" . U   A 1 19 ? 3.607   10.039  -16.520 1.00 34.62 ? 19  U   A "O4'" 1 
ATOM   374  C "C3'" . U   A 1 19 ? 3.897   12.180  -17.340 1.00 34.85 ? 19  U   A "C3'" 1 
ATOM   375  O "O3'" . U   A 1 19 ? 3.390   13.177  -18.211 1.00 34.69 ? 19  U   A "O3'" 1 
ATOM   376  C "C2'" . U   A 1 19 ? 3.321   12.315  -15.939 1.00 34.22 ? 19  U   A "C2'" 1 
ATOM   377  O "O2'" . U   A 1 19 ? 1.930   12.565  -15.985 1.00 34.21 ? 19  U   A "O2'" 1 
ATOM   378  C "C1'" . U   A 1 19 ? 3.550   10.904  -15.392 1.00 33.24 ? 19  U   A "C1'" 1 
ATOM   379  N N1    . U   A 1 19 ? 4.798   10.781  -14.618 1.00 31.49 ? 19  U   A N1    1 
ATOM   380  C C2    . U   A 1 19 ? 4.855   11.445  -13.410 1.00 31.37 ? 19  U   A C2    1 
ATOM   381  O O2    . U   A 1 19 ? 3.943   12.133  -13.003 1.00 32.38 ? 19  U   A O2    1 
ATOM   382  N N3    . U   A 1 19 ? 6.022   11.281  -12.702 1.00 31.78 ? 19  U   A N3    1 
ATOM   383  C C4    . U   A 1 19 ? 7.121   10.534  -13.083 1.00 31.71 ? 19  U   A C4    1 
ATOM   384  O O4    . U   A 1 19 ? 8.042   10.366  -12.281 1.00 32.19 ? 19  U   A O4    1 
ATOM   385  C C5    . U   A 1 19 ? 6.997   9.897   -14.367 1.00 31.32 ? 19  U   A C5    1 
ATOM   386  C C6    . U   A 1 19 ? 5.866   10.037  -15.068 1.00 31.09 ? 19  U   A C6    1 
ATOM   387  P P     . C   A 1 20 ? 4.218   14.533  -18.426 1.00 36.92 ? 20  C   A P     1 
ATOM   388  O OP1   . C   A 1 20 ? 3.511   15.254  -19.513 1.00 38.36 ? 20  C   A OP1   1 
ATOM   389  O OP2   . C   A 1 20 ? 5.653   14.204  -18.589 1.00 36.32 ? 20  C   A OP2   1 
ATOM   390  O "O5'" . C   A 1 20 ? 4.057   15.343  -17.062 1.00 34.99 ? 20  C   A "O5'" 1 
ATOM   391  C "C5'" . C   A 1 20 ? 2.851   16.014  -16.748 1.00 34.28 ? 20  C   A "C5'" 1 
ATOM   392  C "C4'" . C   A 1 20 ? 2.945   16.649  -15.381 1.00 35.59 ? 20  C   A "C4'" 1 
ATOM   393  O "O4'" . C   A 1 20 ? 3.190   15.603  -14.402 1.00 35.50 ? 20  C   A "O4'" 1 
ATOM   394  C "C3'" . C   A 1 20 ? 4.109   17.595  -15.156 1.00 36.04 ? 20  C   A "C3'" 1 
ATOM   395  O "O3'" . C   A 1 20 ? 3.832   18.906  -15.610 1.00 38.91 ? 20  C   A "O3'" 1 
ATOM   396  C "C2'" . C   A 1 20 ? 4.211   17.588  -13.645 1.00 35.55 ? 20  C   A "C2'" 1 
ATOM   397  O "O2'" . C   A 1 20 ? 3.154   18.311  -13.063 1.00 35.88 ? 20  C   A "O2'" 1 
ATOM   398  C "C1'" . C   A 1 20 ? 4.014   16.105  -13.359 1.00 34.31 ? 20  C   A "C1'" 1 
ATOM   399  N N1    . C   A 1 20 ? 5.292   15.375  -13.382 1.00 32.37 ? 20  C   A N1    1 
ATOM   400  C C2    . C   A 1 20 ? 6.140   15.498  -12.299 1.00 30.83 ? 20  C   A C2    1 
ATOM   401  O O2    . C   A 1 20 ? 5.802   16.234  -11.360 1.00 31.94 ? 20  C   A O2    1 
ATOM   402  N N3    . C   A 1 20 ? 7.304   14.819  -12.296 1.00 30.52 ? 20  C   A N3    1 
ATOM   403  C C4    . C   A 1 20 ? 7.625   14.041  -13.333 1.00 30.23 ? 20  C   A C4    1 
ATOM   404  N N4    . C   A 1 20 ? 8.779   13.367  -13.285 1.00 29.78 ? 20  C   A N4    1 
ATOM   405  C C5    . C   A 1 20 ? 6.783   13.912  -14.459 1.00 30.19 ? 20  C   A C5    1 
ATOM   406  C C6    . C   A 1 20 ? 5.634   14.589  -14.446 1.00 31.88 ? 20  C   A C6    1 
ATOM   407  P P     . G   A 1 21 ? 5.030   19.816  -16.161 1.00 38.17 ? 21  G   A P     1 
ATOM   408  O OP1   . G   A 1 21 ? 4.398   20.955  -16.865 1.00 41.54 ? 21  G   A OP1   1 
ATOM   409  O OP2   . G   A 1 21 ? 5.954   18.905  -16.902 1.00 39.38 ? 21  G   A OP2   1 
ATOM   410  O "O5'" . G   A 1 21 ? 5.726   20.387  -14.848 1.00 39.36 ? 21  G   A "O5'" 1 
ATOM   411  C "C5'" . G   A 1 21 ? 4.945   21.025  -13.851 1.00 40.15 ? 21  G   A "C5'" 1 
ATOM   412  C "C4'" . G   A 1 21 ? 5.739   21.176  -12.585 1.00 40.79 ? 21  G   A "C4'" 1 
ATOM   413  O "O4'" . G   A 1 21 ? 5.994   19.870  -12.008 1.00 40.64 ? 21  G   A "O4'" 1 
ATOM   414  C "C3'" . G   A 1 21 ? 7.123   21.765  -12.774 1.00 41.93 ? 21  G   A "C3'" 1 
ATOM   415  O "O3'" . G   A 1 21 ? 7.071   23.186  -12.872 1.00 43.93 ? 21  G   A "O3'" 1 
ATOM   416  C "C2'" . G   A 1 21 ? 7.850   21.271  -11.523 1.00 41.54 ? 21  G   A "C2'" 1 
ATOM   417  O "O2'" . G   A 1 21 ? 7.576   22.034  -10.365 1.00 41.42 ? 21  G   A "O2'" 1 
ATOM   418  C "C1'" . G   A 1 21 ? 7.265   19.866  -11.374 1.00 39.51 ? 21  G   A "C1'" 1 
ATOM   419  N N9    . G   A 1 21 ? 8.087   18.846  -12.013 1.00 36.82 ? 21  G   A N9    1 
ATOM   420  C C8    . G   A 1 21 ? 7.843   18.211  -13.206 1.00 35.75 ? 21  G   A C8    1 
ATOM   421  N N7    . G   A 1 21 ? 8.756   17.327  -13.511 1.00 35.06 ? 21  G   A N7    1 
ATOM   422  C C5    . G   A 1 21 ? 9.657   17.387  -12.453 1.00 34.06 ? 21  G   A C5    1 
ATOM   423  C C6    . G   A 1 21 ? 10.847  16.656  -12.216 1.00 33.01 ? 21  G   A C6    1 
ATOM   424  O O6    . G   A 1 21 ? 11.349  15.753  -12.895 1.00 34.33 ? 21  G   A O6    1 
ATOM   425  N N1    . G   A 1 21 ? 11.463  17.058  -11.048 1.00 32.28 ? 21  G   A N1    1 
ATOM   426  C C2    . G   A 1 21 ? 10.996  18.026  -10.202 1.00 33.61 ? 21  G   A C2    1 
ATOM   427  N N2    . G   A 1 21 ? 11.765  18.307  -9.129  1.00 34.68 ? 21  G   A N2    1 
ATOM   428  N N3    . G   A 1 21 ? 9.867   18.688  -10.389 1.00 33.90 ? 21  G   A N3    1 
ATOM   429  C C4    . G   A 1 21 ? 9.260   18.326  -11.528 1.00 34.95 ? 21  G   A C4    1 
ATOM   430  P P     . C   A 1 22 ? 8.242   23.983  -13.652 1.00 44.39 ? 22  C   A P     1 
ATOM   431  O OP1   . C   A 1 22 ? 7.904   25.424  -13.468 1.00 44.22 ? 22  C   A OP1   1 
ATOM   432  O OP2   . C   A 1 22 ? 8.426   23.429  -15.025 1.00 43.18 ? 22  C   A OP2   1 
ATOM   433  O "O5'" . C   A 1 22 ? 9.563   23.674  -12.819 1.00 42.09 ? 22  C   A "O5'" 1 
ATOM   434  C "C5'" . C   A 1 22 ? 9.770   24.281  -11.552 1.00 40.10 ? 22  C   A "C5'" 1 
ATOM   435  C "C4'" . C   A 1 22 ? 11.046  23.779  -10.932 1.00 39.59 ? 22  C   A "C4'" 1 
ATOM   436  O "O4'" . C   A 1 22 ? 10.983  22.334  -10.829 1.00 37.94 ? 22  C   A "O4'" 1 
ATOM   437  C "C3'" . C   A 1 22 ? 12.333  23.976  -11.717 1.00 39.38 ? 22  C   A "C3'" 1 
ATOM   438  O "O3'" . C   A 1 22 ? 12.888  25.300  -11.805 1.00 42.09 ? 22  C   A "O3'" 1 
ATOM   439  C "C2'" . C   A 1 22 ? 13.242  23.003  -10.990 1.00 38.72 ? 22  C   A "C2'" 1 
ATOM   440  O "O2'" . C   A 1 22 ? 13.524  23.480  -9.685  1.00 37.98 ? 22  C   A "O2'" 1 
ATOM   441  C "C1'" . C   A 1 22 ? 12.307  21.802  -10.859 1.00 37.96 ? 22  C   A "C1'" 1 
ATOM   442  N N1    . C   A 1 22 ? 12.411  20.857  -11.984 1.00 35.60 ? 22  C   A N1    1 
ATOM   443  C C2    . C   A 1 22 ? 13.406  19.877  -11.951 1.00 34.30 ? 22  C   A C2    1 
ATOM   444  O O2    . C   A 1 22 ? 14.186  19.862  -11.009 1.00 34.29 ? 22  C   A O2    1 
ATOM   445  N N3    . C   A 1 22 ? 13.486  18.970  -12.950 1.00 34.10 ? 22  C   A N3    1 
ATOM   446  C C4    . C   A 1 22 ? 12.615  19.019  -13.960 1.00 33.98 ? 22  C   A C4    1 
ATOM   447  N N4    . C   A 1 22 ? 12.707  18.089  -14.916 1.00 33.18 ? 22  C   A N4    1 
ATOM   448  C C5    . C   A 1 22 ? 11.603  20.026  -14.034 1.00 34.20 ? 22  C   A C5    1 
ATOM   449  C C6    . C   A 1 22 ? 11.541  20.918  -13.036 1.00 34.72 ? 22  C   A C6    1 
ATOM   450  P P     . G   B 1 2  ? 18.888  9.539   -13.134 1.00 58.54 ? 25  G   B P     1 
ATOM   451  O OP1   . G   B 1 2  ? 17.408  9.216   -12.897 1.00 57.76 ? 25  G   B OP1   1 
ATOM   452  O OP2   . G   B 1 2  ? 19.160  9.980   -14.575 1.00 59.07 ? 25  G   B OP2   1 
ATOM   453  O "O5'" . G   B 1 2  ? 19.265  10.804  -12.158 1.00 55.70 ? 25  G   B "O5'" 1 
ATOM   454  C "C5'" . G   B 1 2  ? 20.595  10.959  -11.597 1.00 51.05 ? 25  G   B "C5'" 1 
ATOM   455  C "C4'" . G   B 1 2  ? 20.737  12.322  -10.936 1.00 48.09 ? 25  G   B "C4'" 1 
ATOM   456  O "O4'" . G   B 1 2  ? 20.580  13.359  -11.947 1.00 46.04 ? 25  G   B "O4'" 1 
ATOM   457  C "C3'" . G   B 1 2  ? 19.681  12.677  -9.895  1.00 46.12 ? 25  G   B "C3'" 1 
ATOM   458  O "O3'" . G   B 1 2  ? 19.986  12.150  -8.610  1.00 44.97 ? 25  G   B "O3'" 1 
ATOM   459  C "C2'" . G   B 1 2  ? 19.712  14.203  -9.911  1.00 44.38 ? 25  G   B "C2'" 1 
ATOM   460  O "O2'" . G   B 1 2  ? 20.842  14.711  -9.230  1.00 44.21 ? 25  G   B "O2'" 1 
ATOM   461  C "C1'" . G   B 1 2  ? 19.871  14.470  -11.405 1.00 42.78 ? 25  G   B "C1'" 1 
ATOM   462  N N9    . G   B 1 2  ? 18.624  14.603  -12.157 1.00 39.62 ? 25  G   B N9    1 
ATOM   463  C C8    . G   B 1 2  ? 18.165  13.742  -13.126 1.00 38.46 ? 25  G   B C8    1 
ATOM   464  N N7    . G   B 1 2  ? 17.061  14.151  -13.696 1.00 38.01 ? 25  G   B N7    1 
ATOM   465  C C5    . G   B 1 2  ? 16.761  15.346  -13.053 1.00 36.94 ? 25  G   B C5    1 
ATOM   466  C C6    . G   B 1 2  ? 15.687  16.255  -13.258 1.00 36.25 ? 25  G   B C6    1 
ATOM   467  O O6    . G   B 1 2  ? 14.802  16.219  -14.114 1.00 37.78 ? 25  G   B O6    1 
ATOM   468  N N1    . G   B 1 2  ? 15.730  17.309  -12.355 1.00 35.46 ? 25  G   B N1    1 
ATOM   469  C C2    . G   B 1 2  ? 16.703  17.496  -11.407 1.00 35.67 ? 25  G   B C2    1 
ATOM   470  N N2    . G   B 1 2  ? 16.575  18.590  -10.636 1.00 35.77 ? 25  G   B N2    1 
ATOM   471  N N3    . G   B 1 2  ? 17.735  16.675  -11.227 1.00 36.16 ? 25  G   B N3    1 
ATOM   472  C C4    . G   B 1 2  ? 17.697  15.627  -12.077 1.00 37.31 ? 25  G   B C4    1 
ATOM   473  P P     . C   B 1 3  ? 18.805  11.525  -7.721  1.00 44.51 ? 26  C   B P     1 
ATOM   474  O OP1   . C   B 1 3  ? 19.414  10.829  -6.561  1.00 43.99 ? 26  C   B OP1   1 
ATOM   475  O OP2   . C   B 1 3  ? 17.928  10.774  -8.650  1.00 40.96 ? 26  C   B OP2   1 
ATOM   476  O "O5'" . C   B 1 3  ? 18.010  12.798  -7.177  1.00 43.20 ? 26  C   B "O5'" 1 
ATOM   477  C "C5'" . C   B 1 3  ? 18.628  13.732  -6.294  1.00 42.15 ? 26  C   B "C5'" 1 
ATOM   478  C "C4'" . C   B 1 3  ? 17.728  14.933  -6.086  1.00 40.94 ? 26  C   B "C4'" 1 
ATOM   479  O "O4'" . C   B 1 3  ? 17.524  15.619  -7.354  1.00 39.89 ? 26  C   B "O4'" 1 
ATOM   480  C "C3'" . C   B 1 3  ? 16.311  14.612  -5.666  1.00 40.51 ? 26  C   B "C3'" 1 
ATOM   481  O "O3'" . C   B 1 3  ? 16.212  14.313  -4.288  1.00 40.33 ? 26  C   B "O3'" 1 
ATOM   482  C "C2'" . C   B 1 3  ? 15.564  15.884  -6.045  1.00 39.73 ? 26  C   B "C2'" 1 
ATOM   483  O "O2'" . C   B 1 3  ? 15.726  16.948  -5.135  1.00 39.77 ? 26  C   B "O2'" 1 
ATOM   484  C "C1'" . C   B 1 3  ? 16.239  16.231  -7.368  1.00 39.02 ? 26  C   B "C1'" 1 
ATOM   485  N N1    . C   B 1 3  ? 15.483  15.703  -8.510  1.00 38.40 ? 26  C   B N1    1 
ATOM   486  C C2    . C   B 1 3  ? 14.335  16.376  -8.922  1.00 37.31 ? 26  C   B C2    1 
ATOM   487  O O2    . C   B 1 3  ? 13.965  17.371  -8.293  1.00 38.02 ? 26  C   B O2    1 
ATOM   488  N N3    . C   B 1 3  ? 13.653  15.927  -9.984  1.00 36.74 ? 26  C   B N3    1 
ATOM   489  C C4    . C   B 1 3  ? 14.074  14.845  -10.636 1.00 37.18 ? 26  C   B C4    1 
ATOM   490  N N4    . C   B 1 3  ? 13.384  14.462  -11.714 1.00 36.54 ? 26  C   B N4    1 
ATOM   491  C C5    . C   B 1 3  ? 15.224  14.112  -10.219 1.00 37.39 ? 26  C   B C5    1 
ATOM   492  C C6    . C   B 1 3  ? 15.895  14.577  -9.161  1.00 37.83 ? 26  C   B C6    1 
ATOM   493  P P     . G   B 1 4  ? 15.045  13.335  -3.783  1.00 41.14 ? 27  G   B P     1 
ATOM   494  O OP1   . G   B 1 4  ? 15.301  13.042  -2.340  1.00 41.97 ? 27  G   B OP1   1 
ATOM   495  O OP2   . G   B 1 4  ? 14.951  12.221  -4.759  1.00 40.38 ? 27  G   B OP2   1 
ATOM   496  O "O5'" . G   B 1 4  ? 13.726  14.222  -3.889  1.00 40.42 ? 27  G   B "O5'" 1 
ATOM   497  C "C5'" . G   B 1 4  ? 13.658  15.499  -3.254  1.00 39.89 ? 27  G   B "C5'" 1 
ATOM   498  C "C4'" . G   B 1 4  ? 12.302  16.122  -3.488  1.00 39.95 ? 27  G   B "C4'" 1 
ATOM   499  O "O4'" . G   B 1 4  ? 12.193  16.697  -4.824  1.00 38.51 ? 27  G   B "O4'" 1 
ATOM   500  C "C3'" . G   B 1 4  ? 11.168  15.127  -3.445  1.00 40.23 ? 27  G   B "C3'" 1 
ATOM   501  O "O3'" . G   B 1 4  ? 10.831  14.830  -2.098  1.00 42.79 ? 27  G   B "O3'" 1 
ATOM   502  C "C2'" . G   B 1 4  ? 10.074  15.890  -4.172  1.00 39.00 ? 27  G   B "C2'" 1 
ATOM   503  O "O2'" . G   B 1 4  ? 9.528   16.881  -3.329  1.00 40.45 ? 27  G   B "O2'" 1 
ATOM   504  C "C1'" . G   B 1 4  ? 10.864  16.557  -5.297  1.00 36.39 ? 27  G   B "C1'" 1 
ATOM   505  N N9    . G   B 1 4  ? 10.902  15.749  -6.509  1.00 33.48 ? 27  G   B N9    1 
ATOM   506  C C8    . G   B 1 4  ? 11.834  14.781  -6.824  1.00 31.84 ? 27  G   B C8    1 
ATOM   507  N N7    . G   B 1 4  ? 11.617  14.217  -7.983  1.00 30.51 ? 27  G   B N7    1 
ATOM   508  C C5    . G   B 1 4  ? 10.477  14.848  -8.465  1.00 29.87 ? 27  G   B C5    1 
ATOM   509  C C6    . G   B 1 4  ? 9.772   14.662  -9.683  1.00 29.39 ? 27  G   B C6    1 
ATOM   510  O O6    . G   B 1 4  ? 10.013  13.859  -10.593 1.00 28.58 ? 27  G   B O6    1 
ATOM   511  N N1    . G   B 1 4  ? 8.683   15.526  -9.784  1.00 28.06 ? 27  G   B N1    1 
ATOM   512  C C2    . G   B 1 4  ? 8.313   16.439  -8.824  1.00 28.41 ? 27  G   B C2    1 
ATOM   513  N N2    . G   B 1 4  ? 7.226   17.173  -9.094  1.00 27.47 ? 27  G   B N2    1 
ATOM   514  N N3    . G   B 1 4  ? 8.959   16.616  -7.676  1.00 29.38 ? 27  G   B N3    1 
ATOM   515  C C4    . G   B 1 4  ? 10.024  15.798  -7.566  1.00 30.66 ? 27  G   B C4    1 
ATOM   516  P P     . U   B 1 5  ? 9.624   13.814  -1.799  1.00 45.10 ? 28  U   B P     1 
ATOM   517  O OP1   . U   B 1 5  ? 9.095   14.068  -0.422  1.00 43.46 ? 28  U   B OP1   1 
ATOM   518  O OP2   . U   B 1 5  ? 10.060  12.431  -2.196  1.00 43.54 ? 28  U   B OP2   1 
ATOM   519  O "O5'" . U   B 1 5  ? 8.528   14.330  -2.821  1.00 43.92 ? 28  U   B "O5'" 1 
ATOM   520  C "C5'" . U   B 1 5  ? 7.501   13.487  -3.275  1.00 43.48 ? 28  U   B "C5'" 1 
ATOM   521  C "C4'" . U   B 1 5  ? 6.357   14.324  -3.768  1.00 43.35 ? 28  U   B "C4'" 1 
ATOM   522  O "O4'" . U   B 1 5  ? 6.735   15.056  -4.966  1.00 42.42 ? 28  U   B "O4'" 1 
ATOM   523  C "C3'" . U   B 1 5  ? 5.176   13.499  -4.198  1.00 43.66 ? 28  U   B "C3'" 1 
ATOM   524  O "O3'" . U   B 1 5  ? 4.447   13.165  -3.028  1.00 43.59 ? 28  U   B "O3'" 1 
ATOM   525  C "C2'" . U   B 1 5  ? 4.464   14.456  -5.140  1.00 42.59 ? 28  U   B "C2'" 1 
ATOM   526  O "O2'" . U   B 1 5  ? 3.809   15.493  -4.444  1.00 43.42 ? 28  U   B "O2'" 1 
ATOM   527  C "C1'" . U   B 1 5  ? 5.655   15.055  -5.880  1.00 40.95 ? 28  U   B "C1'" 1 
ATOM   528  N N1    . U   B 1 5  ? 6.041   14.242  -7.036  1.00 37.79 ? 28  U   B N1    1 
ATOM   529  C C2    . U   B 1 5  ? 5.214   14.283  -8.134  1.00 36.82 ? 28  U   B C2    1 
ATOM   530  O O2    . U   B 1 5  ? 4.207   14.982  -8.176  1.00 37.56 ? 28  U   B O2    1 
ATOM   531  N N3    . U   B 1 5  ? 5.601   13.481  -9.182  1.00 34.78 ? 28  U   B N3    1 
ATOM   532  C C4    . U   B 1 5  ? 6.712   12.670  -9.240  1.00 34.26 ? 28  U   B C4    1 
ATOM   533  O O4    . U   B 1 5  ? 6.888   11.963  -10.236 1.00 34.57 ? 28  U   B O4    1 
ATOM   534  C C5    . U   B 1 5  ? 7.534   12.695  -8.067  1.00 34.43 ? 28  U   B C5    1 
ATOM   535  C C6    . U   B 1 5  ? 7.177   13.461  -7.029  1.00 36.56 ? 28  U   B C6    1 
ATOM   536  P P     . C   B 1 6  ? 3.546   11.849  -3.025  1.00 44.17 ? 29  C   B P     1 
ATOM   537  O OP1   . C   B 1 6  ? 2.708   11.871  -1.796  1.00 46.02 ? 29  C   B OP1   1 
ATOM   538  O OP2   . C   B 1 6  ? 4.378   10.648  -3.325  1.00 42.00 ? 29  C   B OP2   1 
ATOM   539  O "O5'" . C   B 1 6  ? 2.610   12.116  -4.275  1.00 42.17 ? 29  C   B "O5'" 1 
ATOM   540  C "C5'" . C   B 1 6  ? 2.127   11.031  -5.014  1.00 39.82 ? 29  C   B "C5'" 1 
ATOM   541  C "C4'" . C   B 1 6  ? 1.460   11.487  -6.279  1.00 36.68 ? 29  C   B "C4'" 1 
ATOM   542  O "O4'" . C   B 1 6  ? 2.420   12.092  -7.190  1.00 35.60 ? 29  C   B "O4'" 1 
ATOM   543  C "C3'" . C   B 1 6  ? 1.005   10.242  -6.986  1.00 36.59 ? 29  C   B "C3'" 1 
ATOM   544  O "O3'" . C   B 1 6  ? -0.255  9.884   -6.470  1.00 37.55 ? 29  C   B "O3'" 1 
ATOM   545  C "C2'" . C   B 1 6  ? 1.066   10.633  -8.442  1.00 35.80 ? 29  C   B "C2'" 1 
ATOM   546  O "O2'" . C   B 1 6  ? -0.031  11.454  -8.771  1.00 37.06 ? 29  C   B "O2'" 1 
ATOM   547  C "C1'" . C   B 1 6  ? 2.368   11.439  -8.451  1.00 34.34 ? 29  C   B "C1'" 1 
ATOM   548  N N1    . C   B 1 6  ? 3.603   10.621  -8.598  1.00 30.60 ? 29  C   B N1    1 
ATOM   549  C C2    . C   B 1 6  ? 3.821   9.926   -9.790  1.00 29.06 ? 29  C   B C2    1 
ATOM   550  O O2    . C   B 1 6  ? 2.975   9.989   -10.686 1.00 29.75 ? 29  C   B O2    1 
ATOM   551  N N3    . C   B 1 6  ? 4.948   9.199   -9.942  1.00 28.64 ? 29  C   B N3    1 
ATOM   552  C C4    . C   B 1 6  ? 5.849   9.150   -8.956  1.00 29.22 ? 29  C   B C4    1 
ATOM   553  N N4    . C   B 1 6  ? 6.970   8.441   -9.171  1.00 28.81 ? 29  C   B N4    1 
ATOM   554  C C5    . C   B 1 6  ? 5.647   9.835   -7.717  1.00 29.85 ? 29  C   B C5    1 
ATOM   555  C C6    . C   B 1 6  ? 4.523   10.551  -7.585  1.00 30.15 ? 29  C   B C6    1 
ATOM   556  P P     . A   B 1 7  ? -0.431  8.445   -5.787  1.00 37.41 ? 30  A   B P     1 
ATOM   557  O OP1   . A   B 1 7  ? -1.727  8.490   -5.049  1.00 38.08 ? 30  A   B OP1   1 
ATOM   558  O OP2   . A   B 1 7  ? 0.826   8.083   -5.063  1.00 35.05 ? 30  A   B OP2   1 
ATOM   559  O "O5'" . A   B 1 7  ? -0.577  7.497   -7.060  1.00 35.47 ? 30  A   B "O5'" 1 
ATOM   560  C "C5'" . A   B 1 7  ? -1.456  7.855   -8.112  1.00 33.41 ? 30  A   B "C5'" 1 
ATOM   561  C "C4'" . A   B 1 7  ? -1.023  7.211   -9.401  1.00 32.62 ? 30  A   B "C4'" 1 
ATOM   562  O "O4'" . A   B 1 7  ? 0.297   7.674   -9.779  1.00 31.82 ? 30  A   B "O4'" 1 
ATOM   563  C "C3'" . A   B 1 7  ? -0.835  5.713   -9.344  1.00 33.19 ? 30  A   B "C3'" 1 
ATOM   564  O "O3'" . A   B 1 7  ? -2.086  5.054   -9.410  1.00 34.02 ? 30  A   B "O3'" 1 
ATOM   565  C "C2'" . A   B 1 7  ? 0.010   5.462   -10.582 1.00 31.71 ? 30  A   B "C2'" 1 
ATOM   566  O "O2'" . A   B 1 7  ? -0.773  5.518   -11.737 1.00 33.29 ? 30  A   B "O2'" 1 
ATOM   567  C "C1'" . A   B 1 7  ? 0.920   6.688   -10.586 1.00 29.66 ? 30  A   B "C1'" 1 
ATOM   568  N N9    . A   B 1 7  ? 2.251   6.415   -10.054 1.00 26.49 ? 30  A   B N9    1 
ATOM   569  C C8    . A   B 1 7  ? 2.804   6.883   -8.894  1.00 26.74 ? 30  A   B C8    1 
ATOM   570  N N7    . A   B 1 7  ? 4.022   6.443   -8.676  1.00 26.44 ? 30  A   B N7    1 
ATOM   571  C C5    . A   B 1 7  ? 4.282   5.631   -9.770  1.00 23.96 ? 30  A   B C5    1 
ATOM   572  C C6    . A   B 1 7  ? 5.407   4.870   -10.136 1.00 24.57 ? 30  A   B C6    1 
ATOM   573  N N6    . A   B 1 7  ? 6.520   4.767   -9.387  1.00 23.70 ? 30  A   B N6    1 
ATOM   574  N N1    . A   B 1 7  ? 5.352   4.203   -11.313 1.00 23.76 ? 30  A   B N1    1 
ATOM   575  C C2    . A   B 1 7  ? 4.237   4.290   -12.046 1.00 24.29 ? 30  A   B C2    1 
ATOM   576  N N3    . A   B 1 7  ? 3.114   4.956   -11.794 1.00 24.28 ? 30  A   B N3    1 
ATOM   577  C C4    . A   B 1 7  ? 3.205   5.614   -10.629 1.00 23.66 ? 30  A   B C4    1 
ATOM   578  P P     . C   B 1 8  ? -2.316  3.748   -8.522  1.00 33.98 ? 31  C   B P     1 
ATOM   579  O OP1   . C   B 1 8  ? -3.713  3.321   -8.664  1.00 34.05 ? 31  C   B OP1   1 
ATOM   580  O OP2   . C   B 1 8  ? -1.745  3.980   -7.174  1.00 33.36 ? 31  C   B OP2   1 
ATOM   581  O "O5'" . C   B 1 8  ? -1.426  2.683   -9.278  1.00 33.30 ? 31  C   B "O5'" 1 
ATOM   582  C "C5'" . C   B 1 8  ? -1.807  2.238   -10.556 1.00 32.75 ? 31  C   B "C5'" 1 
ATOM   583  C "C4'" . C   B 1 8  ? -0.753  1.339   -11.099 1.00 32.15 ? 31  C   B "C4'" 1 
ATOM   584  O "O4'" . C   B 1 8  ? 0.468   2.099   -11.236 1.00 31.69 ? 31  C   B "O4'" 1 
ATOM   585  C "C3'" . C   B 1 8  ? -0.346  0.249   -10.134 1.00 31.69 ? 31  C   B "C3'" 1 
ATOM   586  O "O3'" . C   B 1 8  ? -1.277  -0.823  -10.176 1.00 32.40 ? 31  C   B "O3'" 1 
ATOM   587  C "C2'" . C   B 1 8  ? 1.010   -0.134  -10.691 1.00 31.53 ? 31  C   B "C2'" 1 
ATOM   588  O "O2'" . C   B 1 8  ? 0.821   -0.828  -11.906 1.00 33.24 ? 31  C   B "O2'" 1 
ATOM   589  C "C1'" . C   B 1 8  ? 1.587   1.247   -11.004 1.00 31.31 ? 31  C   B "C1'" 1 
ATOM   590  N N1    . C   B 1 8  ? 2.412   1.819   -9.917  1.00 28.71 ? 31  C   B N1    1 
ATOM   591  C C2    . C   B 1 8  ? 3.720   1.363   -9.761  1.00 27.22 ? 31  C   B C2    1 
ATOM   592  O O2    . C   B 1 8  ? 4.144   0.498   -10.524 1.00 28.29 ? 31  C   B O2    1 
ATOM   593  N N3    . C   B 1 8  ? 4.487   1.867   -8.776  1.00 27.28 ? 31  C   B N3    1 
ATOM   594  C C4    . C   B 1 8  ? 3.991   2.783   -7.948  1.00 26.40 ? 31  C   B C4    1 
ATOM   595  N N4    . C   B 1 8  ? 4.784   3.224   -6.965  1.00 25.18 ? 31  C   B N4    1 
ATOM   596  C C5    . C   B 1 8  ? 2.662   3.280   -8.083  1.00 25.89 ? 31  C   B C5    1 
ATOM   597  C C6    . C   B 1 8  ? 1.913   2.773   -9.075  1.00 28.25 ? 31  C   B C6    1 
ATOM   598  P P     . A   B 1 9  ? -1.568  -1.673  -8.841  1.00 31.55 ? 32  A   B P     1 
ATOM   599  O OP1   . A   B 1 9  ? -2.672  -2.593  -9.202  1.00 33.39 ? 32  A   B OP1   1 
ATOM   600  O OP2   . A   B 1 9  ? -1.736  -0.737  -7.696  1.00 30.42 ? 32  A   B OP2   1 
ATOM   601  O "O5'" . A   B 1 9  ? -0.238  -2.537  -8.671  1.00 30.94 ? 32  A   B "O5'" 1 
ATOM   602  C "C5'" . A   B 1 9  ? 0.154   -3.429  -9.718  1.00 29.92 ? 32  A   B "C5'" 1 
ATOM   603  C "C4'" . A   B 1 9  ? 1.509   -4.030  -9.441  1.00 29.31 ? 32  A   B "C4'" 1 
ATOM   604  O "O4'" . A   B 1 9  ? 2.537   -3.014  -9.523  1.00 29.62 ? 32  A   B "O4'" 1 
ATOM   605  C "C3'" . A   B 1 9  ? 1.712   -4.622  -8.059  1.00 28.87 ? 32  A   B "C3'" 1 
ATOM   606  O "O3'" . A   B 1 9  ? 1.112   -5.907  -7.982  1.00 30.32 ? 32  A   B "O3'" 1 
ATOM   607  C "C2'" . A   B 1 9  ? 3.232   -4.689  -7.993  1.00 28.69 ? 32  A   B "C2'" 1 
ATOM   608  O "O2'" . A   B 1 9  ? 3.778   -5.734  -8.769  1.00 29.06 ? 32  A   B "O2'" 1 
ATOM   609  C "C1'" . A   B 1 9  ? 3.609   -3.368  -8.653  1.00 27.66 ? 32  A   B "C1'" 1 
ATOM   610  N N9    . A   B 1 9  ? 3.771   -2.314  -7.660  1.00 25.31 ? 32  A   B N9    1 
ATOM   611  C C8    . A   B 1 9  ? 2.878   -1.337  -7.317  1.00 25.03 ? 32  A   B C8    1 
ATOM   612  N N7    . A   B 1 9  ? 3.320   -0.515  -6.396  1.00 24.05 ? 32  A   B N7    1 
ATOM   613  C C5    . A   B 1 9  ? 4.593   -0.985  -6.116  1.00 23.27 ? 32  A   B C5    1 
ATOM   614  C C6    . A   B 1 9  ? 5.589   -0.533  -5.243  1.00 22.41 ? 32  A   B C6    1 
ATOM   615  N N6    . A   B 1 9  ? 5.456   0.550   -4.466  1.00 21.44 ? 32  A   B N6    1 
ATOM   616  N N1    . A   B 1 9  ? 6.742   -1.226  -5.195  1.00 22.82 ? 32  A   B N1    1 
ATOM   617  C C2    . A   B 1 9  ? 6.878   -2.304  -5.978  1.00 23.11 ? 32  A   B C2    1 
ATOM   618  N N3    . A   B 1 9  ? 6.012   -2.824  -6.850  1.00 25.38 ? 32  A   B N3    1 
ATOM   619  C C4    . A   B 1 9  ? 4.878   -2.103  -6.874  1.00 24.30 ? 32  A   B C4    1 
ATOM   620  P P     . C   B 1 10 ? 0.497   -6.437  -6.584  1.00 31.49 ? 33  C   B P     1 
ATOM   621  O OP1   . C   B 1 10 ? -0.245  -7.671  -6.941  1.00 31.63 ? 33  C   B OP1   1 
ATOM   622  O OP2   . C   B 1 10 ? -0.182  -5.338  -5.844  1.00 27.75 ? 33  C   B OP2   1 
ATOM   623  O "O5'" . C   B 1 10 ? 1.771   -6.921  -5.760  1.00 29.78 ? 33  C   B "O5'" 1 
ATOM   624  C "C5'" . C   B 1 10 ? 2.615   -7.928  -6.289  1.00 28.83 ? 33  C   B "C5'" 1 
ATOM   625  C "C4'" . C   B 1 10 ? 3.905   -7.964  -5.529  1.00 27.98 ? 33  C   B "C4'" 1 
ATOM   626  O "O4'" . C   B 1 10 ? 4.638   -6.736  -5.754  1.00 26.10 ? 33  C   B "O4'" 1 
ATOM   627  C "C3'" . C   B 1 10 ? 3.735   -7.998  -4.025  1.00 27.89 ? 33  C   B "C3'" 1 
ATOM   628  O "O3'" . C   B 1 10 ? 3.507   -9.326  -3.573  1.00 29.26 ? 33  C   B "O3'" 1 
ATOM   629  C "C2'" . C   B 1 10 ? 5.088   -7.490  -3.560  1.00 27.35 ? 33  C   B "C2'" 1 
ATOM   630  O "O2'" . C   B 1 10 ? 6.078   -8.488  -3.685  1.00 28.57 ? 33  C   B "O2'" 1 
ATOM   631  C "C1'" . C   B 1 10 ? 5.350   -6.388  -4.583  1.00 26.25 ? 33  C   B "C1'" 1 
ATOM   632  N N1    . C   B 1 10 ? 4.842   -5.106  -4.100  1.00 24.92 ? 33  C   B N1    1 
ATOM   633  C C2    . C   B 1 10 ? 5.700   -4.302  -3.377  1.00 23.73 ? 33  C   B C2    1 
ATOM   634  O O2    . C   B 1 10 ? 6.857   -4.709  -3.159  1.00 22.08 ? 33  C   B O2    1 
ATOM   635  N N3    . C   B 1 10 ? 5.263   -3.108  -2.924  1.00 23.26 ? 33  C   B N3    1 
ATOM   636  C C4    . C   B 1 10 ? 4.014   -2.717  -3.172  1.00 23.74 ? 33  C   B C4    1 
ATOM   637  N N4    . C   B 1 10 ? 3.631   -1.529  -2.698  1.00 22.33 ? 33  C   B N4    1 
ATOM   638  C C5    . C   B 1 10 ? 3.107   -3.526  -3.909  1.00 23.53 ? 33  C   B C5    1 
ATOM   639  C C6    . C   B 1 10 ? 3.561   -4.708  -4.349  1.00 24.39 ? 33  C   B C6    1 
ATOM   640  P P     . C   B 1 11 ? 2.933   -9.597  -2.095  1.00 28.99 ? 34  C   B P     1 
ATOM   641  O OP1   . C   B 1 11 ? 2.841   -11.071 -1.939  1.00 30.60 ? 34  C   B OP1   1 
ATOM   642  O OP2   . C   B 1 11 ? 1.730   -8.751  -1.885  1.00 28.21 ? 34  C   B OP2   1 
ATOM   643  O "O5'" . C   B 1 11 ? 4.047   -9.021  -1.117  1.00 28.34 ? 34  C   B "O5'" 1 
ATOM   644  C "C5'" . C   B 1 11 ? 5.281   -9.696  -0.935  1.00 26.46 ? 34  C   B "C5'" 1 
ATOM   645  C "C4'" . C   B 1 11 ? 6.142   -8.935  0.044   1.00 25.84 ? 34  C   B "C4'" 1 
ATOM   646  O "O4'" . C   B 1 11 ? 6.326   -7.577  -0.444  1.00 22.53 ? 34  C   B "O4'" 1 
ATOM   647  C "C3'" . C   B 1 11 ? 5.529   -8.702  1.408   1.00 25.18 ? 34  C   B "C3'" 1 
ATOM   648  O "O3'" . C   B 1 11 ? 5.597   -9.880  2.208   1.00 25.57 ? 34  C   B "O3'" 1 
ATOM   649  C "C2'" . C   B 1 11 ? 6.376   -7.534  1.916   1.00 23.64 ? 34  C   B "C2'" 1 
ATOM   650  O "O2'" . C   B 1 11 ? 7.689   -7.911  2.262   1.00 21.39 ? 34  C   B "O2'" 1 
ATOM   651  C "C1'" . C   B 1 11 ? 6.509   -6.694  0.648   1.00 21.66 ? 34  C   B "C1'" 1 
ATOM   652  N N1    . C   B 1 11 ? 5.543   -5.598  0.533   1.00 21.05 ? 34  C   B N1    1 
ATOM   653  C C2    . C   B 1 11 ? 5.827   -4.382  1.158   1.00 20.14 ? 34  C   B C2    1 
ATOM   654  O O2    . C   B 1 11 ? 6.920   -4.255  1.809   1.00 22.37 ? 34  C   B O2    1 
ATOM   655  N N3    . C   B 1 11 ? 4.963   -3.351  1.027   1.00 21.35 ? 34  C   B N3    1 
ATOM   656  C C4    . C   B 1 11 ? 3.843   -3.503  0.323   1.00 21.66 ? 34  C   B C4    1 
ATOM   657  N N4    . C   B 1 11 ? 2.986   -2.521  0.230   1.00 19.17 ? 34  C   B N4    1 
ATOM   658  C C5    . C   B 1 11 ? 3.515   -4.736  -0.311  1.00 20.65 ? 34  C   B C5    1 
ATOM   659  C C6    . C   B 1 11 ? 4.387   -5.752  -0.180  1.00 22.06 ? 34  C   B C6    1 
ATOM   660  P P     . G   B 1 12 ? 4.561   -10.079 3.424   1.00 26.69 ? 35  G   B P     1 
ATOM   661  O OP1   . G   B 1 12 ? 4.801   -11.418 3.994   1.00 28.01 ? 35  G   B OP1   1 
ATOM   662  O OP2   . G   B 1 12 ? 3.182   -9.701  3.043   1.00 25.67 ? 35  G   B OP2   1 
ATOM   663  O "O5'" . G   B 1 12 ? 5.090   -8.983  4.447   1.00 24.95 ? 35  G   B "O5'" 1 
ATOM   664  C "C5'" . G   B 1 12 ? 4.204   -8.231  5.257   1.00 23.07 ? 35  G   B "C5'" 1 
ATOM   665  C "C4'" . G   B 1 12 ? 4.966   -7.089  5.889   1.00 23.41 ? 35  G   B "C4'" 1 
ATOM   666  O "O4'" . G   B 1 12 ? 5.384   -6.158  4.851   1.00 23.55 ? 35  G   B "O4'" 1 
ATOM   667  C "C3'" . G   B 1 12 ? 4.183   -6.230  6.854   1.00 23.17 ? 35  G   B "C3'" 1 
ATOM   668  O "O3'" . G   B 1 12 ? 4.185   -6.820  8.137   1.00 25.85 ? 35  G   B "O3'" 1 
ATOM   669  C "C2'" . G   B 1 12 ? 4.969   -4.931  6.834   1.00 22.94 ? 35  G   B "C2'" 1 
ATOM   670  O "O2'" . G   B 1 12 ? 6.136   -4.977  7.624   1.00 24.86 ? 35  G   B "O2'" 1 
ATOM   671  C "C1'" . G   B 1 12 ? 5.333   -4.832  5.352   1.00 21.59 ? 35  G   B "C1'" 1 
ATOM   672  N N9    . G   B 1 12 ? 4.275   -4.139  4.641   1.00 18.76 ? 35  G   B N9    1 
ATOM   673  C C8    . G   B 1 12 ? 3.393   -4.671  3.738   1.00 18.67 ? 35  G   B C8    1 
ATOM   674  N N7    . G   B 1 12 ? 2.517   -3.798  3.306   1.00 19.56 ? 35  G   B N7    1 
ATOM   675  C C5    . G   B 1 12 ? 2.857   -2.621  3.962   1.00 18.35 ? 35  G   B C5    1 
ATOM   676  C C6    . G   B 1 12 ? 2.266   -1.347  3.911   1.00 19.11 ? 35  G   B C6    1 
ATOM   677  O O6    . G   B 1 12 ? 1.317   -0.978  3.245   1.00 21.51 ? 35  G   B O6    1 
ATOM   678  N N1    . G   B 1 12 ? 2.911   -0.447  4.749   1.00 19.21 ? 35  G   B N1    1 
ATOM   679  C C2    . G   B 1 12 ? 4.003   -0.740  5.530   1.00 17.33 ? 35  G   B C2    1 
ATOM   680  N N2    . G   B 1 12 ? 4.478   0.266   6.290   1.00 15.00 ? 35  G   B N2    1 
ATOM   681  N N3    . G   B 1 12 ? 4.578   -1.926  5.570   1.00 15.81 ? 35  G   B N3    1 
ATOM   682  C C4    . G   B 1 12 ? 3.949   -2.814  4.777   1.00 18.74 ? 35  G   B C4    1 
ATOM   683  P P     . G   B 1 13 ? 2.863   -6.743  9.035   1.00 25.82 ? 36  G   B P     1 
ATOM   684  O OP1   . G   B 1 13 ? 3.094   -7.662  10.194  1.00 26.85 ? 36  G   B OP1   1 
ATOM   685  O OP2   . G   B 1 13 ? 1.679   -6.949  8.151   1.00 24.93 ? 36  G   B OP2   1 
ATOM   686  O "O5'" . G   B 1 13 ? 2.854   -5.238  9.569   1.00 24.60 ? 36  G   B "O5'" 1 
ATOM   687  C "C5'" . G   B 1 13 ? 3.997   -4.718  10.230  1.00 24.05 ? 36  G   B "C5'" 1 
ATOM   688  C "C4'" . G   B 1 13 ? 3.931   -3.207  10.321  1.00 23.92 ? 36  G   B "C4'" 1 
ATOM   689  O "O4'" . G   B 1 13 ? 3.988   -2.599  9.003   1.00 21.85 ? 36  G   B "O4'" 1 
ATOM   690  C "C3'" . G   B 1 13 ? 2.674   -2.619  10.934  1.00 22.05 ? 36  G   B "C3'" 1 
ATOM   691  O "O3'" . G   B 1 13 ? 2.771   -2.673  12.341  1.00 22.64 ? 36  G   B "O3'" 1 
ATOM   692  C "C2'" . G   B 1 13 ? 2.764   -1.186  10.449  1.00 21.74 ? 36  G   B "C2'" 1 
ATOM   693  O "O2'" . G   B 1 13 ? 3.738   -0.454  11.156  1.00 20.22 ? 36  G   B "O2'" 1 
ATOM   694  C "C1'" . G   B 1 13 ? 3.243   -1.397  9.013   1.00 21.36 ? 36  G   B "C1'" 1 
ATOM   695  N N9    . G   B 1 13 ? 2.125   -1.568  8.098   1.00 21.38 ? 36  G   B N9    1 
ATOM   696  C C8    . G   B 1 13 ? 1.749   -2.732  7.482   1.00 20.39 ? 36  G   B C8    1 
ATOM   697  N N7    . G   B 1 13 ? 0.736   -2.583  6.687   1.00 19.89 ? 36  G   B N7    1 
ATOM   698  C C5    . G   B 1 13 ? 0.411   -1.237  6.787   1.00 19.09 ? 36  G   B C5    1 
ATOM   699  C C6    . G   B 1 13 ? -0.591  -0.487  6.127   1.00 18.32 ? 36  G   B C6    1 
ATOM   700  O O6    . G   B 1 13 ? -1.388  -0.876  5.254   1.00 18.77 ? 36  G   B O6    1 
ATOM   701  N N1    . G   B 1 13 ? -0.597  0.846   6.544   1.00 15.64 ? 36  G   B N1    1 
ATOM   702  C C2    . G   B 1 13 ? 0.286   1.394   7.454   1.00 15.97 ? 36  G   B C2    1 
ATOM   703  N N2    . G   B 1 13 ? 0.125   2.698   7.746   1.00 15.00 ? 36  G   B N2    1 
ATOM   704  N N3    . G   B 1 13 ? 1.255   0.706   8.040   1.00 18.02 ? 36  G   B N3    1 
ATOM   705  C C4    . G   B 1 13 ? 1.250   -0.597  7.668   1.00 18.52 ? 36  G   B C4    1 
ATOM   706  P P     . U   B 1 14 ? 1.507   -3.120  13.204  1.00 24.23 ? 37  U   B P     1 
ATOM   707  O OP1   . U   B 1 14 ? 1.997   -3.080  14.606  1.00 26.32 ? 37  U   B OP1   1 
ATOM   708  O OP2   . U   B 1 14 ? 0.914   -4.362  12.656  1.00 23.96 ? 37  U   B OP2   1 
ATOM   709  O "O5'" . U   B 1 14 ? 0.496   -1.913  13.050  1.00 22.36 ? 37  U   B "O5'" 1 
ATOM   710  C "C5'" . U   B 1 14 ? 0.796   -0.700  13.698  1.00 19.72 ? 37  U   B "C5'" 1 
ATOM   711  C "C4'" . U   B 1 14 ? -0.044  0.399   13.136  1.00 21.14 ? 37  U   B "C4'" 1 
ATOM   712  O "O4'" . U   B 1 14 ? 0.166   0.475   11.706  1.00 19.53 ? 37  U   B "O4'" 1 
ATOM   713  C "C3'" . U   B 1 14 ? -1.532  0.172   13.211  1.00 19.45 ? 37  U   B "C3'" 1 
ATOM   714  O "O3'" . U   B 1 14 ? -2.025  0.431   14.506  1.00 22.93 ? 37  U   B "O3'" 1 
ATOM   715  C "C2'" . U   B 1 14 ? -2.009  1.208   12.213  1.00 21.25 ? 37  U   B "C2'" 1 
ATOM   716  O "O2'" . U   B 1 14 ? -1.862  2.522   12.696  1.00 20.41 ? 37  U   B "O2'" 1 
ATOM   717  C "C1'" . U   B 1 14 ? -1.003  0.989   11.090  1.00 18.90 ? 37  U   B "C1'" 1 
ATOM   718  N N1    . U   B 1 14 ? -1.508  -0.003  10.136  1.00 18.03 ? 37  U   B N1    1 
ATOM   719  C C2    . U   B 1 14 ? -2.454  0.409   9.251   1.00 18.38 ? 37  U   B C2    1 
ATOM   720  O O2    . U   B 1 14 ? -2.888  1.550   9.246   1.00 18.32 ? 37  U   B O2    1 
ATOM   721  N N3    . U   B 1 14 ? -2.888  -0.550  8.373   1.00 18.74 ? 37  U   B N3    1 
ATOM   722  C C4    . U   B 1 14 ? -2.475  -1.856  8.313   1.00 20.04 ? 37  U   B C4    1 
ATOM   723  O O4    . U   B 1 14 ? -2.912  -2.594  7.437   1.00 19.18 ? 37  U   B O4    1 
ATOM   724  C C5    . U   B 1 14 ? -1.492  -2.210  9.281   1.00 21.09 ? 37  U   B C5    1 
ATOM   725  C C6    . U   B 1 14 ? -1.051  -1.285  10.138  1.00 20.94 ? 37  U   B C6    1 
ATOM   726  P P     . G   B 1 15 ? -3.388  -0.263  14.972  1.00 23.83 ? 38  G   B P     1 
ATOM   727  O OP1   . G   B 1 15 ? -3.545  -0.020  16.417  1.00 25.41 ? 38  G   B OP1   1 
ATOM   728  O OP2   . G   B 1 15 ? -3.376  -1.650  14.461  1.00 21.40 ? 38  G   B OP2   1 
ATOM   729  O "O5'" . G   B 1 15 ? -4.481  0.594   14.211  1.00 22.95 ? 38  G   B "O5'" 1 
ATOM   730  C "C5'" . G   B 1 15 ? -4.496  2.007   14.339  1.00 22.74 ? 38  G   B "C5'" 1 
ATOM   731  C "C4'" . G   B 1 15 ? -5.578  2.597   13.458  1.00 21.85 ? 38  G   B "C4'" 1 
ATOM   732  O "O4'" . G   B 1 15 ? -5.205  2.500   12.065  1.00 21.14 ? 38  G   B "O4'" 1 
ATOM   733  C "C3'" . G   B 1 15 ? -6.905  1.875   13.503  1.00 22.01 ? 38  G   B "C3'" 1 
ATOM   734  O "O3'" . G   B 1 15 ? -7.619  2.283   14.652  1.00 24.32 ? 38  G   B "O3'" 1 
ATOM   735  C "C2'" . G   B 1 15 ? -7.559  2.380   12.235  1.00 19.73 ? 38  G   B "C2'" 1 
ATOM   736  O "O2'" . G   B 1 15 ? -8.019  3.692   12.433  1.00 21.88 ? 38  G   B "O2'" 1 
ATOM   737  C "C1'" . G   B 1 15 ? -6.372  2.387   11.272  1.00 19.63 ? 38  G   B "C1'" 1 
ATOM   738  N N9    . G   B 1 15 ? -6.258  1.150   10.513  1.00 17.85 ? 38  G   B N9    1 
ATOM   739  C C8    . G   B 1 15 ? -5.464  0.077   10.816  1.00 16.33 ? 38  G   B C8    1 
ATOM   740  N N7    . G   B 1 15 ? -5.552  -0.888  9.941   1.00 15.67 ? 38  G   B N7    1 
ATOM   741  C C5    . G   B 1 15 ? -6.472  -0.429  9.015   1.00 15.00 ? 38  G   B C5    1 
ATOM   742  C C6    . G   B 1 15 ? -6.945  -1.025  7.839   1.00 15.00 ? 38  G   B C6    1 
ATOM   743  O O6    . G   B 1 15 ? -6.645  -2.133  7.362   1.00 16.31 ? 38  G   B O6    1 
ATOM   744  N N1    . G   B 1 15 ? -7.844  -0.200  7.169   1.00 15.00 ? 38  G   B N1    1 
ATOM   745  C C2    . G   B 1 15 ? -8.222  1.045   7.586   1.00 15.00 ? 38  G   B C2    1 
ATOM   746  N N2    . G   B 1 15 ? -9.082  1.691   6.798   1.00 16.86 ? 38  G   B N2    1 
ATOM   747  N N3    . G   B 1 15 ? -7.786  1.619   8.696   1.00 15.00 ? 38  G   B N3    1 
ATOM   748  C C4    . G   B 1 15 ? -6.918  0.830   9.354   1.00 15.85 ? 38  G   B C4    1 
ATOM   749  P P     . A   B 1 16 ? -8.362  1.181   15.552  1.00 25.64 ? 39  A   B P     1 
ATOM   750  O OP1   . A   B 1 16 ? -8.183  1.505   16.970  1.00 27.05 ? 39  A   B OP1   1 
ATOM   751  O OP2   . A   B 1 16 ? -8.048  -0.189  15.080  1.00 23.96 ? 39  A   B OP2   1 
ATOM   752  O "O5'" . A   B 1 16 ? -9.876  1.521   15.254  1.00 25.39 ? 39  A   B "O5'" 1 
ATOM   753  C "C5'" . A   B 1 16 ? -10.565 0.783   14.302  1.00 25.69 ? 39  A   B "C5'" 1 
ATOM   754  C "C4'" . A   B 1 16 ? -12.044 0.932   14.491  1.00 24.61 ? 39  A   B "C4'" 1 
ATOM   755  O "O4'" . A   B 1 16 ? -12.509 2.285   14.403  1.00 24.55 ? 39  A   B "O4'" 1 
ATOM   756  C "C3'" . A   B 1 16 ? -12.731 0.132   13.411  1.00 23.85 ? 39  A   B "C3'" 1 
ATOM   757  O "O3'" . A   B 1 16 ? -13.436 -0.820  14.203  1.00 21.79 ? 39  A   B "O3'" 1 
ATOM   758  C "C2'" . A   B 1 16 ? -13.696 1.094   12.722  1.00 24.18 ? 39  A   B "C2'" 1 
ATOM   759  O "O2'" . A   B 1 16 ? -14.980 0.548   12.576  1.00 30.29 ? 39  A   B "O2'" 1 
ATOM   760  C "C1'" . A   B 1 16 ? -13.719 2.273   13.694  1.00 25.21 ? 39  A   B "C1'" 1 
ATOM   761  N N9    . A   B 1 16 ? -14.022 3.613   13.213  1.00 25.77 ? 39  A   B N9    1 
ATOM   762  C C8    . A   B 1 16 ? -13.539 4.313   12.138  1.00 26.04 ? 39  A   B C8    1 
ATOM   763  N N7    . A   B 1 16 ? -13.966 5.555   12.087  1.00 26.15 ? 39  A   B N7    1 
ATOM   764  C C5    . A   B 1 16 ? -14.801 5.663   13.190  1.00 24.28 ? 39  A   B C5    1 
ATOM   765  C C6    . A   B 1 16 ? -15.535 6.720   13.700  1.00 24.84 ? 39  A   B C6    1 
ATOM   766  N N6    . A   B 1 16 ? -15.551 7.936   13.152  1.00 26.19 ? 39  A   B N6    1 
ATOM   767  N N1    . A   B 1 16 ? -16.271 6.499   14.802  1.00 24.30 ? 39  A   B N1    1 
ATOM   768  C C2    . A   B 1 16 ? -16.264 5.277   15.342  1.00 25.60 ? 39  A   B C2    1 
ATOM   769  N N3    . A   B 1 16 ? -15.605 4.196   14.953  1.00 24.56 ? 39  A   B N3    1 
ATOM   770  C C4    . A   B 1 16 ? -14.876 4.464   13.864  1.00 24.18 ? 39  A   B C4    1 
ATOM   771  P P     . A   B 1 17 ? -13.630 -2.310  13.699  1.00 21.07 ? 40  A   B P     1 
ATOM   772  O OP1   . A   B 1 17 ? -13.811 -3.062  14.961  1.00 22.95 ? 40  A   B OP1   1 
ATOM   773  O OP2   . A   B 1 17 ? -12.540 -2.694  12.772  1.00 19.28 ? 40  A   B OP2   1 
ATOM   774  O "O5'" . A   B 1 17 ? -15.032 -2.253  12.957  1.00 20.25 ? 40  A   B "O5'" 1 
ATOM   775  C "C5'" . A   B 1 17 ? -16.228 -2.042  13.713  1.00 21.88 ? 40  A   B "C5'" 1 
ATOM   776  C "C4'" . A   B 1 17 ? -17.279 -1.414  12.841  1.00 21.72 ? 40  A   B "C4'" 1 
ATOM   777  O "O4'" . A   B 1 17 ? -16.916 -0.069  12.567  1.00 22.12 ? 40  A   B "O4'" 1 
ATOM   778  C "C3'" . A   B 1 17 ? -17.495 -2.073  11.477  1.00 22.79 ? 40  A   B "C3'" 1 
ATOM   779  O "O3'" . A   B 1 17 ? -18.712 -2.818  11.592  1.00 23.78 ? 40  A   B "O3'" 1 
ATOM   780  C "C2'" . A   B 1 17 ? -17.735 -0.914  10.500  1.00 21.45 ? 40  A   B "C2'" 1 
ATOM   781  O "O2'" . A   B 1 17 ? -19.014 -0.892  9.928   1.00 23.69 ? 40  A   B "O2'" 1 
ATOM   782  C "C1'" . A   B 1 17 ? -17.575 0.318   11.393  1.00 21.91 ? 40  A   B "C1'" 1 
ATOM   783  N N9    . A   B 1 17 ? -16.948 1.509   10.838  1.00 19.92 ? 40  A   B N9    1 
ATOM   784  C C8    . A   B 1 17 ? -16.039 1.629   9.837   1.00 19.94 ? 40  A   B C8    1 
ATOM   785  N N7    . A   B 1 17 ? -15.775 2.879   9.517   1.00 23.02 ? 40  A   B N7    1 
ATOM   786  C C5    . A   B 1 17 ? -16.552 3.620   10.394  1.00 20.79 ? 40  A   B C5    1 
ATOM   787  C C6    . A   B 1 17 ? -16.747 4.992   10.545  1.00 22.18 ? 40  A   B C6    1 
ATOM   788  N N6    . A   B 1 17 ? -16.182 5.904   9.753   1.00 22.41 ? 40  A   B N6    1 
ATOM   789  N N1    . A   B 1 17 ? -17.563 5.408   11.535  1.00 22.02 ? 40  A   B N1    1 
ATOM   790  C C2    . A   B 1 17 ? -18.156 4.484   12.301  1.00 20.89 ? 40  A   B C2    1 
ATOM   791  N N3    . A   B 1 17 ? -18.076 3.160   12.232  1.00 18.70 ? 40  A   B N3    1 
ATOM   792  C C4    . A   B 1 17 ? -17.249 2.791   11.238  1.00 19.45 ? 40  A   B C4    1 
ATOM   793  P P     . G   B 1 18 ? -18.833 -4.314  11.008  1.00 23.65 ? 41  G   B P     1 
ATOM   794  O OP1   . G   B 1 18 ? -20.249 -4.676  11.324  1.00 24.68 ? 41  G   B OP1   1 
ATOM   795  O OP2   . G   B 1 18 ? -17.724 -5.177  11.471  1.00 23.29 ? 41  G   B OP2   1 
ATOM   796  O "O5'" . G   B 1 18 ? -18.631 -4.150  9.446   1.00 24.51 ? 41  G   B "O5'" 1 
ATOM   797  C "C5'" . G   B 1 18 ? -19.679 -3.771  8.591   1.00 23.00 ? 41  G   B "C5'" 1 
ATOM   798  C "C4'" . G   B 1 18 ? -19.313 -4.170  7.200   1.00 22.68 ? 41  G   B "C4'" 1 
ATOM   799  O "O4'" . G   B 1 18 ? -18.083 -3.496  6.851   1.00 23.57 ? 41  G   B "O4'" 1 
ATOM   800  C "C3'" . G   B 1 18 ? -18.922 -5.631  7.091   1.00 23.09 ? 41  G   B "C3'" 1 
ATOM   801  O "O3'" . G   B 1 18 ? -20.085 -6.416  6.909   1.00 24.70 ? 41  G   B "O3'" 1 
ATOM   802  C "C2'" . G   B 1 18 ? -18.094 -5.628  5.825   1.00 21.97 ? 41  G   B "C2'" 1 
ATOM   803  O "O2'" . G   B 1 18 ? -18.930 -5.484  4.707   1.00 24.33 ? 41  G   B "O2'" 1 
ATOM   804  C "C1'" . G   B 1 18 ? -17.309 -4.337  5.997   1.00 21.28 ? 41  G   B "C1'" 1 
ATOM   805  N N9    . G   B 1 18 ? -16.018 -4.612  6.617   1.00 18.25 ? 41  G   B N9    1 
ATOM   806  C C8    . G   B 1 18 ? -15.559 -4.226  7.856   1.00 17.48 ? 41  G   B C8    1 
ATOM   807  N N7    . G   B 1 18 ? -14.371 -4.693  8.126   1.00 15.00 ? 41  G   B N7    1 
ATOM   808  C C5    . G   B 1 18 ? -14.025 -5.421  6.993   1.00 15.74 ? 41  G   B C5    1 
ATOM   809  C C6    . G   B 1 18 ? -12.852 -6.170  6.694   1.00 15.60 ? 41  G   B C6    1 
ATOM   810  O O6    . G   B 1 18 ? -11.850 -6.342  7.377   1.00 15.00 ? 41  G   B O6    1 
ATOM   811  N N1    . G   B 1 18 ? -12.925 -6.745  5.444   1.00 17.03 ? 41  G   B N1    1 
ATOM   812  C C2    . G   B 1 18 ? -13.977 -6.617  4.571   1.00 17.85 ? 41  G   B C2    1 
ATOM   813  N N2    . G   B 1 18 ? -13.843 -7.262  3.397   1.00 16.77 ? 41  G   B N2    1 
ATOM   814  N N3    . G   B 1 18 ? -15.069 -5.922  4.828   1.00 15.02 ? 41  G   B N3    1 
ATOM   815  C C4    . G   B 1 18 ? -15.025 -5.361  6.049   1.00 16.43 ? 41  G   B C4    1 
ATOM   816  P P     . U   B 1 19 ? -20.127 -7.899  7.478   1.00 26.45 ? 42  U   B P     1 
ATOM   817  O OP1   . U   B 1 19 ? -21.576 -8.260  7.596   1.00 26.11 ? 42  U   B OP1   1 
ATOM   818  O OP2   . U   B 1 19 ? -19.259 -7.994  8.673   1.00 27.16 ? 42  U   B OP2   1 
ATOM   819  O "O5'" . U   B 1 19 ? -19.421 -8.739  6.326   1.00 26.38 ? 42  U   B "O5'" 1 
ATOM   820  C "C5'" . U   B 1 19 ? -19.816 -8.557  4.978   1.00 27.58 ? 42  U   B "C5'" 1 
ATOM   821  C "C4'" . U   B 1 19 ? -18.865 -9.266  4.043   1.00 27.47 ? 42  U   B "C4'" 1 
ATOM   822  O "O4'" . U   B 1 19 ? -17.579 -8.609  4.057   1.00 27.17 ? 42  U   B "O4'" 1 
ATOM   823  C "C3'" . U   B 1 19 ? -18.543 -10.713 4.355   1.00 27.78 ? 42  U   B "C3'" 1 
ATOM   824  O "O3'" . U   B 1 19 ? -19.606 -11.553 3.904   1.00 30.89 ? 42  U   B "O3'" 1 
ATOM   825  C "C2'" . U   B 1 19 ? -17.243 -10.907 3.571   1.00 27.39 ? 42  U   B "C2'" 1 
ATOM   826  O "O2'" . U   B 1 19 ? -17.423 -11.097 2.184   1.00 27.52 ? 42  U   B "O2'" 1 
ATOM   827  C "C1'" . U   B 1 19 ? -16.564 -9.552  3.774   1.00 26.12 ? 42  U   B "C1'" 1 
ATOM   828  N N1    . U   B 1 19 ? -15.607 -9.543  4.885   1.00 23.70 ? 42  U   B N1    1 
ATOM   829  C C2    . U   B 1 19 ? -14.434 -10.204 4.691   1.00 24.00 ? 42  U   B C2    1 
ATOM   830  O O2    . U   B 1 19 ? -14.186 -10.801 3.664   1.00 24.04 ? 42  U   B O2    1 
ATOM   831  N N3    . U   B 1 19 ? -13.564 -10.155 5.738   1.00 24.47 ? 42  U   B N3    1 
ATOM   832  C C4    . U   B 1 19 ? -13.761 -9.526  6.947   1.00 24.36 ? 42  U   B C4    1 
ATOM   833  O O4    . U   B 1 19 ? -12.893 -9.600  7.809   1.00 26.95 ? 42  U   B O4    1 
ATOM   834  C C5    . U   B 1 19 ? -15.018 -8.869  7.078   1.00 23.92 ? 42  U   B C5    1 
ATOM   835  C C6    . U   B 1 19 ? -15.878 -8.899  6.066   1.00 23.19 ? 42  U   B C6    1 
ATOM   836  P P     . C   B 1 20 ? -19.915 -12.937 4.657   1.00 31.49 ? 43  C   B P     1 
ATOM   837  O OP1   . C   B 1 20 ? -21.209 -13.454 4.140   1.00 33.13 ? 43  C   B OP1   1 
ATOM   838  O OP2   . C   B 1 20 ? -19.752 -12.751 6.117   1.00 31.81 ? 43  C   B OP2   1 
ATOM   839  O "O5'" . C   B 1 20 ? -18.734 -13.886 4.173   1.00 32.24 ? 43  C   B "O5'" 1 
ATOM   840  C "C5'" . C   B 1 20 ? -18.644 -14.319 2.835   1.00 33.44 ? 43  C   B "C5'" 1 
ATOM   841  C "C4'" . C   B 1 20 ? -17.368 -15.104 2.640   1.00 34.54 ? 43  C   B "C4'" 1 
ATOM   842  O "O4'" . C   B 1 20 ? -16.243 -14.208 2.861   1.00 35.51 ? 43  C   B "O4'" 1 
ATOM   843  C "C3'" . C   B 1 20 ? -17.095 -16.209 3.655   1.00 36.67 ? 43  C   B "C3'" 1 
ATOM   844  O "O3'" . C   B 1 20 ? -17.796 -17.416 3.377   1.00 37.83 ? 43  C   B "O3'" 1 
ATOM   845  C "C2'" . C   B 1 20 ? -15.598 -16.389 3.477   1.00 35.65 ? 43  C   B "C2'" 1 
ATOM   846  O "O2'" . C   B 1 20 ? -15.297 -16.980 2.227   1.00 36.76 ? 43  C   B "O2'" 1 
ATOM   847  C "C1'" . C   B 1 20 ? -15.154 -14.934 3.414   1.00 33.40 ? 43  C   B "C1'" 1 
ATOM   848  N N1    . C   B 1 20 ? -14.852 -14.402 4.747   1.00 31.39 ? 43  C   B N1    1 
ATOM   849  C C2    . C   B 1 20 ? -13.603 -14.647 5.272   1.00 30.62 ? 43  C   B C2    1 
ATOM   850  O O2    . C   B 1 20 ? -12.830 -15.369 4.628   1.00 30.42 ? 43  C   B O2    1 
ATOM   851  N N3    . C   B 1 20 ? -13.265 -14.119 6.466   1.00 29.19 ? 43  C   B N3    1 
ATOM   852  C C4    . C   B 1 20 ? -14.149 -13.401 7.141   1.00 28.51 ? 43  C   B C4    1 
ATOM   853  N N4    . C   B 1 20 ? -13.770 -12.887 8.305   1.00 29.48 ? 43  C   B N4    1 
ATOM   854  C C5    . C   B 1 20 ? -15.460 -13.170 6.651   1.00 29.79 ? 43  C   B C5    1 
ATOM   855  C C6    . C   B 1 20 ? -15.768 -13.679 5.454   1.00 30.58 ? 43  C   B C6    1 
ATOM   856  P P     . G   B 1 21 ? -18.126 -18.430 4.574   1.00 38.86 ? 44  G   B P     1 
ATOM   857  O OP1   . G   B 1 21 ? -18.883 -19.564 3.987   1.00 40.06 ? 44  G   B OP1   1 
ATOM   858  O OP2   . G   B 1 21 ? -18.720 -17.637 5.685   1.00 37.59 ? 44  G   B OP2   1 
ATOM   859  O "O5'" . G   B 1 21 ? -16.704 -19.011 4.974   1.00 37.36 ? 44  G   B "O5'" 1 
ATOM   860  C "C5'" . G   B 1 21 ? -15.932 -19.703 4.001   1.00 37.31 ? 44  G   B "C5'" 1 
ATOM   861  C "C4'" . G   B 1 21 ? -14.561 -20.041 4.542   1.00 37.00 ? 44  G   B "C4'" 1 
ATOM   862  O "O4'" . G   B 1 21 ? -13.806 -18.832 4.803   1.00 35.65 ? 44  G   B "O4'" 1 
ATOM   863  C "C3'" . G   B 1 21 ? -14.525 -20.756 5.875   1.00 36.97 ? 44  G   B "C3'" 1 
ATOM   864  O "O3'" . G   B 1 21 ? -14.818 -22.126 5.686   1.00 38.93 ? 44  G   B "O3'" 1 
ATOM   865  C "C2'" . G   B 1 21 ? -13.081 -20.499 6.290   1.00 35.44 ? 44  G   B "C2'" 1 
ATOM   866  O "O2'" . G   B 1 21 ? -12.159 -21.201 5.486   1.00 35.64 ? 44  G   B "O2'" 1 
ATOM   867  C "C1'" . G   B 1 21 ? -12.943 -19.032 5.908   1.00 33.37 ? 44  G   B "C1'" 1 
ATOM   868  N N9    . G   B 1 21 ? -13.370 -18.122 6.960   1.00 29.86 ? 44  G   B N9    1 
ATOM   869  C C8    . G   B 1 21 ? -14.556 -17.435 7.011   1.00 28.78 ? 44  G   B C8    1 
ATOM   870  N N7    . G   B 1 21 ? -14.643 -16.644 8.043   1.00 28.07 ? 44  G   B N7    1 
ATOM   871  C C5    . G   B 1 21 ? -13.445 -16.823 8.717   1.00 26.38 ? 44  G   B C5    1 
ATOM   872  C C6    . G   B 1 21 ? -12.960 -16.206 9.879   1.00 26.49 ? 44  G   B C6    1 
ATOM   873  O O6    . G   B 1 21 ? -13.494 -15.329 10.565  1.00 27.67 ? 44  G   B O6    1 
ATOM   874  N N1    . G   B 1 21 ? -11.710 -16.696 10.228  1.00 25.91 ? 44  G   B N1    1 
ATOM   875  C C2    . G   B 1 21 ? -11.013 -17.655 9.537   1.00 25.74 ? 44  G   B C2    1 
ATOM   876  N N2    . G   B 1 21 ? -9.833  -18.033 10.061  1.00 24.61 ? 44  G   B N2    1 
ATOM   877  N N3    . G   B 1 21 ? -11.444 -18.212 8.426   1.00 25.59 ? 44  G   B N3    1 
ATOM   878  C C4    . G   B 1 21 ? -12.661 -17.754 8.077   1.00 27.18 ? 44  G   B C4    1 
ATOM   879  P P     . C   B 1 22 ? -15.653 -22.926 6.805   1.00 42.36 ? 45  C   B P     1 
ATOM   880  O OP1   . C   B 1 22 ? -15.847 -24.262 6.189   1.00 42.14 ? 45  C   B OP1   1 
ATOM   881  O OP2   . C   B 1 22 ? -16.842 -22.119 7.185   1.00 41.59 ? 45  C   B OP2   1 
ATOM   882  O "O5'" . C   B 1 22 ? -14.659 -23.019 8.060   1.00 39.32 ? 45  C   B "O5'" 1 
ATOM   883  C "C5'" . C   B 1 22 ? -13.306 -23.462 7.887   1.00 39.12 ? 45  C   B "C5'" 1 
ATOM   884  C "C4'" . C   B 1 22 ? -12.462 -23.141 9.108   1.00 39.44 ? 45  C   B "C4'" 1 
ATOM   885  O "O4'" . C   B 1 22 ? -12.246 -21.713 9.239   1.00 38.75 ? 45  C   B "O4'" 1 
ATOM   886  C "C3'" . C   B 1 22 ? -13.020 -23.553 10.461  1.00 39.40 ? 45  C   B "C3'" 1 
ATOM   887  O "O3'" . C   B 1 22 ? -12.762 -24.945 10.706  1.00 40.76 ? 45  C   B "O3'" 1 
ATOM   888  C "C2'" . C   B 1 22 ? -12.234 -22.671 11.427  1.00 37.92 ? 45  C   B "C2'" 1 
ATOM   889  O "O2'" . C   B 1 22 ? -10.956 -23.220 11.680  1.00 37.94 ? 45  C   B "O2'" 1 
ATOM   890  C "C1'" . C   B 1 22 ? -12.072 -21.380 10.615  1.00 37.77 ? 45  C   B "C1'" 1 
ATOM   891  N N1    . C   B 1 22 ? -13.046 -20.329 10.967  1.00 35.96 ? 45  C   B N1    1 
ATOM   892  C C2    . C   B 1 22 ? -12.814 -19.527 12.098  1.00 35.02 ? 45  C   B C2    1 
ATOM   893  O O2    . C   B 1 22 ? -11.802 -19.736 12.797  1.00 35.50 ? 45  C   B O2    1 
ATOM   894  N N3    . C   B 1 22 ? -13.704 -18.555 12.403  1.00 34.00 ? 45  C   B N3    1 
ATOM   895  C C4    . C   B 1 22 ? -14.791 -18.384 11.647  1.00 33.89 ? 45  C   B C4    1 
ATOM   896  N N4    . C   B 1 22 ? -15.647 -17.423 11.988  1.00 33.90 ? 45  C   B N4    1 
ATOM   897  C C5    . C   B 1 22 ? -15.054 -19.192 10.505  1.00 33.43 ? 45  C   B C5    1 
ATOM   898  C C6    . C   B 1 22 ? -14.165 -20.137 10.202  1.00 34.77 ? 45  C   B C6    1 
HETATM 899  C C11   . LIV C 2 .  ? 9.926   3.699   -10.005 1.00 24.41 ? 50  LIV A C11   1 
HETATM 900  O O11   . LIV C 2 .  ? 10.520  4.403   -11.113 1.00 27.36 ? 50  LIV A O11   1 
HETATM 901  C C21   . LIV C 2 .  ? 10.989  2.699   -9.462  1.00 23.75 ? 50  LIV A C21   1 
HETATM 902  N N21   . LIV C 2 .  ? 12.233  3.366   -9.081  1.00 22.43 ? 50  LIV A N21   1 
HETATM 903  C C31   . LIV C 2 .  ? 11.286  1.579   -10.509 1.00 22.76 ? 50  LIV A C31   1 
HETATM 904  C C41   . LIV C 2 .  ? 9.945   0.901   -10.916 1.00 23.43 ? 50  LIV A C41   1 
HETATM 905  O O41   . LIV C 2 .  ? 10.150  -0.179  -11.809 1.00 23.78 ? 50  LIV A O41   1 
HETATM 906  C C51   . LIV C 2 .  ? 9.019   1.980   -11.529 1.00 23.79 ? 50  LIV A C51   1 
HETATM 907  O O51   . LIV C 2 .  ? 8.773   2.977   -10.497 1.00 24.56 ? 50  LIV A O51   1 
HETATM 908  C C61   . LIV C 2 .  ? 7.679   1.451   -11.914 1.00 24.78 ? 50  LIV A C61   1 
HETATM 909  O O61   . LIV C 2 .  ? 6.934   2.526   -12.432 1.00 25.06 ? 50  LIV A O61   1 
HETATM 910  C C12   . LIV C 2 .  ? 11.043  8.483   -12.284 1.00 31.59 ? 50  LIV A C12   1 
HETATM 911  N N12   . LIV C 2 .  ? 10.840  9.872   -12.729 1.00 32.15 ? 50  LIV A N12   1 
HETATM 912  C C62   . LIV C 2 .  ? 10.353  8.246   -10.893 1.00 31.62 ? 50  LIV A C62   1 
HETATM 913  O O62   . LIV C 2 .  ? 10.980  9.137   -9.932  1.00 31.30 ? 50  LIV A O62   1 
HETATM 914  C C52   . LIV C 2 .  ? 10.592  6.782   -10.391 1.00 30.16 ? 50  LIV A C52   1 
HETATM 915  O O52   . LIV C 2 .  ? 9.924   6.505   -9.129  1.00 30.34 ? 50  LIV A O52   1 
HETATM 916  C C42   . LIV C 2 .  ? 10.132  5.744   -11.464 1.00 29.78 ? 50  LIV A C42   1 
HETATM 917  C C32   . LIV C 2 .  ? 10.721  5.989   -12.877 1.00 30.36 ? 50  LIV A C32   1 
HETATM 918  N N32   . LIV C 2 .  ? 10.161  5.032   -13.837 1.00 31.13 ? 50  LIV A N32   1 
HETATM 919  C C22   . LIV C 2 .  ? 10.442  7.475   -13.343 1.00 30.51 ? 50  LIV A C22   1 
HETATM 920  C C13   . LIV C 2 .  ? 10.577  6.834   -7.923  1.00 30.79 ? 50  LIV A C13   1 
HETATM 921  C C23   . LIV C 2 .  ? 9.550   7.145   -6.834  1.00 31.32 ? 50  LIV A C23   1 
HETATM 922  O O23   . LIV C 2 .  ? 9.153   8.534   -6.832  1.00 29.88 ? 50  LIV A O23   1 
HETATM 923  C C33   . LIV C 2 .  ? 10.309  6.719   -5.611  1.00 32.08 ? 50  LIV A C33   1 
HETATM 924  C C43   . LIV C 2 .  ? 11.143  5.493   -6.036  1.00 32.15 ? 50  LIV A C43   1 
HETATM 925  O O43   . LIV C 2 .  ? 11.377  5.759   -7.410  1.00 30.84 ? 50  LIV A O43   1 
HETATM 926  C C53   . LIV C 2 .  ? 10.470  4.129   -5.893  1.00 32.32 ? 50  LIV A C53   1 
HETATM 927  O O53   . LIV C 2 .  ? 11.508  3.143   -5.793  1.00 31.37 ? 50  LIV A O53   1 
HETATM 928  C C44   . LIV C 2 .  ? 14.031  8.586   -2.043  1.00 42.11 ? 50  LIV A C44   1 
HETATM 929  O O44   . LIV C 2 .  ? 15.013  9.052   -2.970  1.00 44.45 ? 50  LIV A O44   1 
HETATM 930  C C34   . LIV C 2 .  ? 12.769  9.502   -2.318  1.00 40.60 ? 50  LIV A C34   1 
HETATM 931  O O34   . LIV C 2 .  ? 11.772  9.085   -1.380  1.00 41.70 ? 50  LIV A O34   1 
HETATM 932  C C24   . LIV C 2 .  ? 12.208  9.291   -3.793  1.00 38.58 ? 50  LIV A C24   1 
HETATM 933  N N24   . LIV C 2 .  ? 13.164  9.624   -4.882  1.00 37.46 ? 50  LIV A N24   1 
HETATM 934  C C14   . LIV C 2 .  ? 11.675  7.796   -3.935  1.00 38.50 ? 50  LIV A C14   1 
HETATM 935  O O33   . LIV C 2 .  ? 11.273  7.684   -5.269  1.00 35.04 ? 50  LIV A O33   1 
HETATM 936  C C54   . LIV C 2 .  ? 13.644  7.200   -2.521  1.00 41.78 ? 50  LIV A C54   1 
HETATM 937  O O54   . LIV C 2 .  ? 12.771  6.801   -3.600  1.00 40.52 ? 50  LIV A O54   1 
HETATM 938  C C64   . LIV C 2 .  ? 14.683  6.064   -2.270  1.00 43.00 ? 50  LIV A C64   1 
HETATM 939  N N64   . LIV C 2 .  ? 14.818  5.130   -3.407  1.00 44.20 ? 50  LIV A N64   1 
HETATM 940  C C15   . LIV C 2 .  ? 16.549  9.492   -2.498  1.00 46.94 ? 50  LIV A C15   1 
HETATM 941  C C25   . LIV C 2 .  ? 17.187  9.194   -3.849  1.00 47.66 ? 50  LIV A C25   1 
HETATM 942  C C35   . LIV C 2 .  ? 17.693  7.768   -4.031  1.00 48.33 ? 50  LIV A C35   1 
HETATM 943  C C45   . LIV C 2 .  ? 18.558  7.268   -2.872  1.00 48.81 ? 50  LIV A C45   1 
HETATM 944  C C55   . LIV C 2 .  ? 17.989  7.697   -1.524  1.00 49.23 ? 50  LIV A C55   1 
HETATM 945  C C65   . LIV C 2 .  ? 18.649  7.349   -0.192  1.00 50.38 ? 50  LIV A C65   1 
HETATM 946  O O25   . LIV C 2 .  ? 18.298  10.090  -4.056  1.00 47.76 ? 50  LIV A O25   1 
HETATM 947  O O35   . LIV C 2 .  ? 18.459  7.741   -5.241  1.00 47.28 ? 50  LIV A O35   1 
HETATM 948  O O45   . LIV C 2 .  ? 18.689  5.846   -3.033  1.00 49.40 ? 50  LIV A O45   1 
HETATM 949  O O55   . LIV C 2 .  ? 17.275  8.934   -1.375  1.00 48.20 ? 50  LIV A O55   1 
HETATM 950  O O65   . LIV C 2 .  ? 19.812  8.192   0.020   1.00 53.59 ? 50  LIV A O65   1 
HETATM 951  C C11   . LIV D 2 .  ? -9.439  -3.539  10.076  1.00 16.56 ? 51  LIV B C11   1 
HETATM 952  O O11   . LIV D 2 .  ? -10.468 -4.199  10.878  1.00 15.00 ? 51  LIV B O11   1 
HETATM 953  C C21   . LIV D 2 .  ? -8.514  -2.742  11.049  1.00 15.00 ? 51  LIV B C21   1 
HETATM 954  N N21   . LIV D 2 .  ? -7.905  -3.586  12.088  1.00 16.68 ? 51  LIV B N21   1 
HETATM 955  C C31   . LIV D 2 .  ? -9.301  -1.585  11.727  1.00 15.00 ? 51  LIV B C31   1 
HETATM 956  C C41   . LIV D 2 .  ? -9.945  -0.684  10.626  1.00 15.17 ? 51  LIV B C41   1 
HETATM 957  O O41   . LIV D 2 .  ? -10.660 0.399   11.174  1.00 15.00 ? 51  LIV B O41   1 
HETATM 958  C C51   . LIV D 2 .  ? -10.869 -1.548  9.717   1.00 15.00 ? 51  LIV B C51   1 
HETATM 959  O O51   . LIV D 2 .  ? -10.076 -2.610  9.151   1.00 15.00 ? 51  LIV B O51   1 
HETATM 960  C C61   . LIV D 2 .  ? -11.439 -0.768  8.558   1.00 16.85 ? 51  LIV B C61   1 
HETATM 961  O O61   . LIV D 2 .  ? -12.235 -1.634  7.784   1.00 15.00 ? 51  LIV B O61   1 
HETATM 962  C C12   . LIV D 2 .  ? -12.044 -8.165  11.062  1.00 16.44 ? 51  LIV B C12   1 
HETATM 963  N N12   . LIV D 2 .  ? -12.722 -9.371  10.592  1.00 16.85 ? 51  LIV B N12   1 
HETATM 964  C C62   . LIV D 2 .  ? -10.835 -7.917  10.116  1.00 18.26 ? 51  LIV B C62   1 
HETATM 965  O O62   . LIV D 2 .  ? -9.918  -8.983  10.303  1.00 20.63 ? 51  LIV B O62   1 
HETATM 966  C C52   . LIV D 2 .  ? -10.103 -6.589  10.446  1.00 17.70 ? 51  LIV B C52   1 
HETATM 967  O O52   . LIV D 2 .  ? -8.987  -6.326  9.525   1.00 19.82 ? 51  LIV B O52   1 
HETATM 968  C C42   . LIV D 2 .  ? -11.085 -5.409  10.422  1.00 15.31 ? 51  LIV B C42   1 
HETATM 969  C C32   . LIV D 2 .  ? -12.316 -5.582  11.304  1.00 15.85 ? 51  LIV B C32   1 
HETATM 970  N N32   . LIV D 2 .  ? -13.229 -4.457  11.126  1.00 15.00 ? 51  LIV B N32   1 
HETATM 971  C C22   . LIV D 2 .  ? -13.050 -6.938  10.995  1.00 16.84 ? 51  LIV B C22   1 
HETATM 972  C C13   . LIV D 2 .  ? -7.696  -6.829  9.844   1.00 21.99 ? 51  LIV B C13   1 
HETATM 973  C C23   . LIV D 2 .  ? -6.869  -7.128  8.617   1.00 22.22 ? 51  LIV B C23   1 
HETATM 974  O O23   . LIV D 2 .  ? -7.132  -8.448  8.125   1.00 25.67 ? 51  LIV B O23   1 
HETATM 975  C C33   . LIV D 2 .  ? -5.477  -6.953  9.192   1.00 24.86 ? 51  LIV B C33   1 
HETATM 976  C C43   . LIV D 2 .  ? -5.575  -5.752  10.156  1.00 24.49 ? 51  LIV B C43   1 
HETATM 977  O O43   . LIV D 2 .  ? -6.923  -5.871  10.595  1.00 22.58 ? 51  LIV B O43   1 
HETATM 978  C C53   . LIV D 2 .  ? -5.347  -4.369  9.554   1.00 26.38 ? 51  LIV B C53   1 
HETATM 979  O O53   . LIV D 2 .  ? -4.972  -3.493  10.610  1.00 25.31 ? 51  LIV B O53   1 
HETATM 980  C C44   . LIV D 2 .  ? -1.637  -9.580  12.190  1.00 33.18 ? 51  LIV B C44   1 
HETATM 981  O O44   . LIV D 2 .  ? -2.436  -9.828  13.383  1.00 32.78 ? 51  LIV B O44   1 
HETATM 982  C C34   . LIV D 2 .  ? -2.352  -10.413 11.048  1.00 32.25 ? 51  LIV B C34   1 
HETATM 983  O O34   . LIV D 2 .  ? -1.577  -10.228 9.861   1.00 33.20 ? 51  LIV B O34   1 
HETATM 984  C C24   . LIV D 2 .  ? -3.817  -9.886  10.790  1.00 31.31 ? 51  LIV B C24   1 
HETATM 985  N N24   . LIV D 2 .  ? -4.680  -9.963  12.008  1.00 31.75 ? 51  LIV B N24   1 
HETATM 986  C C14   . LIV D 2 .  ? -3.754  -8.387  10.215  1.00 29.63 ? 51  LIV B C14   1 
HETATM 987  O O33   . LIV D 2 .  ? -5.112  -8.021  10.069  1.00 26.43 ? 51  LIV B O33   1 
HETATM 988  C C54   . LIV D 2 .  ? -1.879  -8.123  11.836  1.00 32.69 ? 51  LIV B C54   1 
HETATM 989  O O54   . LIV D 2 .  ? -3.005  -7.508  11.198  1.00 31.12 ? 51  LIV B O54   1 
HETATM 990  C C64   . LIV D 2 .  ? -1.179  -7.070  12.736  1.00 34.09 ? 51  LIV B C64   1 
HETATM 991  N N64   . LIV D 2 .  ? -2.036  -5.920  13.042  1.00 37.21 ? 51  LIV B N64   1 
HETATM 992  C C15   . LIV D 2 .  ? -1.814  -10.358 14.838  1.00 33.15 ? 51  LIV B C15   1 
HETATM 993  C C25   . LIV D 2 .  ? -3.122  -10.201 15.590  1.00 33.76 ? 51  LIV B C25   1 
HETATM 994  C C35   . LIV D 2 .  ? -3.319  -8.846  16.296  1.00 33.85 ? 51  LIV B C35   1 
HETATM 995  C C45   . LIV D 2 .  ? -2.152  -8.451  17.201  1.00 33.63 ? 51  LIV B C45   1 
HETATM 996  C C55   . LIV D 2 .  ? -0.880  -8.649  16.455  1.00 34.06 ? 51  LIV B C55   1 
HETATM 997  C C65   . LIV D 2 .  ? 0.443   -8.256  17.057  1.00 36.63 ? 51  LIV B C65   1 
HETATM 998  O O25   . LIV D 2 .  ? -3.232  -11.260 16.542  1.00 36.35 ? 51  LIV B O25   1 
HETATM 999  O O35   . LIV D 2 .  ? -4.523  -8.906  17.077  1.00 33.23 ? 51  LIV B O35   1 
HETATM 1000 O O45   . LIV D 2 .  ? -2.365  -7.103  17.600  1.00 35.13 ? 51  LIV B O45   1 
HETATM 1001 O O55   . LIV D 2 .  ? -0.689  -9.778  15.552  1.00 33.37 ? 51  LIV B O55   1 
HETATM 1002 O O65   . LIV D 2 .  ? 0.793   -9.219  18.058  1.00 39.94 ? 51  LIV B O65   1 
HETATM 1003 O O     . HOH E 3 .  ? 13.577  1.273   -7.941  1.00 34.54 ? 101 HOH A O     1 
HETATM 1004 O O     . HOH E 3 .  ? -12.179 -12.631 3.062   1.00 31.48 ? 107 HOH A O     1 
HETATM 1005 O O     . HOH E 3 .  ? 7.783   11.769  -18.090 1.00 33.46 ? 108 HOH A O     1 
HETATM 1006 O O     . HOH E 3 .  ? 0.430   8.531   -14.769 1.00 35.31 ? 112 HOH A O     1 
HETATM 1007 O O     . HOH E 3 .  ? 13.574  2.761   -4.248  1.00 35.94 ? 117 HOH A O     1 
HETATM 1008 O O     . HOH E 3 .  ? -6.214  5.248   6.887   1.00 22.06 ? 125 HOH A O     1 
HETATM 1009 O O     . HOH E 3 .  ? 2.872   3.729   0.595   1.00 29.50 ? 126 HOH A O     1 
HETATM 1010 O O     . HOH E 3 .  ? 9.920   -5.049  -4.391  1.00 28.95 ? 132 HOH A O     1 
HETATM 1011 O O     . HOH E 3 .  ? 7.538   4.335   -2.289  1.00 29.87 ? 135 HOH A O     1 
HETATM 1012 O O     . HOH E 3 .  ? -7.352  -6.046  5.399   1.00 37.14 ? 136 HOH A O     1 
HETATM 1013 O O     . HOH E 3 .  ? -5.286  -1.154  1.332   1.00 28.55 ? 138 HOH A O     1 
HETATM 1014 O O     . HOH E 3 .  ? -0.745  2.555   0.161   1.00 41.25 ? 140 HOH A O     1 
HETATM 1015 O O     . HOH E 3 .  ? 0.954   19.565  -14.561 1.00 50.90 ? 141 HOH A O     1 
HETATM 1016 O O     . HOH E 3 .  ? -8.922  -11.772 11.534  1.00 30.03 ? 147 HOH A O     1 
HETATM 1017 O O     . HOH E 3 .  ? 15.072  8.009   -6.910  1.00 27.30 ? 148 HOH A O     1 
HETATM 1018 O O     . HOH E 3 .  ? -3.525  -3.955  3.601   1.00 39.74 ? 149 HOH A O     1 
HETATM 1019 O O     . HOH E 3 .  ? -5.687  2.724   -0.603  1.00 30.38 ? 152 HOH A O     1 
HETATM 1020 O O     . HOH E 3 .  ? -13.714 3.751   -0.295  1.00 32.01 ? 153 HOH A O     1 
HETATM 1021 O O     . HOH E 3 .  ? -12.736 4.185   4.047   1.00 43.29 ? 154 HOH A O     1 
HETATM 1022 O O     . HOH E 3 .  ? -6.343  5.719   -2.767  1.00 40.98 ? 156 HOH A O     1 
HETATM 1023 O O     . HOH E 3 .  ? 12.064  -2.745  -14.719 1.00 43.67 ? 160 HOH A O     1 
HETATM 1024 O O     . HOH E 3 .  ? -9.025  -18.261 3.949   1.00 42.33 ? 163 HOH A O     1 
HETATM 1025 O O     . HOH E 3 .  ? -10.102 -10.694 15.427  1.00 49.88 ? 165 HOH A O     1 
HETATM 1026 O O     . HOH E 3 .  ? 0.890   13.717  -13.718 1.00 37.88 ? 166 HOH A O     1 
HETATM 1027 O O     . HOH E 3 .  ? -11.183 4.522   6.365   1.00 42.47 ? 169 HOH A O     1 
HETATM 1028 O O     . HOH E 3 .  ? 11.157  14.265  -15.583 1.00 48.84 ? 175 HOH A O     1 
HETATM 1029 O O     . HOH E 3 .  ? -2.678  -2.584  -0.129  1.00 41.36 ? 176 HOH A O     1 
HETATM 1030 O O     . HOH E 3 .  ? 17.836  0.124   -8.094  1.00 47.47 ? 177 HOH A O     1 
HETATM 1031 O O     . HOH E 3 .  ? 16.886  -4.801  -9.091  1.00 43.03 ? 179 HOH A O     1 
HETATM 1032 O O     . HOH E 3 .  ? -15.456 3.671   4.796   1.00 38.54 ? 180 HOH A O     1 
HETATM 1033 O O     . HOH E 3 .  ? 16.530  2.725   -8.800  1.00 36.30 ? 182 HOH A O     1 
HETATM 1034 O O     . HOH E 3 .  ? 9.017   23.207  -18.124 1.00 44.17 ? 183 HOH A O     1 
HETATM 1035 O O     . HOH E 3 .  ? -8.385  7.860   -1.788  1.00 46.22 ? 187 HOH A O     1 
HETATM 1036 O O     . HOH F 3 .  ? 9.203   11.022  -9.656  1.00 29.03 ? 100 HOH B O     1 
HETATM 1037 O O     . HOH F 3 .  ? -21.331 -1.228  10.969  1.00 27.45 ? 102 HOH B O     1 
HETATM 1038 O O     . HOH F 3 .  ? -12.960 -1.769  17.605  1.00 29.84 ? 103 HOH B O     1 
HETATM 1039 O O     . HOH F 3 .  ? -0.995  1.408   -5.936  1.00 27.55 ? 104 HOH B O     1 
HETATM 1040 O O     . HOH F 3 .  ? -3.854  -4.090  13.106  1.00 38.41 ? 105 HOH B O     1 
HETATM 1041 O O     . HOH F 3 .  ? 3.230   -1.982  -13.033 1.00 44.91 ? 106 HOH B O     1 
HETATM 1042 O O     . HOH F 3 .  ? -18.055 8.454   15.496  1.00 32.86 ? 109 HOH B O     1 
HETATM 1043 O O     . HOH F 3 .  ? -8.975  4.137   10.101  1.00 29.60 ? 110 HOH B O     1 
HETATM 1044 O O     . HOH F 3 .  ? 7.966   11.783  0.306   1.00 35.67 ? 111 HOH B O     1 
HETATM 1045 O O     . HOH F 3 .  ? -7.074  -8.434  16.763  1.00 32.28 ? 113 HOH B O     1 
HETATM 1046 O O     . HOH F 3 .  ? 4.776   12.680  -0.052  1.00 31.66 ? 114 HOH B O     1 
HETATM 1047 O O     . HOH F 3 .  ? -15.775 -11.467 9.908   1.00 32.76 ? 115 HOH B O     1 
HETATM 1048 O O     . HOH F 3 .  ? -0.983  -5.613  9.220   1.00 24.16 ? 116 HOH B O     1 
HETATM 1049 O O     . HOH F 3 .  ? 1.213   4.784   -13.806 1.00 33.33 ? 118 HOH B O     1 
HETATM 1050 O O     . HOH F 3 .  ? -9.223  -2.469  16.179  1.00 22.38 ? 119 HOH B O     1 
HETATM 1051 O O     . HOH F 3 .  ? 12.705  12.091  -8.932  1.00 48.64 ? 120 HOH B O     1 
HETATM 1052 O O     . HOH F 3 .  ? 3.174   5.007   -4.960  1.00 25.88 ? 121 HOH B O     1 
HETATM 1053 O O     . HOH F 3 .  ? 1.295   15.371  -5.444  1.00 46.85 ? 122 HOH B O     1 
HETATM 1054 O O     . HOH F 3 .  ? 6.697   4.259   -5.156  1.00 52.42 ? 123 HOH B O     1 
HETATM 1055 O O     . HOH F 3 .  ? -15.100 -5.418  12.761  1.00 32.57 ? 124 HOH B O     1 
HETATM 1056 O O     . HOH F 3 .  ? -17.058 -7.188  9.851   1.00 23.60 ? 127 HOH B O     1 
HETATM 1057 O O     . HOH F 3 .  ? -6.354  -1.866  14.032  1.00 17.49 ? 128 HOH B O     1 
HETATM 1058 O O     . HOH F 3 .  ? -6.959  -10.379 10.135  1.00 35.48 ? 129 HOH B O     1 
HETATM 1059 O O     . HOH F 3 .  ? -11.578 2.668   9.907   1.00 34.81 ? 130 HOH B O     1 
HETATM 1060 O O     . HOH F 3 .  ? 1.565   1.050   -4.997  1.00 39.06 ? 131 HOH B O     1 
HETATM 1061 O O     . HOH F 3 .  ? -1.586  -1.839  2.916   1.00 46.33 ? 133 HOH B O     1 
HETATM 1062 O O     . HOH F 3 .  ? -10.370 -3.667  14.059  1.00 40.88 ? 134 HOH B O     1 
HETATM 1063 O O     . HOH F 3 .  ? -5.052  -3.913  6.612   1.00 45.95 ? 137 HOH B O     1 
HETATM 1064 O O     . HOH F 3 .  ? 5.158   -0.706  13.576  1.00 36.70 ? 139 HOH B O     1 
HETATM 1065 O O     . HOH F 3 .  ? -17.278 -15.592 8.917   1.00 28.13 ? 142 HOH B O     1 
HETATM 1066 O O     . HOH F 3 .  ? -14.524 -1.913  9.960   1.00 38.43 ? 143 HOH B O     1 
HETATM 1067 O O     . HOH F 3 .  ? -0.783  -4.780  5.474   1.00 36.28 ? 144 HOH B O     1 
HETATM 1068 O O     . HOH F 3 .  ? -15.696 -9.385  11.497  1.00 35.38 ? 145 HOH B O     1 
HETATM 1069 O O     . HOH F 3 .  ? 14.652  11.038  -7.657  1.00 34.67 ? 146 HOH B O     1 
HETATM 1070 O O     . HOH F 3 .  ? -10.822 -6.761  14.357  1.00 24.54 ? 150 HOH B O     1 
HETATM 1071 O O     . HOH F 3 .  ? 4.428   -2.676  15.810  1.00 44.05 ? 151 HOH B O     1 
HETATM 1072 O O     . HOH F 3 .  ? -16.134 -6.796  0.881   1.00 34.28 ? 155 HOH B O     1 
HETATM 1073 O O     . HOH F 3 .  ? 19.000  10.977  -17.178 1.00 35.25 ? 157 HOH B O     1 
HETATM 1074 O O     . HOH F 3 .  ? -7.780  -19.906 9.201   1.00 40.64 ? 158 HOH B O     1 
HETATM 1075 O O     . HOH F 3 .  ? 8.675   -7.238  -3.224  1.00 35.50 ? 159 HOH B O     1 
HETATM 1076 O O     . HOH F 3 .  ? 3.107   -3.819  -15.462 1.00 35.25 ? 161 HOH B O     1 
HETATM 1077 O O     . HOH F 3 .  ? -12.247 -27.139 8.297   1.00 35.61 ? 162 HOH B O     1 
HETATM 1078 O O     . HOH F 3 .  ? -8.598  -8.254  13.451  1.00 30.51 ? 164 HOH B O     1 
HETATM 1079 O O     . HOH F 3 .  ? 5.057   18.998  -8.432  1.00 47.12 ? 167 HOH B O     1 
HETATM 1080 O O     . HOH F 3 .  ? 6.410   -13.404 2.894   1.00 37.39 ? 168 HOH B O     1 
HETATM 1081 O O     . HOH F 3 .  ? -11.365 -11.074 12.695  1.00 38.89 ? 170 HOH B O     1 
HETATM 1082 O O     . HOH F 3 .  ? -15.360 -12.004 0.436   1.00 33.92 ? 171 HOH B O     1 
HETATM 1083 O O     . HOH F 3 .  ? -5.781  1.719   18.658  1.00 49.95 ? 172 HOH B O     1 
HETATM 1084 O O     . HOH F 3 .  ? 0.395   -8.207  4.835   1.00 31.71 ? 173 HOH B O     1 
HETATM 1085 O O     . HOH F 3 .  ? 5.331   -11.301 6.753   1.00 41.31 ? 174 HOH B O     1 
HETATM 1086 O O     . HOH F 3 .  ? -16.389 -10.670 -2.148  1.00 37.15 ? 178 HOH B O     1 
HETATM 1087 O O     . HOH F 3 .  ? 14.234  19.290  -4.062  1.00 38.39 ? 181 HOH B O     1 
HETATM 1088 O O     . HOH F 3 .  ? 3.992   -13.741 -0.077  1.00 34.30 ? 184 HOH B O     1 
HETATM 1089 O O     . HOH F 3 .  ? -17.279 -0.689  7.011   1.00 39.90 ? 185 HOH B O     1 
HETATM 1090 O O     . HOH F 3 .  ? 4.401   -15.987 3.872   1.00 37.21 ? 186 HOH B O     1 
HETATM 1091 O O     . HOH F 3 .  ? -14.998 -25.782 12.316  1.00 42.93 ? 188 HOH B O     1 
HETATM 1092 O O     . HOH F 3 .  ? -10.476 -10.796 8.721   1.00 46.37 ? 189 HOH B O     1 
# 
